data_7LP5
#
_entry.id   7LP5
#
_entity_poly.entity_id   1
_entity_poly.type   'polypeptide(L)'
_entity_poly.pdbx_seq_one_letter_code
;MQNNEELPTYEEAKVGGGGGSKVTQSFLPPGWEMRIAPNGRPFFIDHNTKTTTWEDPRLKFPVHMRSK
;
_entity_poly.pdbx_strand_id   A
#
# COMPACT_ATOMS: atom_id res chain seq x y z
N MET A 1 19.34 -5.06 -1.44
CA MET A 1 18.64 -4.17 -0.49
C MET A 1 17.71 -4.99 0.40
N GLN A 2 17.23 -4.41 1.50
CA GLN A 2 16.41 -5.14 2.49
C GLN A 2 14.92 -5.04 2.17
N ASN A 3 14.64 -4.74 0.94
CA ASN A 3 13.30 -4.60 0.43
C ASN A 3 13.31 -5.01 -1.00
N ASN A 4 12.22 -5.49 -1.50
CA ASN A 4 12.15 -5.89 -2.91
C ASN A 4 11.21 -5.01 -3.67
N GLU A 5 10.28 -4.42 -2.92
CA GLU A 5 9.26 -3.54 -3.47
C GLU A 5 8.35 -4.25 -4.46
N GLU A 6 8.28 -5.56 -4.31
CA GLU A 6 7.37 -6.37 -5.07
C GLU A 6 5.97 -6.04 -4.62
N LEU A 7 5.15 -5.58 -5.51
CA LEU A 7 3.80 -5.24 -5.18
C LEU A 7 2.95 -6.50 -5.39
N PRO A 8 2.47 -7.12 -4.30
CA PRO A 8 1.72 -8.36 -4.38
C PRO A 8 0.31 -8.13 -4.91
N THR A 9 -0.36 -9.22 -5.27
CA THR A 9 -1.71 -9.15 -5.78
C THR A 9 -2.65 -8.60 -4.69
N TYR A 10 -3.75 -8.03 -5.13
CA TYR A 10 -4.73 -7.40 -4.23
C TYR A 10 -5.37 -8.46 -3.34
N GLU A 11 -5.40 -9.67 -3.85
CA GLU A 11 -5.94 -10.82 -3.14
C GLU A 11 -5.04 -11.16 -1.94
N GLU A 12 -3.78 -10.80 -2.04
CA GLU A 12 -2.84 -10.99 -0.97
C GLU A 12 -2.96 -9.83 0.00
N ALA A 13 -3.30 -8.68 -0.55
CA ALA A 13 -3.39 -7.44 0.20
C ALA A 13 -4.53 -7.44 1.22
N LYS A 14 -5.53 -8.29 1.02
CA LYS A 14 -6.64 -8.36 1.96
C LYS A 14 -6.22 -8.92 3.31
N VAL A 15 -5.16 -9.70 3.30
CA VAL A 15 -4.59 -10.23 4.50
C VAL A 15 -3.23 -9.58 4.83
N GLY A 16 -2.37 -9.43 3.82
CA GLY A 16 -1.07 -8.82 3.99
C GLY A 16 -0.20 -9.48 5.05
N GLY A 17 0.06 -10.75 4.88
CA GLY A 17 0.92 -11.45 5.81
C GLY A 17 2.35 -11.40 5.34
N GLY A 18 2.88 -10.21 5.29
CA GLY A 18 4.20 -10.01 4.76
C GLY A 18 5.32 -10.12 5.77
N GLY A 19 6.31 -9.26 5.63
CA GLY A 19 7.46 -9.28 6.51
C GLY A 19 7.79 -7.89 6.96
N GLY A 20 8.72 -7.74 7.87
CA GLY A 20 9.00 -6.43 8.38
C GLY A 20 10.45 -6.05 8.38
N SER A 21 10.82 -5.13 7.51
CA SER A 21 12.16 -4.60 7.49
C SER A 21 12.10 -3.07 7.49
N LYS A 22 11.48 -2.50 6.46
CA LYS A 22 11.33 -1.07 6.32
C LYS A 22 9.91 -0.64 6.76
N VAL A 23 9.19 -1.57 7.37
CA VAL A 23 7.82 -1.34 7.80
C VAL A 23 7.70 -0.27 8.86
N THR A 24 6.61 0.46 8.78
CA THR A 24 6.28 1.54 9.65
C THR A 24 4.96 2.10 9.11
N GLN A 25 4.56 3.26 9.57
CA GLN A 25 3.34 3.86 9.10
C GLN A 25 3.67 4.93 8.09
N SER A 26 3.28 4.70 6.87
CA SER A 26 3.55 5.64 5.82
C SER A 26 2.42 6.67 5.73
N PHE A 27 2.51 7.58 4.80
CA PHE A 27 1.55 8.66 4.71
C PHE A 27 0.36 8.34 3.83
N LEU A 28 -0.41 7.38 4.25
CA LEU A 28 -1.60 6.98 3.51
C LEU A 28 -2.69 8.04 3.61
N PRO A 29 -3.36 8.36 2.51
CA PRO A 29 -4.50 9.25 2.53
C PRO A 29 -5.76 8.47 2.97
N PRO A 30 -6.80 9.15 3.47
CA PRO A 30 -8.06 8.50 3.85
C PRO A 30 -8.66 7.72 2.67
N GLY A 31 -9.40 6.69 2.95
CA GLY A 31 -10.00 5.88 1.89
C GLY A 31 -9.10 4.71 1.50
N TRP A 32 -7.81 4.93 1.65
CA TRP A 32 -6.80 3.93 1.36
C TRP A 32 -6.54 3.09 2.58
N GLU A 33 -5.86 2.02 2.37
CA GLU A 33 -5.49 1.10 3.40
C GLU A 33 -3.98 0.91 3.21
N MET A 34 -3.30 0.39 4.18
CA MET A 34 -1.86 0.22 4.08
C MET A 34 -1.48 -1.11 4.67
N ARG A 35 -1.00 -1.99 3.84
CA ARG A 35 -0.78 -3.34 4.28
C ARG A 35 0.69 -3.67 4.17
N ILE A 36 1.10 -4.73 4.83
CA ILE A 36 2.47 -5.14 4.85
C ILE A 36 2.73 -6.17 3.74
N ALA A 37 3.73 -5.90 2.91
CA ALA A 37 4.10 -6.82 1.85
C ALA A 37 5.17 -7.80 2.34
N PRO A 38 5.22 -9.01 1.74
CA PRO A 38 6.21 -10.05 2.11
C PRO A 38 7.66 -9.59 2.03
N ASN A 39 7.92 -8.60 1.20
CA ASN A 39 9.28 -8.10 1.02
C ASN A 39 9.72 -7.13 2.13
N GLY A 40 8.84 -6.90 3.10
CA GLY A 40 9.21 -6.14 4.25
C GLY A 40 8.87 -4.66 4.22
N ARG A 41 7.93 -4.28 3.39
CA ARG A 41 7.56 -2.88 3.29
C ARG A 41 6.02 -2.75 3.16
N PRO A 42 5.42 -1.68 3.72
CA PRO A 42 4.00 -1.43 3.60
C PRO A 42 3.63 -0.71 2.28
N PHE A 43 2.55 -1.13 1.69
CA PHE A 43 2.07 -0.56 0.45
C PHE A 43 0.68 -0.02 0.64
N PHE A 44 0.27 0.86 -0.24
CA PHE A 44 -1.01 1.50 -0.14
C PHE A 44 -2.02 0.77 -0.99
N ILE A 45 -3.22 0.75 -0.52
CA ILE A 45 -4.31 0.05 -1.14
C ILE A 45 -5.50 0.99 -1.32
N ASP A 46 -6.04 1.02 -2.50
CA ASP A 46 -7.19 1.83 -2.83
C ASP A 46 -8.32 0.89 -3.18
N HIS A 47 -9.35 0.92 -2.40
CA HIS A 47 -10.50 0.05 -2.63
C HIS A 47 -11.44 0.54 -3.70
N ASN A 48 -11.37 1.80 -4.00
CA ASN A 48 -12.28 2.38 -4.98
C ASN A 48 -11.88 1.97 -6.38
N THR A 49 -10.62 2.06 -6.66
CA THR A 49 -10.09 1.75 -7.97
C THR A 49 -9.50 0.35 -7.99
N LYS A 50 -9.49 -0.31 -6.82
CA LYS A 50 -8.99 -1.68 -6.66
C LYS A 50 -7.50 -1.74 -6.98
N THR A 51 -6.79 -0.67 -6.67
CA THR A 51 -5.38 -0.60 -7.01
C THR A 51 -4.51 -0.53 -5.78
N THR A 52 -3.24 -0.71 -5.99
CA THR A 52 -2.26 -0.63 -4.94
C THR A 52 -1.01 0.06 -5.46
N THR A 53 -0.22 0.62 -4.58
CA THR A 53 0.97 1.34 -4.97
C THR A 53 1.89 1.52 -3.79
N TRP A 54 3.13 1.87 -4.06
CA TRP A 54 4.09 2.13 -3.02
C TRP A 54 4.21 3.62 -2.78
N GLU A 55 3.69 4.38 -3.70
CA GLU A 55 3.79 5.83 -3.67
C GLU A 55 2.47 6.45 -3.27
N ASP A 56 2.50 7.27 -2.26
CA ASP A 56 1.27 7.89 -1.78
C ASP A 56 0.95 9.13 -2.58
N PRO A 57 -0.28 9.22 -3.11
CA PRO A 57 -0.71 10.41 -3.85
C PRO A 57 -1.07 11.51 -2.88
N ARG A 58 -1.10 11.12 -1.60
CA ARG A 58 -1.40 11.97 -0.46
C ARG A 58 -0.54 13.22 -0.49
N LEU A 59 0.69 13.06 -0.96
CA LEU A 59 1.63 14.15 -1.03
C LEU A 59 1.14 15.29 -1.94
N LYS A 60 0.31 14.96 -2.91
CA LYS A 60 -0.16 15.96 -3.83
C LYS A 60 -1.66 16.24 -3.62
N PHE A 61 -2.39 15.20 -3.24
CA PHE A 61 -3.83 15.28 -3.01
C PHE A 61 -4.19 14.28 -1.93
N PRO A 62 -5.09 14.61 -1.01
CA PRO A 62 -5.56 13.67 0.00
C PRO A 62 -6.55 12.67 -0.59
N VAL A 63 -7.50 12.23 0.20
CA VAL A 63 -8.51 11.29 -0.22
C VAL A 63 -9.30 11.77 -1.44
N HIS A 64 -8.99 11.20 -2.56
CA HIS A 64 -9.73 11.41 -3.74
C HIS A 64 -10.49 10.13 -3.98
N MET A 65 -11.68 10.09 -3.48
CA MET A 65 -12.49 8.91 -3.53
C MET A 65 -13.10 8.76 -4.89
N ARG A 66 -12.66 7.76 -5.62
CA ARG A 66 -13.21 7.49 -6.90
C ARG A 66 -14.61 6.91 -6.72
N SER A 67 -15.60 7.74 -6.99
CA SER A 67 -16.98 7.39 -6.83
C SER A 67 -17.35 6.22 -7.76
N LYS A 68 -17.04 6.36 -9.03
CA LYS A 68 -17.29 5.31 -9.98
C LYS A 68 -16.31 5.47 -11.13
N MET A 1 18.33 -7.62 1.18
CA MET A 1 17.79 -8.37 2.30
C MET A 1 16.54 -7.71 2.80
N GLN A 2 15.40 -8.38 2.59
CA GLN A 2 14.08 -7.89 2.96
C GLN A 2 13.80 -6.49 2.43
N ASN A 3 13.53 -6.41 1.13
CA ASN A 3 13.21 -5.15 0.47
C ASN A 3 13.01 -5.41 -1.02
N ASN A 4 11.76 -5.44 -1.45
CA ASN A 4 11.45 -5.67 -2.85
C ASN A 4 10.43 -4.69 -3.34
N GLU A 5 10.39 -4.50 -4.63
CA GLU A 5 9.44 -3.61 -5.26
C GLU A 5 8.30 -4.40 -5.83
N GLU A 6 8.27 -5.68 -5.49
CA GLU A 6 7.23 -6.56 -5.94
C GLU A 6 5.92 -6.14 -5.30
N LEU A 7 5.09 -5.49 -6.07
CA LEU A 7 3.84 -4.98 -5.60
C LEU A 7 2.81 -6.09 -5.58
N PRO A 8 2.33 -6.49 -4.39
CA PRO A 8 1.35 -7.54 -4.28
C PRO A 8 0.01 -7.11 -4.82
N THR A 9 -0.76 -8.06 -5.23
CA THR A 9 -2.07 -7.82 -5.81
C THR A 9 -3.06 -7.52 -4.66
N TYR A 10 -4.18 -6.92 -4.99
CA TYR A 10 -5.20 -6.61 -4.02
C TYR A 10 -5.71 -7.90 -3.37
N GLU A 11 -5.71 -8.97 -4.16
CA GLU A 11 -6.12 -10.28 -3.70
C GLU A 11 -5.12 -10.82 -2.66
N GLU A 12 -3.89 -10.34 -2.72
CA GLU A 12 -2.87 -10.69 -1.74
C GLU A 12 -3.04 -9.75 -0.54
N ALA A 13 -3.37 -8.51 -0.85
CA ALA A 13 -3.50 -7.43 0.12
C ALA A 13 -4.64 -7.65 1.13
N LYS A 14 -5.63 -8.44 0.75
CA LYS A 14 -6.74 -8.74 1.64
C LYS A 14 -6.32 -9.54 2.87
N VAL A 15 -5.28 -10.31 2.69
CA VAL A 15 -4.74 -11.11 3.76
C VAL A 15 -3.40 -10.52 4.26
N GLY A 16 -2.59 -10.02 3.33
CA GLY A 16 -1.34 -9.37 3.68
C GLY A 16 -0.19 -10.33 3.97
N GLY A 17 -0.50 -11.43 4.62
CA GLY A 17 0.51 -12.41 4.95
C GLY A 17 1.14 -12.14 6.29
N GLY A 18 1.88 -11.06 6.36
CA GLY A 18 2.52 -10.69 7.61
C GLY A 18 2.94 -9.24 7.59
N GLY A 19 4.24 -9.02 7.57
CA GLY A 19 4.78 -7.68 7.59
C GLY A 19 6.28 -7.68 7.83
N GLY A 20 6.75 -6.65 8.51
CA GLY A 20 8.17 -6.51 8.76
C GLY A 20 8.44 -5.79 10.07
N SER A 21 9.48 -4.98 10.12
CA SER A 21 9.81 -4.27 11.34
C SER A 21 10.56 -2.95 11.05
N LYS A 22 11.46 -2.95 10.06
CA LYS A 22 12.25 -1.75 9.72
C LYS A 22 11.45 -0.77 8.84
N VAL A 23 10.19 -1.06 8.70
CA VAL A 23 9.32 -0.25 7.87
C VAL A 23 8.76 0.91 8.64
N THR A 24 8.29 1.89 7.91
CA THR A 24 7.73 3.06 8.51
C THR A 24 6.31 3.27 8.00
N GLN A 25 5.51 3.91 8.83
CA GLN A 25 4.13 4.16 8.53
C GLN A 25 4.01 5.40 7.66
N SER A 26 2.82 5.69 7.22
CA SER A 26 2.60 6.83 6.40
C SER A 26 1.18 7.31 6.64
N PHE A 27 0.99 8.61 6.59
CA PHE A 27 -0.32 9.22 6.78
C PHE A 27 -1.13 9.16 5.47
N LEU A 28 -1.42 7.92 5.07
CA LEU A 28 -2.13 7.57 3.84
C LEU A 28 -3.38 8.42 3.59
N PRO A 29 -3.75 8.64 2.30
CA PRO A 29 -4.92 9.42 1.94
C PRO A 29 -6.21 8.61 2.14
N PRO A 30 -7.37 9.28 2.29
CA PRO A 30 -8.68 8.62 2.48
C PRO A 30 -9.01 7.67 1.34
N GLY A 31 -9.45 6.47 1.67
CA GLY A 31 -9.80 5.50 0.65
C GLY A 31 -8.81 4.36 0.61
N TRP A 32 -7.59 4.67 0.96
CA TRP A 32 -6.53 3.69 0.96
C TRP A 32 -6.46 2.97 2.29
N GLU A 33 -5.74 1.92 2.28
CA GLU A 33 -5.46 1.10 3.42
C GLU A 33 -3.96 0.83 3.27
N MET A 34 -3.31 0.38 4.27
CA MET A 34 -1.87 0.23 4.20
C MET A 34 -1.42 -1.03 4.86
N ARG A 35 -0.83 -1.89 4.09
CA ARG A 35 -0.36 -3.15 4.59
C ARG A 35 1.13 -3.25 4.36
N ILE A 36 1.83 -3.95 5.21
CA ILE A 36 3.22 -4.19 5.00
C ILE A 36 3.35 -5.45 4.19
N ALA A 37 4.16 -5.43 3.16
CA ALA A 37 4.34 -6.60 2.34
C ALA A 37 5.30 -7.57 3.01
N PRO A 38 5.11 -8.88 2.77
CA PRO A 38 6.01 -9.94 3.30
C PRO A 38 7.48 -9.67 2.95
N ASN A 39 7.72 -8.94 1.88
CA ASN A 39 9.06 -8.57 1.47
C ASN A 39 9.69 -7.53 2.39
N GLY A 40 8.88 -6.90 3.23
CA GLY A 40 9.40 -5.99 4.18
C GLY A 40 9.29 -4.54 3.79
N ARG A 41 8.30 -4.17 2.99
CA ARG A 41 8.09 -2.75 2.64
C ARG A 41 6.56 -2.48 2.62
N PRO A 42 6.10 -1.33 3.17
CA PRO A 42 4.66 -0.95 3.18
C PRO A 42 4.12 -0.61 1.79
N PHE A 43 2.92 -1.05 1.50
CA PHE A 43 2.27 -0.71 0.25
C PHE A 43 0.87 -0.21 0.54
N PHE A 44 0.38 0.65 -0.31
CA PHE A 44 -0.91 1.25 -0.13
C PHE A 44 -1.92 0.53 -0.95
N ILE A 45 -3.09 0.41 -0.41
CA ILE A 45 -4.15 -0.35 -0.99
C ILE A 45 -5.37 0.54 -1.23
N ASP A 46 -5.80 0.65 -2.43
CA ASP A 46 -6.95 1.45 -2.77
C ASP A 46 -8.14 0.59 -2.93
N HIS A 47 -9.10 0.84 -2.12
CA HIS A 47 -10.32 0.09 -2.13
C HIS A 47 -11.29 0.57 -3.16
N ASN A 48 -11.06 1.77 -3.66
CA ASN A 48 -11.92 2.35 -4.68
C ASN A 48 -11.74 1.62 -5.99
N THR A 49 -10.51 1.51 -6.43
CA THR A 49 -10.20 0.86 -7.70
C THR A 49 -9.73 -0.57 -7.51
N LYS A 50 -9.63 -0.97 -6.23
CA LYS A 50 -9.21 -2.32 -5.84
C LYS A 50 -7.76 -2.57 -6.31
N THR A 51 -6.88 -1.61 -6.06
CA THR A 51 -5.50 -1.74 -6.52
C THR A 51 -4.53 -1.35 -5.43
N THR A 52 -3.26 -1.49 -5.69
CA THR A 52 -2.24 -1.18 -4.71
C THR A 52 -1.12 -0.34 -5.35
N THR A 53 -0.29 0.27 -4.53
CA THR A 53 0.84 1.06 -5.02
C THR A 53 1.88 1.17 -3.90
N TRP A 54 3.09 1.60 -4.23
CA TRP A 54 4.12 1.79 -3.24
C TRP A 54 4.21 3.23 -2.80
N GLU A 55 3.94 4.12 -3.71
CA GLU A 55 4.09 5.53 -3.45
C GLU A 55 2.84 6.15 -2.88
N ASP A 56 3.03 6.96 -1.87
CA ASP A 56 1.95 7.69 -1.26
C ASP A 56 1.75 9.02 -1.97
N PRO A 57 0.59 9.20 -2.64
CA PRO A 57 0.32 10.42 -3.38
C PRO A 57 -0.05 11.59 -2.47
N ARG A 58 -0.36 11.26 -1.21
CA ARG A 58 -0.82 12.25 -0.22
C ARG A 58 0.18 13.33 0.09
N LEU A 59 1.40 13.15 -0.35
CA LEU A 59 2.42 14.14 -0.20
C LEU A 59 2.14 15.39 -1.06
N LYS A 60 1.53 15.19 -2.22
CA LYS A 60 1.15 16.32 -3.07
C LYS A 60 -0.37 16.50 -3.20
N PHE A 61 -1.13 15.40 -3.15
CA PHE A 61 -2.59 15.44 -3.35
C PHE A 61 -3.29 14.33 -2.55
N PRO A 62 -4.55 14.53 -2.13
CA PRO A 62 -5.33 13.50 -1.40
C PRO A 62 -5.96 12.48 -2.37
N VAL A 63 -5.21 12.14 -3.41
CA VAL A 63 -5.62 11.20 -4.44
C VAL A 63 -6.04 9.86 -3.84
N HIS A 64 -7.22 9.41 -4.22
CA HIS A 64 -7.71 8.13 -3.73
C HIS A 64 -7.98 7.18 -4.90
N MET A 65 -7.50 7.57 -6.07
CA MET A 65 -7.55 6.73 -7.25
C MET A 65 -6.27 6.93 -8.06
N ARG A 66 -6.28 7.93 -8.93
CA ARG A 66 -5.11 8.33 -9.73
C ARG A 66 -5.11 9.84 -9.81
N SER A 67 -3.99 10.43 -10.15
CA SER A 67 -3.93 11.86 -10.30
C SER A 67 -4.60 12.24 -11.63
N LYS A 68 -4.61 11.30 -12.55
CA LYS A 68 -5.26 11.46 -13.81
C LYS A 68 -6.50 10.60 -13.83
N MET A 1 18.85 -7.69 -0.91
CA MET A 1 18.47 -6.86 0.23
C MET A 1 17.01 -7.13 0.57
N GLN A 2 16.72 -7.41 1.85
CA GLN A 2 15.36 -7.75 2.25
C GLN A 2 14.45 -6.54 2.43
N ASN A 3 14.07 -6.04 1.31
CA ASN A 3 13.16 -4.92 1.11
C ASN A 3 13.10 -4.72 -0.38
N ASN A 4 11.95 -4.85 -0.94
CA ASN A 4 11.86 -4.88 -2.39
C ASN A 4 10.70 -4.08 -2.87
N GLU A 5 10.80 -3.60 -4.08
CA GLU A 5 9.68 -3.04 -4.74
C GLU A 5 8.95 -4.19 -5.39
N GLU A 6 8.25 -4.91 -4.57
CA GLU A 6 7.51 -6.06 -4.98
C GLU A 6 6.09 -5.89 -4.53
N LEU A 7 5.29 -5.37 -5.42
CA LEU A 7 3.93 -5.01 -5.12
C LEU A 7 3.01 -6.19 -5.37
N PRO A 8 2.36 -6.69 -4.32
CA PRO A 8 1.40 -7.75 -4.47
C PRO A 8 0.05 -7.21 -4.92
N THR A 9 -0.74 -8.09 -5.47
CA THR A 9 -2.06 -7.74 -5.96
C THR A 9 -3.01 -7.50 -4.77
N TYR A 10 -4.14 -6.84 -5.03
CA TYR A 10 -5.14 -6.55 -4.01
C TYR A 10 -5.57 -7.85 -3.28
N GLU A 11 -5.73 -8.93 -4.03
CA GLU A 11 -6.12 -10.23 -3.48
C GLU A 11 -5.08 -10.74 -2.47
N GLU A 12 -3.83 -10.35 -2.67
CA GLU A 12 -2.73 -10.74 -1.82
C GLU A 12 -2.69 -9.83 -0.60
N ALA A 13 -3.06 -8.58 -0.81
CA ALA A 13 -3.12 -7.58 0.27
C ALA A 13 -4.21 -7.92 1.24
N LYS A 14 -5.21 -8.62 0.73
CA LYS A 14 -6.32 -9.10 1.47
C LYS A 14 -5.86 -10.00 2.61
N VAL A 15 -4.81 -10.76 2.38
CA VAL A 15 -4.30 -11.60 3.42
C VAL A 15 -3.06 -10.97 4.07
N GLY A 16 -2.14 -10.42 3.26
CA GLY A 16 -0.94 -9.76 3.79
C GLY A 16 -0.21 -10.61 4.84
N GLY A 17 0.27 -11.78 4.40
CA GLY A 17 0.91 -12.76 5.29
C GLY A 17 1.87 -12.18 6.31
N GLY A 18 2.86 -11.45 5.85
CA GLY A 18 3.81 -10.85 6.76
C GLY A 18 4.96 -10.28 6.01
N GLY A 19 5.80 -9.52 6.69
CA GLY A 19 6.92 -8.91 6.03
C GLY A 19 8.15 -8.80 6.91
N GLY A 20 8.00 -8.14 8.05
CA GLY A 20 9.13 -8.02 8.95
C GLY A 20 9.26 -6.63 9.54
N SER A 21 10.37 -6.36 10.17
CA SER A 21 10.63 -5.11 10.87
C SER A 21 11.24 -4.02 9.96
N LYS A 22 11.15 -4.20 8.66
CA LYS A 22 11.73 -3.24 7.71
C LYS A 22 10.63 -2.26 7.27
N VAL A 23 9.51 -2.35 7.95
CA VAL A 23 8.34 -1.57 7.64
C VAL A 23 8.32 -0.27 8.43
N THR A 24 7.57 0.69 7.95
CA THR A 24 7.37 1.95 8.62
C THR A 24 6.01 2.49 8.19
N GLN A 25 5.28 3.06 9.11
CA GLN A 25 3.97 3.62 8.80
C GLN A 25 4.13 4.81 7.87
N SER A 26 3.12 5.08 7.11
CA SER A 26 3.18 6.14 6.16
C SER A 26 1.87 6.93 6.27
N PHE A 27 1.93 8.21 5.94
CA PHE A 27 0.79 9.10 6.05
C PHE A 27 -0.18 8.94 4.86
N LEU A 28 -0.78 7.78 4.80
CA LEU A 28 -1.73 7.43 3.75
C LEU A 28 -2.92 8.41 3.67
N PRO A 29 -3.47 8.63 2.48
CA PRO A 29 -4.65 9.47 2.30
C PRO A 29 -5.98 8.67 2.49
N PRO A 30 -7.13 9.38 2.66
CA PRO A 30 -8.45 8.75 2.81
C PRO A 30 -8.82 7.77 1.66
N GLY A 31 -9.24 6.58 2.02
CA GLY A 31 -9.64 5.57 1.04
C GLY A 31 -8.53 4.57 0.77
N TRP A 32 -7.36 4.91 1.22
CA TRP A 32 -6.20 4.09 1.04
C TRP A 32 -5.87 3.39 2.32
N GLU A 33 -5.51 2.18 2.18
CA GLU A 33 -5.20 1.32 3.28
C GLU A 33 -3.74 0.92 3.18
N MET A 34 -3.20 0.35 4.23
CA MET A 34 -1.79 0.00 4.23
C MET A 34 -1.56 -1.34 4.87
N ARG A 35 -1.03 -2.25 4.09
CA ARG A 35 -0.75 -3.59 4.56
C ARG A 35 0.72 -3.90 4.29
N ILE A 36 1.25 -4.90 4.97
CA ILE A 36 2.63 -5.26 4.84
C ILE A 36 2.81 -6.28 3.71
N ALA A 37 3.81 -6.05 2.87
CA ALA A 37 4.14 -6.94 1.79
C ALA A 37 5.21 -7.92 2.25
N PRO A 38 5.22 -9.16 1.68
CA PRO A 38 6.18 -10.23 2.04
C PRO A 38 7.66 -9.80 2.09
N ASN A 39 8.02 -8.76 1.33
CA ASN A 39 9.42 -8.30 1.31
C ASN A 39 9.79 -7.59 2.62
N GLY A 40 8.78 -7.17 3.38
CA GLY A 40 9.03 -6.52 4.58
C GLY A 40 8.80 -5.03 4.56
N ARG A 41 7.93 -4.57 3.70
CA ARG A 41 7.60 -3.15 3.61
C ARG A 41 6.09 -3.00 3.41
N PRO A 42 5.47 -1.95 3.97
CA PRO A 42 4.06 -1.68 3.78
C PRO A 42 3.79 -1.00 2.44
N PHE A 43 2.69 -1.34 1.84
CA PHE A 43 2.29 -0.77 0.58
C PHE A 43 0.89 -0.23 0.70
N PHE A 44 0.49 0.54 -0.26
CA PHE A 44 -0.80 1.18 -0.21
C PHE A 44 -1.81 0.41 -1.00
N ILE A 45 -2.96 0.29 -0.42
CA ILE A 45 -4.07 -0.38 -1.00
C ILE A 45 -5.13 0.68 -1.31
N ASP A 46 -5.64 0.68 -2.49
CA ASP A 46 -6.64 1.62 -2.90
C ASP A 46 -7.97 0.94 -2.97
N HIS A 47 -8.85 1.30 -2.10
CA HIS A 47 -10.20 0.74 -2.11
C HIS A 47 -11.11 1.40 -3.11
N ASN A 48 -10.68 2.51 -3.63
CA ASN A 48 -11.48 3.27 -4.58
C ASN A 48 -11.56 2.54 -5.94
N THR A 49 -10.52 1.83 -6.28
CA THR A 49 -10.44 1.08 -7.53
C THR A 49 -10.15 -0.39 -7.26
N LYS A 50 -9.80 -0.65 -6.01
CA LYS A 50 -9.40 -1.95 -5.54
C LYS A 50 -8.09 -2.38 -6.19
N THR A 51 -7.07 -1.62 -5.90
CA THR A 51 -5.75 -1.82 -6.45
C THR A 51 -4.72 -1.59 -5.36
N THR A 52 -3.46 -1.65 -5.71
CA THR A 52 -2.37 -1.43 -4.78
C THR A 52 -1.23 -0.68 -5.47
N THR A 53 -0.39 -0.03 -4.69
CA THR A 53 0.74 0.74 -5.21
C THR A 53 1.73 1.07 -4.08
N TRP A 54 2.92 1.54 -4.44
CA TRP A 54 3.92 1.96 -3.46
C TRP A 54 3.92 3.46 -3.33
N GLU A 55 3.31 4.12 -4.28
CA GLU A 55 3.32 5.56 -4.31
C GLU A 55 2.09 6.12 -3.63
N ASP A 56 2.27 7.13 -2.83
CA ASP A 56 1.15 7.76 -2.19
C ASP A 56 0.79 9.03 -2.95
N PRO A 57 -0.49 9.20 -3.28
CA PRO A 57 -0.97 10.40 -3.99
C PRO A 57 -1.10 11.56 -3.03
N ARG A 58 -0.94 11.25 -1.75
CA ARG A 58 -1.00 12.19 -0.64
C ARG A 58 -0.04 13.34 -0.86
N LEU A 59 1.08 13.06 -1.52
CA LEU A 59 2.09 14.06 -1.80
C LEU A 59 1.54 15.23 -2.64
N LYS A 60 0.48 14.99 -3.37
CA LYS A 60 -0.06 16.00 -4.24
C LYS A 60 -1.42 16.51 -3.73
N PHE A 61 -2.18 15.62 -3.11
CA PHE A 61 -3.50 15.91 -2.51
C PHE A 61 -3.90 14.76 -1.60
N PRO A 62 -4.83 14.97 -0.65
CA PRO A 62 -5.41 13.87 0.14
C PRO A 62 -6.43 13.09 -0.74
N VAL A 63 -5.94 12.63 -1.88
CA VAL A 63 -6.70 11.95 -2.92
C VAL A 63 -7.54 10.79 -2.37
N HIS A 64 -8.85 10.93 -2.53
CA HIS A 64 -9.81 9.91 -2.10
C HIS A 64 -10.75 9.58 -3.26
N MET A 65 -10.34 9.98 -4.44
CA MET A 65 -11.10 9.69 -5.63
C MET A 65 -10.57 8.42 -6.24
N ARG A 66 -11.33 7.83 -7.12
CA ARG A 66 -10.88 6.65 -7.79
C ARG A 66 -10.10 7.06 -9.04
N SER A 67 -8.88 6.57 -9.12
CA SER A 67 -7.97 6.88 -10.22
C SER A 67 -8.51 6.33 -11.56
N LYS A 68 -9.48 5.46 -11.46
CA LYS A 68 -10.14 4.92 -12.60
C LYS A 68 -11.55 4.58 -12.21
N MET A 1 18.07 -5.84 -1.21
CA MET A 1 18.53 -6.44 0.03
C MET A 1 17.68 -5.98 1.22
N GLN A 2 16.81 -6.88 1.71
CA GLN A 2 15.93 -6.61 2.88
C GLN A 2 14.90 -5.52 2.62
N ASN A 3 14.71 -5.22 1.35
CA ASN A 3 13.80 -4.19 0.91
C ASN A 3 13.62 -4.30 -0.58
N ASN A 4 12.40 -4.46 -1.03
CA ASN A 4 12.08 -4.59 -2.44
C ASN A 4 10.81 -3.85 -2.75
N GLU A 5 10.56 -3.61 -4.01
CA GLU A 5 9.33 -2.98 -4.46
C GLU A 5 8.51 -3.97 -5.26
N GLU A 6 8.59 -5.22 -4.89
CA GLU A 6 7.81 -6.25 -5.53
C GLU A 6 6.37 -6.14 -5.01
N LEU A 7 5.52 -5.59 -5.85
CA LEU A 7 4.16 -5.22 -5.48
C LEU A 7 3.16 -6.36 -5.55
N PRO A 8 2.57 -6.75 -4.41
CA PRO A 8 1.51 -7.73 -4.38
C PRO A 8 0.20 -7.11 -4.90
N THR A 9 -0.77 -7.93 -5.17
CA THR A 9 -2.03 -7.47 -5.69
C THR A 9 -2.99 -7.24 -4.52
N TYR A 10 -4.09 -6.51 -4.78
CA TYR A 10 -5.12 -6.17 -3.79
C TYR A 10 -5.55 -7.41 -3.01
N GLU A 11 -5.62 -8.54 -3.71
CA GLU A 11 -6.04 -9.82 -3.15
C GLU A 11 -5.26 -10.19 -1.88
N GLU A 12 -3.96 -9.89 -1.87
CA GLU A 12 -3.10 -10.21 -0.74
C GLU A 12 -3.48 -9.41 0.49
N ALA A 13 -3.91 -8.19 0.27
CA ALA A 13 -4.31 -7.33 1.36
C ALA A 13 -5.73 -7.66 1.77
N LYS A 14 -6.50 -8.12 0.80
CA LYS A 14 -7.87 -8.55 1.00
C LYS A 14 -7.95 -9.70 2.00
N VAL A 15 -7.12 -10.70 1.78
CA VAL A 15 -7.07 -11.87 2.66
C VAL A 15 -6.23 -11.56 3.93
N GLY A 16 -5.68 -10.38 3.99
CA GLY A 16 -4.97 -9.95 5.17
C GLY A 16 -3.61 -10.57 5.31
N GLY A 17 -2.87 -10.63 4.23
CA GLY A 17 -1.51 -11.13 4.29
C GLY A 17 -0.63 -10.07 4.89
N GLY A 18 0.55 -10.43 5.30
CA GLY A 18 1.41 -9.45 5.89
C GLY A 18 2.80 -9.93 6.12
N GLY A 19 3.71 -9.01 6.17
CA GLY A 19 5.10 -9.32 6.42
C GLY A 19 5.47 -9.02 7.85
N GLY A 20 6.71 -8.69 8.08
CA GLY A 20 7.17 -8.38 9.41
C GLY A 20 7.08 -6.91 9.72
N SER A 21 7.07 -6.58 10.98
CA SER A 21 6.95 -5.20 11.47
C SER A 21 8.28 -4.43 11.37
N LYS A 22 9.09 -4.79 10.40
CA LYS A 22 10.38 -4.19 10.17
C LYS A 22 10.27 -2.90 9.36
N VAL A 23 9.07 -2.38 9.25
CA VAL A 23 8.85 -1.24 8.40
C VAL A 23 8.41 -0.03 9.21
N THR A 24 8.26 1.06 8.53
CA THR A 24 7.81 2.30 9.09
C THR A 24 6.37 2.55 8.60
N GLN A 25 5.48 2.99 9.49
CA GLN A 25 4.10 3.27 9.08
C GLN A 25 4.08 4.36 8.02
N SER A 26 3.28 4.19 7.02
CA SER A 26 3.22 5.10 5.92
C SER A 26 2.01 6.03 6.04
N PHE A 27 2.03 7.10 5.28
CA PHE A 27 1.01 8.13 5.31
C PHE A 27 -0.16 7.83 4.38
N LEU A 28 -0.88 6.78 4.69
CA LEU A 28 -2.03 6.37 3.88
C LEU A 28 -3.15 7.44 3.89
N PRO A 29 -3.63 7.84 2.70
CA PRO A 29 -4.74 8.78 2.59
C PRO A 29 -6.12 8.06 2.76
N PRO A 30 -7.23 8.84 2.89
CA PRO A 30 -8.58 8.27 3.04
C PRO A 30 -8.99 7.40 1.84
N GLY A 31 -9.47 6.20 2.13
CA GLY A 31 -9.87 5.27 1.09
C GLY A 31 -8.78 4.29 0.80
N TRP A 32 -7.69 4.45 1.49
CA TRP A 32 -6.56 3.63 1.31
C TRP A 32 -6.32 2.77 2.51
N GLU A 33 -5.66 1.70 2.30
CA GLU A 33 -5.36 0.75 3.32
C GLU A 33 -3.84 0.58 3.29
N MET A 34 -3.28 0.14 4.36
CA MET A 34 -1.84 -0.03 4.45
C MET A 34 -1.54 -1.41 4.94
N ARG A 35 -0.94 -2.20 4.11
CA ARG A 35 -0.67 -3.51 4.46
C ARG A 35 0.81 -3.77 4.31
N ILE A 36 1.35 -4.55 5.21
CA ILE A 36 2.75 -4.84 5.22
C ILE A 36 3.01 -6.01 4.30
N ALA A 37 3.96 -5.89 3.43
CA ALA A 37 4.27 -6.97 2.52
C ALA A 37 5.49 -7.77 3.01
N PRO A 38 5.55 -9.09 2.70
CA PRO A 38 6.67 -9.96 3.11
C PRO A 38 8.00 -9.51 2.51
N ASN A 39 7.95 -8.68 1.50
CA ASN A 39 9.15 -8.15 0.86
C ASN A 39 9.75 -6.97 1.65
N GLY A 40 9.20 -6.73 2.83
CA GLY A 40 9.78 -5.78 3.73
C GLY A 40 9.38 -4.36 3.51
N ARG A 41 8.30 -4.12 2.82
CA ARG A 41 7.82 -2.77 2.62
C ARG A 41 6.29 -2.76 2.73
N PRO A 42 5.70 -1.72 3.33
CA PRO A 42 4.24 -1.57 3.37
C PRO A 42 3.71 -0.99 2.06
N PHE A 43 2.69 -1.62 1.52
CA PHE A 43 2.11 -1.16 0.28
C PHE A 43 0.78 -0.52 0.53
N PHE A 44 0.40 0.35 -0.35
CA PHE A 44 -0.83 1.06 -0.25
C PHE A 44 -1.87 0.37 -1.06
N ILE A 45 -3.03 0.29 -0.51
CA ILE A 45 -4.13 -0.33 -1.14
C ILE A 45 -5.17 0.75 -1.41
N ASP A 46 -5.60 0.86 -2.62
CA ASP A 46 -6.57 1.86 -3.00
C ASP A 46 -7.88 1.22 -3.19
N HIS A 47 -8.80 1.54 -2.36
CA HIS A 47 -10.13 0.99 -2.45
C HIS A 47 -10.96 1.66 -3.49
N ASN A 48 -10.55 2.85 -3.88
CA ASN A 48 -11.29 3.62 -4.87
C ASN A 48 -11.27 2.91 -6.22
N THR A 49 -10.11 2.40 -6.58
CA THR A 49 -9.96 1.70 -7.84
C THR A 49 -9.73 0.22 -7.65
N LYS A 50 -9.66 -0.21 -6.36
CA LYS A 50 -9.47 -1.63 -5.97
C LYS A 50 -8.06 -2.10 -6.38
N THR A 51 -7.07 -1.22 -6.24
CA THR A 51 -5.72 -1.52 -6.68
C THR A 51 -4.70 -1.36 -5.54
N THR A 52 -3.43 -1.56 -5.84
CA THR A 52 -2.35 -1.41 -4.88
C THR A 52 -1.14 -0.72 -5.53
N THR A 53 -0.26 -0.16 -4.71
CA THR A 53 0.94 0.51 -5.20
C THR A 53 1.88 0.83 -4.02
N TRP A 54 3.10 1.28 -4.32
CA TRP A 54 4.06 1.63 -3.27
C TRP A 54 4.11 3.12 -3.06
N GLU A 55 3.79 3.87 -4.09
CA GLU A 55 3.85 5.30 -4.00
C GLU A 55 2.53 5.84 -3.50
N ASP A 56 2.57 6.85 -2.66
CA ASP A 56 1.35 7.41 -2.15
C ASP A 56 1.01 8.65 -2.94
N PRO A 57 -0.26 8.82 -3.30
CA PRO A 57 -0.71 10.01 -3.98
C PRO A 57 -1.05 11.08 -2.98
N ARG A 58 -1.03 10.69 -1.70
CA ARG A 58 -1.36 11.51 -0.53
C ARG A 58 -0.63 12.84 -0.58
N LEU A 59 0.54 12.84 -1.14
CA LEU A 59 1.32 14.04 -1.28
C LEU A 59 0.61 15.10 -2.14
N LYS A 60 -0.14 14.66 -3.12
CA LYS A 60 -0.80 15.56 -4.04
C LYS A 60 -2.35 15.52 -3.92
N PHE A 61 -2.89 14.36 -3.60
CA PHE A 61 -4.34 14.14 -3.50
C PHE A 61 -4.64 13.00 -2.54
N PRO A 62 -5.74 13.05 -1.81
CA PRO A 62 -6.15 11.97 -0.91
C PRO A 62 -6.91 10.85 -1.65
N VAL A 63 -6.60 10.70 -2.91
CA VAL A 63 -7.24 9.72 -3.78
C VAL A 63 -6.23 9.29 -4.85
N HIS A 64 -6.41 8.10 -5.42
CA HIS A 64 -5.51 7.60 -6.47
C HIS A 64 -5.70 8.44 -7.72
N MET A 65 -4.61 8.92 -8.28
CA MET A 65 -4.70 9.69 -9.50
C MET A 65 -4.95 8.74 -10.65
N ARG A 66 -5.93 9.04 -11.42
CA ARG A 66 -6.34 8.20 -12.51
C ARG A 66 -6.78 9.00 -13.69
N SER A 67 -6.82 8.38 -14.85
CA SER A 67 -7.25 9.04 -16.05
C SER A 67 -8.74 9.36 -16.01
N LYS A 68 -9.08 10.54 -16.43
CA LYS A 68 -10.43 10.99 -16.45
C LYS A 68 -10.60 12.00 -17.58
N MET A 1 11.09 -11.41 3.62
CA MET A 1 11.96 -11.10 2.49
C MET A 1 12.65 -9.76 2.74
N GLN A 2 13.46 -9.33 1.81
CA GLN A 2 14.14 -8.04 1.93
C GLN A 2 13.41 -7.00 1.09
N ASN A 3 13.61 -5.76 1.44
CA ASN A 3 12.88 -4.64 0.83
C ASN A 3 13.19 -4.51 -0.66
N ASN A 4 12.13 -4.61 -1.44
CA ASN A 4 12.14 -4.51 -2.88
C ASN A 4 10.76 -4.06 -3.25
N GLU A 5 10.56 -3.39 -4.35
CA GLU A 5 9.20 -3.00 -4.67
C GLU A 5 8.46 -4.14 -5.37
N GLU A 6 8.28 -5.20 -4.63
CA GLU A 6 7.59 -6.35 -5.09
C GLU A 6 6.13 -6.15 -4.75
N LEU A 7 5.36 -5.79 -5.73
CA LEU A 7 3.98 -5.41 -5.51
C LEU A 7 3.07 -6.62 -5.46
N PRO A 8 2.46 -6.88 -4.31
CA PRO A 8 1.49 -7.92 -4.20
C PRO A 8 0.14 -7.42 -4.68
N THR A 9 -0.68 -8.33 -5.10
CA THR A 9 -1.97 -8.03 -5.65
C THR A 9 -2.94 -7.67 -4.49
N TYR A 10 -4.05 -7.04 -4.82
CA TYR A 10 -5.07 -6.66 -3.84
C TYR A 10 -5.54 -7.90 -3.08
N GLU A 11 -5.61 -9.02 -3.80
CA GLU A 11 -6.05 -10.29 -3.26
C GLU A 11 -5.10 -10.78 -2.15
N GLU A 12 -3.82 -10.42 -2.26
CA GLU A 12 -2.81 -10.79 -1.27
C GLU A 12 -3.11 -10.09 0.03
N ALA A 13 -3.54 -8.85 -0.07
CA ALA A 13 -3.86 -8.05 1.09
C ALA A 13 -5.18 -8.50 1.69
N LYS A 14 -6.03 -9.06 0.85
CA LYS A 14 -7.31 -9.60 1.27
C LYS A 14 -7.10 -10.77 2.24
N VAL A 15 -6.23 -11.69 1.89
CA VAL A 15 -5.93 -12.80 2.76
C VAL A 15 -5.00 -12.38 3.91
N GLY A 16 -4.04 -11.52 3.61
CA GLY A 16 -3.14 -11.05 4.64
C GLY A 16 -1.72 -11.47 4.38
N GLY A 17 -1.25 -11.22 3.19
CA GLY A 17 0.10 -11.56 2.83
C GLY A 17 1.07 -10.49 3.28
N GLY A 18 1.42 -10.51 4.55
CA GLY A 18 2.35 -9.56 5.07
C GLY A 18 2.88 -9.98 6.41
N GLY A 19 3.30 -9.03 7.21
CA GLY A 19 3.84 -9.30 8.51
C GLY A 19 4.41 -8.05 9.12
N GLY A 20 5.38 -8.20 9.98
CA GLY A 20 6.03 -7.06 10.59
C GLY A 20 7.44 -6.94 10.07
N SER A 21 7.86 -5.73 9.79
CA SER A 21 9.17 -5.50 9.22
C SER A 21 9.63 -4.06 9.46
N LYS A 22 10.80 -3.70 8.95
CA LYS A 22 11.32 -2.36 9.11
C LYS A 22 10.66 -1.43 8.08
N VAL A 23 9.76 -0.60 8.51
CA VAL A 23 9.08 0.31 7.61
C VAL A 23 9.04 1.71 8.19
N THR A 24 8.43 2.62 7.47
CA THR A 24 8.29 3.98 7.92
C THR A 24 7.09 4.59 7.18
N GLN A 25 6.62 5.77 7.64
CA GLN A 25 5.41 6.43 7.13
C GLN A 25 4.15 5.62 7.40
N SER A 26 3.56 5.87 8.54
CA SER A 26 2.34 5.20 8.92
C SER A 26 1.12 6.09 8.63
N PHE A 27 1.40 7.27 8.13
CA PHE A 27 0.37 8.26 7.79
C PHE A 27 -0.27 7.96 6.42
N LEU A 28 -0.96 6.82 6.34
CA LEU A 28 -1.65 6.45 5.12
C LEU A 28 -2.79 7.44 4.85
N PRO A 29 -3.00 7.82 3.60
CA PRO A 29 -4.06 8.75 3.24
C PRO A 29 -5.46 8.11 3.33
N PRO A 30 -6.44 8.83 3.89
CA PRO A 30 -7.83 8.36 3.99
C PRO A 30 -8.42 8.05 2.61
N GLY A 31 -8.99 6.87 2.47
CA GLY A 31 -9.51 6.42 1.20
C GLY A 31 -8.69 5.27 0.69
N TRP A 32 -7.47 5.21 1.19
CA TRP A 32 -6.53 4.17 0.89
C TRP A 32 -6.38 3.33 2.10
N GLU A 33 -5.72 2.26 1.96
CA GLU A 33 -5.48 1.38 3.04
C GLU A 33 -4.05 0.93 2.84
N MET A 34 -3.39 0.48 3.85
CA MET A 34 -1.98 0.19 3.69
C MET A 34 -1.61 -1.11 4.38
N ARG A 35 -1.10 -2.04 3.61
CA ARG A 35 -0.73 -3.32 4.09
C ARG A 35 0.80 -3.43 4.09
N ILE A 36 1.35 -4.06 5.10
CA ILE A 36 2.78 -4.30 5.13
C ILE A 36 3.07 -5.55 4.33
N ALA A 37 3.93 -5.46 3.35
CA ALA A 37 4.28 -6.59 2.53
C ALA A 37 5.45 -7.38 3.14
N PRO A 38 5.58 -8.70 2.80
CA PRO A 38 6.66 -9.57 3.31
C PRO A 38 8.08 -9.06 2.94
N ASN A 39 8.16 -8.19 1.95
CA ASN A 39 9.45 -7.60 1.59
C ASN A 39 9.88 -6.58 2.63
N GLY A 40 8.94 -6.05 3.37
CA GLY A 40 9.30 -5.13 4.38
C GLY A 40 9.00 -3.70 4.03
N ARG A 41 8.02 -3.49 3.18
CA ARG A 41 7.61 -2.15 2.85
C ARG A 41 6.07 -2.14 2.75
N PRO A 42 5.40 -1.06 3.19
CA PRO A 42 3.96 -0.93 3.08
C PRO A 42 3.52 -0.50 1.68
N PHE A 43 2.55 -1.22 1.14
CA PHE A 43 2.00 -0.88 -0.16
C PHE A 43 0.63 -0.28 0.02
N PHE A 44 0.25 0.57 -0.88
CA PHE A 44 -0.97 1.29 -0.76
C PHE A 44 -2.05 0.63 -1.52
N ILE A 45 -3.14 0.52 -0.89
CA ILE A 45 -4.30 -0.12 -1.39
C ILE A 45 -5.37 0.91 -1.68
N ASP A 46 -5.84 0.90 -2.87
CA ASP A 46 -6.85 1.81 -3.31
C ASP A 46 -8.14 1.08 -3.44
N HIS A 47 -9.05 1.40 -2.60
CA HIS A 47 -10.35 0.75 -2.61
C HIS A 47 -11.24 1.32 -3.67
N ASN A 48 -10.86 2.45 -4.19
CA ASN A 48 -11.62 3.11 -5.23
C ASN A 48 -11.45 2.36 -6.56
N THR A 49 -10.22 1.98 -6.87
CA THR A 49 -9.94 1.24 -8.09
C THR A 49 -9.73 -0.23 -7.80
N LYS A 50 -9.79 -0.59 -6.51
CA LYS A 50 -9.64 -1.97 -6.03
C LYS A 50 -8.24 -2.52 -6.38
N THR A 51 -7.25 -1.66 -6.40
CA THR A 51 -5.92 -2.05 -6.84
C THR A 51 -4.90 -1.59 -5.79
N THR A 52 -3.66 -1.97 -5.97
CA THR A 52 -2.61 -1.62 -5.07
C THR A 52 -1.45 -0.99 -5.83
N THR A 53 -0.65 -0.22 -5.15
CA THR A 53 0.46 0.44 -5.75
C THR A 53 1.47 0.85 -4.67
N TRP A 54 2.66 1.12 -5.09
CA TRP A 54 3.70 1.60 -4.20
C TRP A 54 3.72 3.10 -4.25
N GLU A 55 3.02 3.65 -5.19
CA GLU A 55 3.03 5.06 -5.40
C GLU A 55 2.13 5.80 -4.44
N ASP A 56 2.77 6.56 -3.61
CA ASP A 56 2.16 7.33 -2.54
C ASP A 56 1.70 8.68 -3.05
N PRO A 57 0.40 9.00 -2.93
CA PRO A 57 -0.10 10.32 -3.30
C PRO A 57 -0.11 11.27 -2.11
N ARG A 58 0.04 10.68 -0.93
CA ARG A 58 0.04 11.35 0.36
C ARG A 58 1.13 12.41 0.41
N LEU A 59 2.18 12.20 -0.36
CA LEU A 59 3.29 13.12 -0.45
C LEU A 59 2.88 14.50 -0.97
N LYS A 60 1.84 14.56 -1.80
CA LYS A 60 1.34 15.85 -2.25
C LYS A 60 -0.01 16.18 -1.66
N PHE A 61 -0.84 15.17 -1.44
CA PHE A 61 -2.19 15.35 -0.90
C PHE A 61 -2.67 14.07 -0.25
N PRO A 62 -3.33 14.16 0.92
CA PRO A 62 -3.85 12.98 1.62
C PRO A 62 -5.18 12.48 1.02
N VAL A 63 -5.31 12.58 -0.27
CA VAL A 63 -6.53 12.22 -0.96
C VAL A 63 -6.25 11.17 -2.02
N HIS A 64 -7.28 10.76 -2.69
CA HIS A 64 -7.14 9.83 -3.78
C HIS A 64 -6.85 10.61 -5.04
N MET A 65 -5.57 10.77 -5.33
CA MET A 65 -5.18 11.43 -6.53
C MET A 65 -5.47 10.53 -7.70
N ARG A 66 -5.93 11.11 -8.77
CA ARG A 66 -6.43 10.34 -9.89
C ARG A 66 -5.34 9.94 -10.85
N SER A 67 -4.27 10.70 -10.92
CA SER A 67 -3.27 10.42 -11.90
C SER A 67 -1.85 10.57 -11.35
N LYS A 68 -1.02 9.63 -11.70
CA LYS A 68 0.40 9.66 -11.42
C LYS A 68 1.12 9.82 -12.73
N MET A 1 19.27 -3.44 3.78
CA MET A 1 17.85 -3.09 3.93
C MET A 1 17.00 -4.04 3.10
N GLN A 2 16.13 -4.78 3.76
CA GLN A 2 15.22 -5.65 3.05
C GLN A 2 14.05 -4.84 2.50
N ASN A 3 14.17 -4.49 1.24
CA ASN A 3 13.16 -3.73 0.49
C ASN A 3 13.04 -4.32 -0.90
N ASN A 4 11.84 -4.57 -1.34
CA ASN A 4 11.62 -5.05 -2.69
C ASN A 4 10.44 -4.34 -3.30
N GLU A 5 10.37 -4.37 -4.59
CA GLU A 5 9.32 -3.72 -5.35
C GLU A 5 8.27 -4.72 -5.80
N GLU A 6 8.29 -5.89 -5.19
CA GLU A 6 7.36 -6.94 -5.51
C GLU A 6 5.99 -6.58 -4.95
N LEU A 7 5.15 -6.05 -5.81
CA LEU A 7 3.87 -5.50 -5.43
C LEU A 7 2.78 -6.56 -5.48
N PRO A 8 2.20 -6.91 -4.34
CA PRO A 8 1.11 -7.88 -4.28
C PRO A 8 -0.21 -7.26 -4.75
N THR A 9 -1.13 -8.10 -5.10
CA THR A 9 -2.42 -7.68 -5.59
C THR A 9 -3.39 -7.50 -4.38
N TYR A 10 -4.55 -6.87 -4.62
CA TYR A 10 -5.57 -6.62 -3.61
C TYR A 10 -5.94 -7.93 -2.88
N GLU A 11 -5.88 -9.04 -3.61
CA GLU A 11 -6.20 -10.36 -3.06
C GLU A 11 -5.26 -10.72 -1.90
N GLU A 12 -4.02 -10.29 -2.01
CA GLU A 12 -3.01 -10.54 -0.98
C GLU A 12 -3.26 -9.60 0.20
N ALA A 13 -3.69 -8.39 -0.13
CA ALA A 13 -3.95 -7.36 0.87
C ALA A 13 -5.21 -7.69 1.67
N LYS A 14 -6.11 -8.41 1.03
CA LYS A 14 -7.36 -8.86 1.59
C LYS A 14 -7.09 -9.61 2.90
N VAL A 15 -6.08 -10.44 2.90
CA VAL A 15 -5.70 -11.18 4.09
C VAL A 15 -4.54 -10.46 4.80
N GLY A 16 -3.69 -9.81 4.02
CA GLY A 16 -2.60 -9.06 4.57
C GLY A 16 -1.44 -9.91 4.97
N GLY A 17 -0.94 -10.69 4.05
CA GLY A 17 0.20 -11.51 4.34
C GLY A 17 1.49 -10.73 4.24
N GLY A 18 2.07 -10.44 5.36
CA GLY A 18 3.30 -9.70 5.41
C GLY A 18 3.29 -8.76 6.57
N GLY A 19 4.44 -8.45 7.10
CA GLY A 19 4.51 -7.57 8.23
C GLY A 19 5.85 -6.91 8.33
N GLY A 20 5.91 -5.80 9.01
CA GLY A 20 7.15 -5.09 9.16
C GLY A 20 6.93 -3.69 9.66
N SER A 21 7.18 -3.46 10.92
CA SER A 21 7.00 -2.16 11.52
C SER A 21 8.26 -1.30 11.35
N LYS A 22 9.25 -1.85 10.68
CA LYS A 22 10.51 -1.18 10.44
C LYS A 22 10.44 -0.27 9.22
N VAL A 23 9.27 -0.15 8.64
CA VAL A 23 9.09 0.59 7.40
C VAL A 23 8.87 2.08 7.68
N THR A 24 9.01 2.87 6.64
CA THR A 24 8.80 4.28 6.73
C THR A 24 7.55 4.69 5.96
N GLN A 25 6.43 4.77 6.71
CA GLN A 25 5.07 5.30 6.31
C GLN A 25 4.08 4.98 7.42
N SER A 26 2.98 5.73 7.46
CA SER A 26 1.94 5.51 8.46
C SER A 26 0.70 6.34 8.12
N PHE A 27 0.92 7.51 7.55
CA PHE A 27 -0.15 8.44 7.22
C PHE A 27 -0.84 8.09 5.89
N LEU A 28 -1.51 6.96 5.88
CA LEU A 28 -2.26 6.54 4.71
C LEU A 28 -3.37 7.57 4.37
N PRO A 29 -3.62 7.84 3.09
CA PRO A 29 -4.65 8.78 2.69
C PRO A 29 -6.07 8.13 2.69
N PRO A 30 -7.12 8.97 2.83
CA PRO A 30 -8.52 8.50 2.85
C PRO A 30 -8.91 7.79 1.53
N GLY A 31 -9.34 6.56 1.65
CA GLY A 31 -9.72 5.76 0.49
C GLY A 31 -8.70 4.69 0.22
N TRP A 32 -7.56 4.82 0.86
CA TRP A 32 -6.48 3.89 0.71
C TRP A 32 -6.33 3.10 1.99
N GLU A 33 -5.53 2.09 1.95
CA GLU A 33 -5.26 1.25 3.07
C GLU A 33 -3.77 0.91 2.97
N MET A 34 -3.17 0.42 4.01
CA MET A 34 -1.75 0.18 4.04
C MET A 34 -1.40 -1.20 4.62
N ARG A 35 -0.86 -2.03 3.78
CA ARG A 35 -0.38 -3.34 4.20
C ARG A 35 1.12 -3.37 4.04
N ILE A 36 1.77 -4.25 4.75
CA ILE A 36 3.18 -4.41 4.61
C ILE A 36 3.42 -5.66 3.81
N ALA A 37 4.23 -5.57 2.81
CA ALA A 37 4.55 -6.71 2.00
C ALA A 37 5.64 -7.51 2.71
N PRO A 38 5.69 -8.85 2.49
CA PRO A 38 6.67 -9.74 3.15
C PRO A 38 8.13 -9.30 3.00
N ASN A 39 8.41 -8.51 1.99
CA ASN A 39 9.75 -8.00 1.77
C ASN A 39 10.13 -6.92 2.78
N GLY A 40 9.13 -6.28 3.37
CA GLY A 40 9.41 -5.23 4.29
C GLY A 40 9.14 -3.84 3.73
N ARG A 41 8.22 -3.76 2.80
CA ARG A 41 7.78 -2.50 2.22
C ARG A 41 6.29 -2.38 2.32
N PRO A 42 5.79 -1.22 2.73
CA PRO A 42 4.37 -0.96 2.77
C PRO A 42 3.86 -0.56 1.41
N PHE A 43 2.70 -1.02 1.09
CA PHE A 43 2.07 -0.67 -0.14
C PHE A 43 0.69 -0.16 0.14
N PHE A 44 0.24 0.73 -0.69
CA PHE A 44 -1.03 1.35 -0.50
C PHE A 44 -2.07 0.70 -1.35
N ILE A 45 -3.13 0.38 -0.73
CA ILE A 45 -4.22 -0.27 -1.37
C ILE A 45 -5.28 0.76 -1.68
N ASP A 46 -5.68 0.82 -2.89
CA ASP A 46 -6.71 1.73 -3.31
C ASP A 46 -8.02 1.01 -3.35
N HIS A 47 -8.91 1.40 -2.48
CA HIS A 47 -10.23 0.80 -2.39
C HIS A 47 -11.21 1.32 -3.40
N ASN A 48 -10.83 2.36 -4.07
CA ASN A 48 -11.68 3.00 -5.05
C ASN A 48 -11.72 2.21 -6.34
N THR A 49 -10.58 1.69 -6.70
CA THR A 49 -10.42 0.98 -7.94
C THR A 49 -9.94 -0.42 -7.70
N LYS A 50 -9.71 -0.73 -6.44
CA LYS A 50 -9.22 -2.03 -5.99
C LYS A 50 -7.90 -2.40 -6.64
N THR A 51 -6.90 -1.64 -6.28
CA THR A 51 -5.59 -1.79 -6.85
C THR A 51 -4.57 -1.47 -5.74
N THR A 52 -3.30 -1.65 -5.99
CA THR A 52 -2.26 -1.39 -5.02
C THR A 52 -1.10 -0.65 -5.68
N THR A 53 -0.35 0.09 -4.89
CA THR A 53 0.78 0.87 -5.38
C THR A 53 1.84 0.97 -4.27
N TRP A 54 3.04 1.41 -4.60
CA TRP A 54 4.10 1.51 -3.62
C TRP A 54 4.22 2.87 -3.00
N GLU A 55 4.13 3.88 -3.81
CA GLU A 55 4.33 5.21 -3.30
C GLU A 55 3.05 5.85 -2.82
N ASP A 56 3.22 6.72 -1.88
CA ASP A 56 2.14 7.42 -1.25
C ASP A 56 1.70 8.61 -2.09
N PRO A 57 0.40 8.75 -2.35
CA PRO A 57 -0.11 9.90 -3.09
C PRO A 57 -0.30 11.12 -2.18
N ARG A 58 -0.28 10.88 -0.87
CA ARG A 58 -0.48 11.94 0.11
C ARG A 58 0.69 12.90 0.24
N LEU A 59 1.74 12.65 -0.51
CA LEU A 59 2.91 13.51 -0.48
C LEU A 59 2.64 14.89 -1.04
N LYS A 60 1.69 15.02 -1.96
CA LYS A 60 1.46 16.30 -2.56
C LYS A 60 0.20 16.94 -1.97
N PHE A 61 -0.76 16.10 -1.65
CA PHE A 61 -2.06 16.48 -1.08
C PHE A 61 -2.67 15.21 -0.52
N PRO A 62 -3.64 15.29 0.41
CA PRO A 62 -4.34 14.11 0.85
C PRO A 62 -5.28 13.60 -0.25
N VAL A 63 -4.72 12.83 -1.16
CA VAL A 63 -5.46 12.25 -2.26
C VAL A 63 -6.47 11.28 -1.72
N HIS A 64 -7.70 11.68 -1.74
CA HIS A 64 -8.78 10.93 -1.16
C HIS A 64 -9.83 10.58 -2.17
N MET A 65 -10.28 9.32 -2.10
CA MET A 65 -11.33 8.76 -2.97
C MET A 65 -11.15 9.14 -4.45
N ARG A 66 -10.38 8.37 -5.15
CA ARG A 66 -10.05 8.69 -6.51
C ARG A 66 -10.21 7.53 -7.46
N SER A 67 -10.76 7.81 -8.60
CA SER A 67 -10.90 6.83 -9.63
C SER A 67 -9.75 7.00 -10.63
N LYS A 68 -9.31 8.24 -10.77
CA LYS A 68 -8.19 8.59 -11.60
C LYS A 68 -7.16 9.28 -10.74
N MET A 1 17.66 -10.11 1.47
CA MET A 1 17.07 -8.90 0.90
C MET A 1 16.66 -7.97 2.03
N GLN A 2 16.71 -6.68 1.80
CA GLN A 2 16.17 -5.78 2.79
C GLN A 2 14.69 -5.60 2.50
N ASN A 3 14.37 -5.42 1.26
CA ASN A 3 13.01 -5.31 0.80
C ASN A 3 13.07 -5.48 -0.69
N ASN A 4 11.95 -5.53 -1.33
CA ASN A 4 11.88 -5.62 -2.77
C ASN A 4 10.83 -4.66 -3.26
N GLU A 5 10.63 -4.60 -4.55
CA GLU A 5 9.59 -3.77 -5.12
C GLU A 5 8.38 -4.64 -5.41
N GLU A 6 8.41 -5.83 -4.80
CA GLU A 6 7.36 -6.83 -4.82
C GLU A 6 6.05 -6.21 -4.38
N LEU A 7 5.21 -5.92 -5.32
CA LEU A 7 3.96 -5.28 -5.04
C LEU A 7 2.84 -6.29 -5.13
N PRO A 8 2.26 -6.68 -3.99
CA PRO A 8 1.15 -7.61 -3.97
C PRO A 8 -0.11 -6.96 -4.52
N THR A 9 -1.04 -7.78 -4.89
CA THR A 9 -2.27 -7.33 -5.48
C THR A 9 -3.31 -7.07 -4.36
N TYR A 10 -4.42 -6.41 -4.69
CA TYR A 10 -5.47 -6.09 -3.75
C TYR A 10 -5.95 -7.35 -3.03
N GLU A 11 -6.09 -8.43 -3.80
CA GLU A 11 -6.51 -9.72 -3.28
C GLU A 11 -5.49 -10.30 -2.27
N GLU A 12 -4.25 -9.95 -2.44
CA GLU A 12 -3.19 -10.39 -1.57
C GLU A 12 -3.21 -9.53 -0.30
N ALA A 13 -3.60 -8.29 -0.46
CA ALA A 13 -3.69 -7.35 0.65
C ALA A 13 -4.95 -7.65 1.45
N LYS A 14 -5.92 -8.25 0.79
CA LYS A 14 -7.17 -8.68 1.37
C LYS A 14 -6.90 -9.67 2.49
N VAL A 15 -6.02 -10.62 2.22
CA VAL A 15 -5.63 -11.58 3.23
C VAL A 15 -4.54 -10.95 4.13
N GLY A 16 -3.71 -10.12 3.53
CA GLY A 16 -2.73 -9.38 4.28
C GLY A 16 -1.51 -10.17 4.63
N GLY A 17 -1.05 -10.98 3.70
CA GLY A 17 0.13 -11.77 3.93
C GLY A 17 1.39 -10.94 3.75
N GLY A 18 2.09 -10.71 4.84
CA GLY A 18 3.28 -9.92 4.80
C GLY A 18 3.79 -9.64 6.19
N GLY A 19 5.01 -9.15 6.27
CA GLY A 19 5.61 -8.87 7.54
C GLY A 19 7.08 -8.63 7.39
N GLY A 20 7.79 -8.54 8.49
CA GLY A 20 9.21 -8.27 8.44
C GLY A 20 9.47 -6.81 8.23
N SER A 21 8.70 -5.99 8.91
CA SER A 21 8.81 -4.57 8.81
C SER A 21 10.12 -4.10 9.42
N LYS A 22 10.92 -3.50 8.60
CA LYS A 22 12.19 -2.92 8.99
C LYS A 22 12.18 -1.47 8.51
N VAL A 23 10.98 -1.02 8.26
CA VAL A 23 10.71 0.24 7.64
C VAL A 23 9.82 1.11 8.52
N THR A 24 9.22 2.11 7.94
CA THR A 24 8.39 3.04 8.67
C THR A 24 6.96 3.01 8.13
N GLN A 25 5.98 3.00 9.03
CA GLN A 25 4.61 3.08 8.60
C GLN A 25 4.30 4.41 7.89
N SER A 26 3.57 4.34 6.82
CA SER A 26 3.34 5.49 5.98
C SER A 26 2.03 6.24 6.30
N PHE A 27 1.89 7.42 5.71
CA PHE A 27 0.76 8.32 5.92
C PHE A 27 -0.42 8.01 5.02
N LEU A 28 -1.04 6.86 5.20
CA LEU A 28 -2.17 6.47 4.37
C LEU A 28 -3.32 7.52 4.37
N PRO A 29 -3.86 7.83 3.19
CA PRO A 29 -5.01 8.71 3.05
C PRO A 29 -6.35 7.93 3.12
N PRO A 30 -7.49 8.63 3.38
CA PRO A 30 -8.82 8.00 3.47
C PRO A 30 -9.24 7.30 2.18
N GLY A 31 -9.67 6.06 2.30
CA GLY A 31 -10.09 5.28 1.14
C GLY A 31 -9.04 4.29 0.74
N TRP A 32 -7.86 4.54 1.21
CA TRP A 32 -6.72 3.72 0.93
C TRP A 32 -6.45 2.83 2.13
N GLU A 33 -5.39 2.10 2.06
CA GLU A 33 -5.03 1.21 3.10
C GLU A 33 -3.55 1.00 2.97
N MET A 34 -2.95 0.45 3.97
CA MET A 34 -1.54 0.17 3.98
C MET A 34 -1.33 -1.19 4.56
N ARG A 35 -0.41 -1.92 4.01
CA ARG A 35 -0.10 -3.23 4.52
C ARG A 35 1.37 -3.46 4.29
N ILE A 36 2.00 -4.26 5.12
CA ILE A 36 3.39 -4.57 4.94
C ILE A 36 3.50 -5.78 4.01
N ALA A 37 4.27 -5.64 2.98
CA ALA A 37 4.47 -6.72 2.04
C ALA A 37 5.45 -7.74 2.63
N PRO A 38 5.43 -9.02 2.15
CA PRO A 38 6.34 -10.08 2.67
C PRO A 38 7.83 -9.72 2.54
N ASN A 39 8.14 -8.70 1.77
CA ASN A 39 9.53 -8.25 1.63
C ASN A 39 9.90 -7.20 2.70
N GLY A 40 8.92 -6.79 3.50
CA GLY A 40 9.20 -5.92 4.61
C GLY A 40 9.08 -4.43 4.35
N ARG A 41 8.25 -4.05 3.40
CA ARG A 41 8.03 -2.65 3.06
C ARG A 41 6.51 -2.42 2.92
N PRO A 42 5.98 -1.24 3.32
CA PRO A 42 4.56 -0.94 3.24
C PRO A 42 4.13 -0.48 1.86
N PHE A 43 3.06 -1.04 1.38
CA PHE A 43 2.48 -0.66 0.14
C PHE A 43 1.08 -0.15 0.38
N PHE A 44 0.62 0.69 -0.49
CA PHE A 44 -0.68 1.28 -0.37
C PHE A 44 -1.67 0.51 -1.19
N ILE A 45 -2.83 0.42 -0.68
CA ILE A 45 -3.90 -0.24 -1.32
C ILE A 45 -4.99 0.80 -1.54
N ASP A 46 -5.59 0.80 -2.68
CA ASP A 46 -6.66 1.71 -2.98
C ASP A 46 -7.93 0.95 -3.14
N HIS A 47 -8.86 1.26 -2.32
CA HIS A 47 -10.14 0.61 -2.34
C HIS A 47 -11.07 1.15 -3.39
N ASN A 48 -10.78 2.33 -3.87
CA ASN A 48 -11.61 2.99 -4.87
C ASN A 48 -11.53 2.29 -6.20
N THR A 49 -10.33 2.03 -6.63
CA THR A 49 -10.07 1.46 -7.93
C THR A 49 -9.62 0.03 -7.79
N LYS A 50 -9.42 -0.35 -6.53
CA LYS A 50 -8.95 -1.66 -6.14
C LYS A 50 -7.60 -1.93 -6.74
N THR A 51 -6.66 -1.16 -6.27
CA THR A 51 -5.33 -1.18 -6.79
C THR A 51 -4.36 -1.18 -5.61
N THR A 52 -3.11 -1.34 -5.91
CA THR A 52 -2.07 -1.29 -4.94
C THR A 52 -0.86 -0.58 -5.56
N THR A 53 -0.09 0.10 -4.76
CA THR A 53 1.03 0.86 -5.24
C THR A 53 1.99 1.18 -4.09
N TRP A 54 3.21 1.56 -4.43
CA TRP A 54 4.17 1.97 -3.43
C TRP A 54 4.09 3.46 -3.19
N GLU A 55 3.65 4.18 -4.20
CA GLU A 55 3.68 5.62 -4.17
C GLU A 55 2.35 6.17 -3.67
N ASP A 56 2.42 7.02 -2.67
CA ASP A 56 1.20 7.60 -2.12
C ASP A 56 0.78 8.77 -2.97
N PRO A 57 -0.51 8.89 -3.24
CA PRO A 57 -1.02 10.04 -3.94
C PRO A 57 -1.39 11.14 -2.99
N ARG A 58 -1.33 10.81 -1.69
CA ARG A 58 -1.71 11.69 -0.56
C ARG A 58 -1.03 13.03 -0.72
N LEU A 59 0.18 13.01 -1.23
CA LEU A 59 0.96 14.21 -1.47
C LEU A 59 0.23 15.22 -2.40
N LYS A 60 -0.52 14.71 -3.37
CA LYS A 60 -1.24 15.55 -4.31
C LYS A 60 -2.77 15.49 -4.17
N PHE A 61 -3.28 14.34 -3.75
CA PHE A 61 -4.72 14.11 -3.55
C PHE A 61 -4.92 13.03 -2.49
N PRO A 62 -5.76 13.29 -1.48
CA PRO A 62 -6.06 12.29 -0.45
C PRO A 62 -6.91 11.16 -1.00
N VAL A 63 -7.62 11.50 -1.99
CA VAL A 63 -8.53 10.61 -2.70
C VAL A 63 -8.44 10.95 -4.17
N HIS A 64 -8.33 9.95 -5.00
CA HIS A 64 -8.25 10.14 -6.44
C HIS A 64 -8.39 8.81 -7.13
N MET A 65 -9.20 8.76 -8.17
CA MET A 65 -9.34 7.57 -8.97
C MET A 65 -8.09 7.39 -9.78
N ARG A 66 -7.31 6.44 -9.39
CA ARG A 66 -6.03 6.20 -10.00
C ARG A 66 -6.04 4.84 -10.68
N SER A 67 -5.90 4.85 -11.98
CA SER A 67 -5.91 3.64 -12.77
C SER A 67 -4.63 2.83 -12.56
N LYS A 68 -4.69 1.56 -12.89
CA LYS A 68 -3.57 0.70 -12.73
C LYS A 68 -2.90 0.46 -14.08
N MET A 1 16.19 -0.93 4.05
CA MET A 1 17.16 -2.02 3.90
C MET A 1 16.44 -3.33 4.16
N GLN A 2 16.69 -4.32 3.31
CA GLN A 2 15.98 -5.60 3.33
C GLN A 2 14.53 -5.39 2.99
N ASN A 3 14.30 -4.98 1.78
CA ASN A 3 12.98 -4.72 1.27
C ASN A 3 13.03 -4.72 -0.23
N ASN A 4 11.92 -4.94 -0.86
CA ASN A 4 11.84 -4.98 -2.30
C ASN A 4 10.68 -4.16 -2.79
N GLU A 5 10.43 -4.24 -4.07
CA GLU A 5 9.31 -3.57 -4.67
C GLU A 5 8.35 -4.60 -5.26
N GLU A 6 8.40 -5.79 -4.70
CA GLU A 6 7.53 -6.86 -5.12
C GLU A 6 6.13 -6.56 -4.60
N LEU A 7 5.26 -6.19 -5.49
CA LEU A 7 3.94 -5.72 -5.14
C LEU A 7 2.90 -6.83 -5.27
N PRO A 8 2.19 -7.14 -4.17
CA PRO A 8 1.09 -8.07 -4.21
C PRO A 8 -0.19 -7.40 -4.73
N THR A 9 -1.10 -8.20 -5.20
CA THR A 9 -2.35 -7.73 -5.77
C THR A 9 -3.33 -7.41 -4.63
N TYR A 10 -4.41 -6.68 -4.93
CA TYR A 10 -5.42 -6.30 -3.93
C TYR A 10 -5.98 -7.53 -3.21
N GLU A 11 -6.21 -8.61 -3.95
CA GLU A 11 -6.70 -9.86 -3.37
C GLU A 11 -5.74 -10.37 -2.29
N GLU A 12 -4.47 -10.16 -2.50
CA GLU A 12 -3.43 -10.58 -1.59
C GLU A 12 -3.26 -9.52 -0.50
N ALA A 13 -3.56 -8.29 -0.85
CA ALA A 13 -3.39 -7.11 0.01
C ALA A 13 -4.10 -7.23 1.35
N LYS A 14 -5.25 -7.89 1.37
CA LYS A 14 -5.98 -8.10 2.63
C LYS A 14 -5.16 -8.83 3.70
N VAL A 15 -4.22 -9.65 3.28
CA VAL A 15 -3.34 -10.33 4.19
C VAL A 15 -1.91 -9.76 4.09
N GLY A 16 -1.55 -9.34 2.89
CA GLY A 16 -0.29 -8.65 2.59
C GLY A 16 0.96 -9.50 2.63
N GLY A 17 1.04 -10.39 3.57
CA GLY A 17 2.20 -11.23 3.66
C GLY A 17 2.72 -11.34 5.06
N GLY A 18 3.78 -10.63 5.35
CA GLY A 18 4.39 -10.70 6.65
C GLY A 18 4.32 -9.41 7.40
N GLY A 19 5.47 -8.85 7.74
CA GLY A 19 5.51 -7.64 8.50
C GLY A 19 6.84 -6.95 8.39
N GLY A 20 7.07 -5.96 9.24
CA GLY A 20 8.31 -5.22 9.23
C GLY A 20 8.19 -3.96 10.05
N SER A 21 9.09 -3.77 10.98
CA SER A 21 9.04 -2.62 11.87
C SER A 21 10.04 -1.52 11.47
N LYS A 22 10.78 -1.75 10.41
CA LYS A 22 11.78 -0.77 9.96
C LYS A 22 11.20 0.07 8.82
N VAL A 23 9.90 -0.01 8.65
CA VAL A 23 9.23 0.64 7.54
C VAL A 23 8.67 1.99 7.93
N THR A 24 8.16 2.70 6.96
CA THR A 24 7.58 3.99 7.20
C THR A 24 6.05 3.92 7.19
N GLN A 25 5.45 3.89 8.37
CA GLN A 25 4.02 3.94 8.49
C GLN A 25 3.57 5.36 8.11
N SER A 26 2.79 5.46 7.08
CA SER A 26 2.45 6.75 6.53
C SER A 26 1.02 7.20 6.86
N PHE A 27 0.81 8.52 6.81
CA PHE A 27 -0.49 9.17 7.05
C PHE A 27 -1.45 9.03 5.87
N LEU A 28 -1.85 7.80 5.63
CA LEU A 28 -2.73 7.38 4.53
C LEU A 28 -3.95 8.28 4.35
N PRO A 29 -4.36 8.53 3.10
CA PRO A 29 -5.56 9.31 2.81
C PRO A 29 -6.82 8.44 2.97
N PRO A 30 -7.97 9.06 3.30
CA PRO A 30 -9.25 8.32 3.52
C PRO A 30 -9.64 7.43 2.33
N GLY A 31 -9.65 6.13 2.54
CA GLY A 31 -10.01 5.21 1.48
C GLY A 31 -8.85 4.30 1.11
N TRP A 32 -7.67 4.69 1.51
CA TRP A 32 -6.48 3.89 1.27
C TRP A 32 -6.10 3.11 2.49
N GLU A 33 -5.44 2.04 2.24
CA GLU A 33 -4.91 1.19 3.23
C GLU A 33 -3.44 0.95 2.98
N MET A 34 -2.77 0.40 3.95
CA MET A 34 -1.35 0.14 3.84
C MET A 34 -1.06 -1.18 4.51
N ARG A 35 -0.37 -2.03 3.83
CA ARG A 35 -0.09 -3.33 4.37
C ARG A 35 1.36 -3.64 4.09
N ILE A 36 1.98 -4.47 4.89
CA ILE A 36 3.36 -4.82 4.66
C ILE A 36 3.44 -6.03 3.74
N ALA A 37 4.26 -5.94 2.72
CA ALA A 37 4.48 -7.03 1.81
C ALA A 37 5.43 -8.04 2.45
N PRO A 38 5.49 -9.31 1.96
CA PRO A 38 6.37 -10.36 2.54
C PRO A 38 7.84 -9.94 2.52
N ASN A 39 8.18 -9.05 1.61
CA ASN A 39 9.55 -8.56 1.47
C ASN A 39 9.91 -7.50 2.52
N GLY A 40 8.94 -7.05 3.31
CA GLY A 40 9.26 -6.12 4.37
C GLY A 40 9.09 -4.65 4.03
N ARG A 41 8.21 -4.33 3.11
CA ARG A 41 7.96 -2.93 2.76
C ARG A 41 6.45 -2.69 2.69
N PRO A 42 5.96 -1.52 3.14
CA PRO A 42 4.54 -1.18 3.11
C PRO A 42 4.08 -0.74 1.72
N PHE A 43 3.04 -1.36 1.24
CA PHE A 43 2.45 -1.00 -0.01
C PHE A 43 1.11 -0.39 0.25
N PHE A 44 0.68 0.46 -0.63
CA PHE A 44 -0.54 1.17 -0.46
C PHE A 44 -1.65 0.48 -1.23
N ILE A 45 -2.77 0.43 -0.61
CA ILE A 45 -3.93 -0.24 -1.11
C ILE A 45 -5.01 0.78 -1.36
N ASP A 46 -5.53 0.81 -2.54
CA ASP A 46 -6.55 1.76 -2.90
C ASP A 46 -7.84 1.08 -3.11
N HIS A 47 -8.74 1.34 -2.25
CA HIS A 47 -10.08 0.80 -2.38
C HIS A 47 -10.91 1.52 -3.42
N ASN A 48 -10.48 2.69 -3.80
CA ASN A 48 -11.18 3.49 -4.81
C ASN A 48 -11.04 2.88 -6.18
N THR A 49 -9.86 2.37 -6.49
CA THR A 49 -9.61 1.78 -7.79
C THR A 49 -9.38 0.28 -7.71
N LYS A 50 -9.41 -0.26 -6.48
CA LYS A 50 -9.25 -1.71 -6.20
C LYS A 50 -7.83 -2.15 -6.58
N THR A 51 -6.86 -1.28 -6.40
CA THR A 51 -5.51 -1.56 -6.86
C THR A 51 -4.52 -1.31 -5.71
N THR A 52 -3.27 -1.66 -5.92
CA THR A 52 -2.21 -1.47 -4.95
C THR A 52 -1.00 -0.85 -5.65
N THR A 53 -0.17 -0.16 -4.91
CA THR A 53 0.99 0.51 -5.48
C THR A 53 1.98 0.87 -4.37
N TRP A 54 3.18 1.29 -4.73
CA TRP A 54 4.18 1.68 -3.76
C TRP A 54 4.23 3.17 -3.60
N GLU A 55 3.55 3.86 -4.47
CA GLU A 55 3.55 5.30 -4.47
C GLU A 55 2.25 5.82 -3.88
N ASP A 56 2.33 6.71 -2.93
CA ASP A 56 1.11 7.27 -2.39
C ASP A 56 0.85 8.60 -3.04
N PRO A 57 -0.40 8.88 -3.43
CA PRO A 57 -0.75 10.15 -4.05
C PRO A 57 -0.97 11.21 -3.00
N ARG A 58 -1.00 10.75 -1.74
CA ARG A 58 -1.22 11.54 -0.54
C ARG A 58 -0.27 12.72 -0.44
N LEU A 59 0.87 12.58 -1.07
CA LEU A 59 1.82 13.65 -1.11
C LEU A 59 1.31 14.87 -1.89
N LYS A 60 0.52 14.64 -2.92
CA LYS A 60 0.05 15.72 -3.74
C LYS A 60 -1.47 15.93 -3.60
N PHE A 61 -2.20 14.85 -3.35
CA PHE A 61 -3.66 14.87 -3.29
C PHE A 61 -4.16 13.81 -2.31
N PRO A 62 -5.41 13.93 -1.84
CA PRO A 62 -6.08 12.84 -1.15
C PRO A 62 -6.61 11.87 -2.22
N VAL A 63 -7.69 11.19 -1.97
CA VAL A 63 -8.25 10.32 -3.00
C VAL A 63 -8.83 11.14 -4.14
N HIS A 64 -8.54 10.72 -5.33
CA HIS A 64 -9.06 11.38 -6.51
C HIS A 64 -10.43 10.80 -6.78
N MET A 65 -11.41 11.66 -6.90
CA MET A 65 -12.79 11.23 -7.13
C MET A 65 -12.97 10.59 -8.50
N ARG A 66 -13.91 9.69 -8.56
CA ARG A 66 -14.26 8.97 -9.77
C ARG A 66 -15.77 8.95 -9.89
N SER A 67 -16.26 8.75 -11.09
CA SER A 67 -17.66 8.66 -11.30
C SER A 67 -17.95 7.58 -12.34
N LYS A 68 -17.99 6.37 -11.88
CA LYS A 68 -18.25 5.23 -12.69
C LYS A 68 -18.67 4.10 -11.79
N MET A 1 17.58 -10.20 2.10
CA MET A 1 16.19 -9.78 2.14
C MET A 1 16.09 -8.29 2.31
N GLN A 2 15.77 -7.62 1.23
CA GLN A 2 15.57 -6.20 1.24
C GLN A 2 14.22 -5.90 0.65
N ASN A 3 13.92 -4.65 0.42
CA ASN A 3 12.66 -4.31 -0.16
C ASN A 3 12.63 -4.64 -1.64
N ASN A 4 12.06 -5.81 -1.95
CA ASN A 4 11.95 -6.31 -3.32
C ASN A 4 11.13 -5.39 -4.20
N GLU A 5 10.25 -4.63 -3.56
CA GLU A 5 9.34 -3.69 -4.22
C GLU A 5 8.38 -4.40 -5.19
N GLU A 6 8.22 -5.68 -5.00
CA GLU A 6 7.29 -6.43 -5.80
C GLU A 6 5.93 -6.23 -5.21
N LEU A 7 5.02 -5.74 -6.00
CA LEU A 7 3.69 -5.45 -5.55
C LEU A 7 2.82 -6.71 -5.67
N PRO A 8 2.44 -7.31 -4.52
CA PRO A 8 1.68 -8.54 -4.50
C PRO A 8 0.20 -8.32 -4.86
N THR A 9 -0.51 -9.41 -5.04
CA THR A 9 -1.91 -9.36 -5.41
C THR A 9 -2.73 -8.71 -4.28
N TYR A 10 -3.85 -8.14 -4.63
CA TYR A 10 -4.75 -7.45 -3.70
C TYR A 10 -5.22 -8.47 -2.64
N GLU A 11 -5.36 -9.72 -3.08
CA GLU A 11 -5.73 -10.84 -2.25
C GLU A 11 -4.71 -11.09 -1.13
N GLU A 12 -3.45 -10.75 -1.41
CA GLU A 12 -2.38 -10.94 -0.44
C GLU A 12 -2.48 -9.91 0.66
N ALA A 13 -2.94 -8.72 0.29
CA ALA A 13 -3.11 -7.62 1.25
C ALA A 13 -4.24 -7.93 2.21
N LYS A 14 -5.21 -8.69 1.70
CA LYS A 14 -6.34 -9.14 2.48
C LYS A 14 -5.89 -9.93 3.71
N VAL A 15 -4.99 -10.87 3.50
CA VAL A 15 -4.49 -11.68 4.59
C VAL A 15 -3.33 -11.01 5.32
N GLY A 16 -2.46 -10.31 4.58
CA GLY A 16 -1.31 -9.68 5.20
C GLY A 16 -0.38 -10.70 5.82
N GLY A 17 0.14 -11.55 4.99
CA GLY A 17 1.02 -12.58 5.48
C GLY A 17 2.44 -12.11 5.53
N GLY A 18 2.92 -11.85 6.72
CA GLY A 18 4.28 -11.41 6.91
C GLY A 18 4.39 -9.92 6.86
N GLY A 19 5.61 -9.43 6.79
CA GLY A 19 5.82 -8.02 6.72
C GLY A 19 6.48 -7.48 7.97
N GLY A 20 7.62 -8.01 8.30
CA GLY A 20 8.33 -7.57 9.47
C GLY A 20 9.72 -7.11 9.14
N SER A 21 9.86 -5.86 8.79
CA SER A 21 11.14 -5.28 8.41
C SER A 21 11.07 -3.77 8.63
N LYS A 22 12.06 -3.06 8.12
CA LYS A 22 12.09 -1.60 8.16
C LYS A 22 10.89 -1.01 7.39
N VAL A 23 9.86 -0.60 8.10
CA VAL A 23 8.68 -0.06 7.45
C VAL A 23 8.13 1.13 8.22
N THR A 24 7.26 1.86 7.57
CA THR A 24 6.52 2.89 8.22
C THR A 24 5.18 2.25 8.59
N GLN A 25 4.60 2.64 9.70
CA GLN A 25 3.44 1.97 10.20
C GLN A 25 2.18 2.28 9.42
N SER A 26 1.74 3.52 9.47
CA SER A 26 0.49 3.86 8.87
C SER A 26 0.38 5.38 8.63
N PHE A 27 0.49 5.79 7.38
CA PHE A 27 0.31 7.20 7.03
C PHE A 27 -0.64 7.34 5.83
N LEU A 28 -1.43 6.29 5.64
CA LEU A 28 -2.38 6.17 4.52
C LEU A 28 -3.38 7.35 4.47
N PRO A 29 -3.54 7.96 3.29
CA PRO A 29 -4.53 9.01 3.11
C PRO A 29 -5.95 8.47 3.26
N PRO A 30 -6.89 9.32 3.69
CA PRO A 30 -8.30 8.94 3.84
C PRO A 30 -8.88 8.38 2.54
N GLY A 31 -9.29 7.13 2.60
CA GLY A 31 -9.87 6.49 1.45
C GLY A 31 -9.02 5.34 0.93
N TRP A 32 -7.76 5.35 1.30
CA TRP A 32 -6.83 4.30 0.91
C TRP A 32 -6.67 3.33 2.04
N GLU A 33 -6.11 2.21 1.75
CA GLU A 33 -5.81 1.22 2.73
C GLU A 33 -4.31 1.06 2.67
N MET A 34 -3.73 0.47 3.65
CA MET A 34 -2.28 0.33 3.68
C MET A 34 -1.94 -0.97 4.34
N ARG A 35 -0.98 -1.68 3.81
CA ARG A 35 -0.60 -2.95 4.36
C ARG A 35 0.88 -3.17 4.14
N ILE A 36 1.50 -4.00 4.95
CA ILE A 36 2.90 -4.30 4.80
C ILE A 36 3.05 -5.54 3.91
N ALA A 37 3.98 -5.49 2.99
CA ALA A 37 4.23 -6.62 2.13
C ALA A 37 5.31 -7.51 2.76
N PRO A 38 5.36 -8.82 2.39
CA PRO A 38 6.35 -9.79 2.93
C PRO A 38 7.79 -9.39 2.58
N ASN A 39 7.92 -8.45 1.68
CA ASN A 39 9.22 -7.95 1.26
C ASN A 39 9.69 -6.82 2.16
N GLY A 40 8.91 -6.56 3.19
CA GLY A 40 9.34 -5.64 4.19
C GLY A 40 9.05 -4.20 3.91
N ARG A 41 8.04 -3.91 3.11
CA ARG A 41 7.72 -2.52 2.83
C ARG A 41 6.19 -2.33 2.81
N PRO A 42 5.68 -1.18 3.29
CA PRO A 42 4.25 -0.86 3.24
C PRO A 42 3.80 -0.39 1.86
N PHE A 43 2.69 -0.88 1.41
CA PHE A 43 2.13 -0.47 0.14
C PHE A 43 0.74 0.09 0.34
N PHE A 44 0.31 0.88 -0.60
CA PHE A 44 -0.96 1.55 -0.51
C PHE A 44 -1.96 0.89 -1.40
N ILE A 45 -3.16 0.90 -0.96
CA ILE A 45 -4.26 0.26 -1.60
C ILE A 45 -5.38 1.25 -1.86
N ASP A 46 -5.89 1.25 -3.04
CA ASP A 46 -6.99 2.10 -3.42
C ASP A 46 -8.20 1.25 -3.69
N HIS A 47 -9.20 1.43 -2.90
CA HIS A 47 -10.42 0.64 -3.03
C HIS A 47 -11.32 1.17 -4.11
N ASN A 48 -11.07 2.38 -4.52
CA ASN A 48 -11.89 3.04 -5.52
C ASN A 48 -11.69 2.39 -6.88
N THR A 49 -10.45 2.23 -7.25
CA THR A 49 -10.08 1.64 -8.52
C THR A 49 -9.59 0.22 -8.36
N LYS A 50 -9.59 -0.25 -7.10
CA LYS A 50 -9.17 -1.61 -6.72
C LYS A 50 -7.67 -1.81 -7.01
N THR A 51 -6.92 -0.71 -6.97
CA THR A 51 -5.52 -0.76 -7.31
C THR A 51 -4.63 -0.69 -6.08
N THR A 52 -3.37 -0.96 -6.28
CA THR A 52 -2.38 -0.90 -5.24
C THR A 52 -1.12 -0.25 -5.78
N THR A 53 -0.28 0.28 -4.91
CA THR A 53 0.93 0.96 -5.33
C THR A 53 1.87 1.15 -4.15
N TRP A 54 3.10 1.50 -4.44
CA TRP A 54 4.08 1.78 -3.41
C TRP A 54 4.15 3.26 -3.15
N GLU A 55 3.73 4.02 -4.13
CA GLU A 55 3.77 5.45 -4.06
C GLU A 55 2.59 5.96 -3.28
N ASP A 56 2.82 6.92 -2.44
CA ASP A 56 1.74 7.52 -1.73
C ASP A 56 1.36 8.80 -2.43
N PRO A 57 0.08 9.07 -2.54
CA PRO A 57 -0.37 10.29 -3.12
C PRO A 57 -0.56 11.38 -2.07
N ARG A 58 -0.44 11.01 -0.76
CA ARG A 58 -0.77 11.96 0.31
C ARG A 58 0.15 13.15 0.40
N LEU A 59 1.22 13.08 -0.35
CA LEU A 59 2.10 14.19 -0.45
C LEU A 59 1.50 15.31 -1.32
N LYS A 60 0.64 14.93 -2.28
CA LYS A 60 -0.05 15.93 -3.11
C LYS A 60 -1.58 15.97 -2.86
N PHE A 61 -2.19 14.81 -2.56
CA PHE A 61 -3.67 14.71 -2.50
C PHE A 61 -4.13 13.52 -1.63
N PRO A 62 -5.44 13.46 -1.30
CA PRO A 62 -6.07 12.28 -0.73
C PRO A 62 -6.71 11.48 -1.89
N VAL A 63 -7.80 10.78 -1.62
CA VAL A 63 -8.53 10.12 -2.70
C VAL A 63 -9.11 11.13 -3.67
N HIS A 64 -8.74 10.99 -4.91
CA HIS A 64 -9.22 11.84 -5.96
C HIS A 64 -10.55 11.23 -6.41
N MET A 65 -11.69 11.94 -6.15
CA MET A 65 -13.03 11.39 -6.47
C MET A 65 -13.12 10.93 -7.91
N ARG A 66 -12.72 11.77 -8.84
CA ARG A 66 -12.51 11.27 -10.18
C ARG A 66 -11.15 10.63 -10.13
N SER A 67 -11.16 9.33 -9.92
CA SER A 67 -9.99 8.57 -9.61
C SER A 67 -8.84 8.75 -10.57
N LYS A 68 -7.76 9.27 -10.01
CA LYS A 68 -6.53 9.50 -10.70
C LYS A 68 -5.53 9.94 -9.65
N MET A 1 19.07 -7.80 -1.51
CA MET A 1 18.58 -6.79 -0.58
C MET A 1 17.21 -7.20 -0.11
N GLN A 2 17.00 -7.28 1.18
CA GLN A 2 15.69 -7.59 1.67
C GLN A 2 14.84 -6.34 1.75
N ASN A 3 14.45 -5.90 0.57
CA ASN A 3 13.62 -4.74 0.32
C ASN A 3 13.32 -4.72 -1.17
N ASN A 4 12.17 -5.15 -1.54
CA ASN A 4 11.84 -5.29 -2.93
C ASN A 4 10.71 -4.36 -3.30
N GLU A 5 10.37 -4.34 -4.55
CA GLU A 5 9.26 -3.54 -5.03
C GLU A 5 8.17 -4.47 -5.53
N GLU A 6 8.20 -5.68 -4.99
CA GLU A 6 7.24 -6.71 -5.32
C GLU A 6 5.91 -6.32 -4.73
N LEU A 7 5.06 -5.79 -5.58
CA LEU A 7 3.78 -5.27 -5.17
C LEU A 7 2.71 -6.32 -5.37
N PRO A 8 2.15 -6.85 -4.28
CA PRO A 8 1.13 -7.85 -4.35
C PRO A 8 -0.23 -7.27 -4.75
N THR A 9 -0.99 -8.07 -5.44
CA THR A 9 -2.30 -7.70 -5.94
C THR A 9 -3.29 -7.55 -4.77
N TYR A 10 -4.40 -6.89 -5.02
CA TYR A 10 -5.44 -6.64 -4.04
C TYR A 10 -5.96 -7.97 -3.43
N GLU A 11 -5.88 -9.02 -4.22
CA GLU A 11 -6.29 -10.37 -3.81
C GLU A 11 -5.42 -10.85 -2.62
N GLU A 12 -4.17 -10.42 -2.62
CA GLU A 12 -3.24 -10.73 -1.54
C GLU A 12 -3.46 -9.70 -0.42
N ALA A 13 -3.76 -8.48 -0.83
CA ALA A 13 -3.93 -7.36 0.08
C ALA A 13 -5.17 -7.49 0.97
N LYS A 14 -6.17 -8.26 0.54
CA LYS A 14 -7.38 -8.42 1.33
C LYS A 14 -7.12 -9.12 2.65
N VAL A 15 -6.10 -9.92 2.68
CA VAL A 15 -5.69 -10.64 3.85
C VAL A 15 -4.38 -10.05 4.43
N GLY A 16 -3.50 -9.58 3.55
CA GLY A 16 -2.32 -8.85 3.97
C GLY A 16 -1.32 -9.67 4.74
N GLY A 17 -0.77 -10.70 4.10
CA GLY A 17 0.21 -11.56 4.75
C GLY A 17 1.58 -10.93 4.89
N GLY A 18 1.65 -9.90 5.69
CA GLY A 18 2.87 -9.21 5.94
C GLY A 18 2.74 -8.32 7.13
N GLY A 19 3.80 -8.17 7.88
CA GLY A 19 3.78 -7.35 9.06
C GLY A 19 4.78 -7.83 10.08
N GLY A 20 5.75 -6.99 10.39
CA GLY A 20 6.77 -7.35 11.33
C GLY A 20 8.15 -7.05 10.81
N SER A 21 8.22 -6.37 9.70
CA SER A 21 9.47 -6.04 9.07
C SER A 21 9.92 -4.62 9.46
N LYS A 22 11.15 -4.25 9.10
CA LYS A 22 11.65 -2.91 9.39
C LYS A 22 11.04 -1.89 8.43
N VAL A 23 10.01 -1.22 8.87
CA VAL A 23 9.31 -0.25 8.06
C VAL A 23 8.89 0.91 8.91
N THR A 24 8.18 1.83 8.34
CA THR A 24 7.61 2.89 9.09
C THR A 24 6.23 3.21 8.53
N GLN A 25 5.33 3.56 9.41
CA GLN A 25 3.97 3.84 9.08
C GLN A 25 3.88 5.18 8.40
N SER A 26 3.18 5.23 7.31
CA SER A 26 3.03 6.44 6.58
C SER A 26 1.62 6.99 6.82
N PHE A 27 1.42 8.26 6.51
CA PHE A 27 0.14 8.91 6.66
C PHE A 27 -0.85 8.53 5.58
N LEU A 28 -1.24 7.25 5.59
CA LEU A 28 -2.19 6.69 4.63
C LEU A 28 -3.43 7.58 4.51
N PRO A 29 -3.70 8.05 3.30
CA PRO A 29 -4.83 8.93 3.03
C PRO A 29 -6.18 8.17 2.91
N PRO A 30 -7.34 8.90 2.90
CA PRO A 30 -8.67 8.29 2.82
C PRO A 30 -8.88 7.45 1.56
N GLY A 31 -9.54 6.31 1.71
CA GLY A 31 -9.79 5.43 0.59
C GLY A 31 -8.68 4.41 0.43
N TRP A 32 -7.59 4.69 1.08
CA TRP A 32 -6.44 3.85 1.02
C TRP A 32 -6.27 3.11 2.31
N GLU A 33 -5.38 2.19 2.29
CA GLU A 33 -5.10 1.36 3.41
C GLU A 33 -3.61 1.09 3.30
N MET A 34 -2.99 0.71 4.36
CA MET A 34 -1.56 0.49 4.36
C MET A 34 -1.24 -0.85 4.95
N ARG A 35 -0.71 -1.73 4.15
CA ARG A 35 -0.39 -3.05 4.62
C ARG A 35 1.07 -3.34 4.35
N ILE A 36 1.67 -4.17 5.16
CA ILE A 36 3.06 -4.51 5.01
C ILE A 36 3.20 -5.69 4.07
N ALA A 37 4.12 -5.61 3.15
CA ALA A 37 4.39 -6.70 2.25
C ALA A 37 5.43 -7.64 2.85
N PRO A 38 5.42 -8.93 2.46
CA PRO A 38 6.39 -9.92 2.96
C PRO A 38 7.85 -9.55 2.62
N ASN A 39 8.03 -8.69 1.62
CA ASN A 39 9.37 -8.24 1.26
C ASN A 39 9.88 -7.17 2.22
N GLY A 40 9.03 -6.71 3.12
CA GLY A 40 9.46 -5.83 4.15
C GLY A 40 9.21 -4.36 3.90
N ARG A 41 8.21 -4.02 3.13
CA ARG A 41 7.89 -2.61 2.89
C ARG A 41 6.36 -2.45 2.88
N PRO A 42 5.80 -1.32 3.36
CA PRO A 42 4.37 -1.08 3.33
C PRO A 42 3.88 -0.59 1.97
N PHE A 43 2.78 -1.14 1.53
CA PHE A 43 2.17 -0.75 0.29
C PHE A 43 0.81 -0.15 0.56
N PHE A 44 0.39 0.74 -0.29
CA PHE A 44 -0.86 1.42 -0.10
C PHE A 44 -1.90 0.86 -1.02
N ILE A 45 -3.01 0.56 -0.44
CA ILE A 45 -4.09 -0.12 -1.08
C ILE A 45 -5.22 0.86 -1.41
N ASP A 46 -5.58 0.95 -2.66
CA ASP A 46 -6.66 1.82 -3.10
C ASP A 46 -7.91 1.04 -3.19
N HIS A 47 -8.81 1.30 -2.32
CA HIS A 47 -10.08 0.59 -2.32
C HIS A 47 -11.03 1.12 -3.36
N ASN A 48 -10.72 2.27 -3.89
CA ASN A 48 -11.55 2.90 -4.92
C ASN A 48 -11.51 2.10 -6.23
N THR A 49 -10.38 1.50 -6.53
CA THR A 49 -10.20 0.74 -7.76
C THR A 49 -9.77 -0.67 -7.46
N LYS A 50 -9.47 -0.90 -6.20
CA LYS A 50 -8.98 -2.14 -5.69
C LYS A 50 -7.62 -2.47 -6.29
N THR A 51 -6.66 -1.66 -5.94
CA THR A 51 -5.32 -1.78 -6.42
C THR A 51 -4.35 -1.46 -5.30
N THR A 52 -3.08 -1.55 -5.58
CA THR A 52 -2.05 -1.23 -4.61
C THR A 52 -0.92 -0.46 -5.29
N THR A 53 -0.08 0.19 -4.49
CA THR A 53 1.04 0.96 -5.01
C THR A 53 2.06 1.18 -3.87
N TRP A 54 3.24 1.70 -4.19
CA TRP A 54 4.28 1.94 -3.20
C TRP A 54 4.35 3.41 -2.78
N GLU A 55 4.21 4.30 -3.74
CA GLU A 55 4.29 5.71 -3.43
C GLU A 55 2.96 6.18 -2.89
N ASP A 56 2.98 7.04 -1.89
CA ASP A 56 1.75 7.56 -1.33
C ASP A 56 1.14 8.51 -2.32
N PRO A 57 -0.12 8.37 -2.63
CA PRO A 57 -0.77 9.17 -3.66
C PRO A 57 -1.05 10.61 -3.25
N ARG A 58 -0.84 10.93 -1.95
CA ARG A 58 -1.19 12.28 -1.37
C ARG A 58 -0.58 13.42 -2.19
N LEU A 59 0.50 13.11 -2.87
CA LEU A 59 1.21 14.08 -3.65
C LEU A 59 0.37 14.54 -4.85
N LYS A 60 -0.49 13.66 -5.34
CA LYS A 60 -1.30 13.96 -6.50
C LYS A 60 -2.77 14.12 -6.09
N PHE A 61 -3.19 13.33 -5.09
CA PHE A 61 -4.57 13.30 -4.57
C PHE A 61 -4.56 12.59 -3.23
N PRO A 62 -5.23 13.12 -2.19
CA PRO A 62 -5.37 12.37 -0.92
C PRO A 62 -6.14 11.11 -1.20
N VAL A 63 -7.09 11.31 -1.96
CA VAL A 63 -7.95 10.30 -2.46
C VAL A 63 -8.40 10.79 -3.81
N HIS A 64 -8.45 9.91 -4.77
CA HIS A 64 -8.92 10.31 -6.06
C HIS A 64 -10.43 10.46 -6.04
N MET A 65 -10.83 11.67 -5.67
CA MET A 65 -12.20 12.09 -5.44
C MET A 65 -13.11 11.74 -6.59
N ARG A 66 -14.07 10.91 -6.33
CA ARG A 66 -15.10 10.67 -7.31
C ARG A 66 -16.21 11.65 -7.00
N SER A 67 -16.42 12.57 -7.91
CA SER A 67 -17.38 13.60 -7.68
C SER A 67 -18.79 13.05 -7.84
N LYS A 68 -19.43 12.87 -6.72
CA LYS A 68 -20.77 12.39 -6.70
C LYS A 68 -21.72 13.54 -6.43
N MET A 1 18.19 -2.99 2.62
CA MET A 1 18.52 -4.41 2.75
C MET A 1 17.26 -5.27 2.73
N GLN A 2 17.18 -6.19 1.76
CA GLN A 2 16.07 -7.17 1.63
C GLN A 2 14.73 -6.51 1.33
N ASN A 3 14.76 -5.27 0.93
CA ASN A 3 13.54 -4.56 0.60
C ASN A 3 13.38 -4.50 -0.88
N ASN A 4 12.39 -5.17 -1.37
CA ASN A 4 12.10 -5.16 -2.78
C ASN A 4 10.73 -4.61 -2.94
N GLU A 5 10.52 -3.78 -3.91
CA GLU A 5 9.20 -3.30 -4.15
C GLU A 5 8.44 -4.26 -5.05
N GLU A 6 8.15 -5.41 -4.47
CA GLU A 6 7.42 -6.46 -5.11
C GLU A 6 5.96 -6.27 -4.76
N LEU A 7 5.18 -5.77 -5.69
CA LEU A 7 3.79 -5.45 -5.40
C LEU A 7 2.94 -6.72 -5.46
N PRO A 8 2.42 -7.19 -4.30
CA PRO A 8 1.61 -8.39 -4.25
C PRO A 8 0.21 -8.15 -4.80
N THR A 9 -0.48 -9.22 -5.08
CA THR A 9 -1.82 -9.15 -5.63
C THR A 9 -2.80 -8.67 -4.54
N TYR A 10 -3.97 -8.19 -4.94
CA TYR A 10 -4.97 -7.68 -3.99
C TYR A 10 -5.46 -8.84 -3.09
N GLU A 11 -5.30 -10.06 -3.61
CA GLU A 11 -5.62 -11.28 -2.88
C GLU A 11 -4.80 -11.38 -1.59
N GLU A 12 -3.61 -10.80 -1.59
CA GLU A 12 -2.77 -10.83 -0.41
C GLU A 12 -3.28 -9.79 0.58
N ALA A 13 -3.86 -8.73 0.07
CA ALA A 13 -4.41 -7.67 0.89
C ALA A 13 -5.64 -8.17 1.64
N LYS A 14 -6.26 -9.20 1.09
CA LYS A 14 -7.40 -9.86 1.71
C LYS A 14 -7.00 -10.38 3.10
N VAL A 15 -5.90 -11.10 3.16
CA VAL A 15 -5.40 -11.63 4.42
C VAL A 15 -4.62 -10.55 5.20
N GLY A 16 -4.08 -9.59 4.48
CA GLY A 16 -3.42 -8.48 5.15
C GLY A 16 -2.03 -8.17 4.61
N GLY A 17 -1.56 -8.95 3.68
CA GLY A 17 -0.26 -8.74 3.09
C GLY A 17 0.77 -9.65 3.70
N GLY A 18 0.83 -9.65 5.00
CA GLY A 18 1.75 -10.48 5.72
C GLY A 18 2.29 -9.74 6.91
N GLY A 19 3.58 -9.56 6.93
CA GLY A 19 4.21 -8.88 8.02
C GLY A 19 5.68 -8.70 7.76
N GLY A 20 6.30 -7.83 8.51
CA GLY A 20 7.70 -7.56 8.34
C GLY A 20 8.12 -6.33 9.10
N SER A 21 9.30 -6.35 9.67
CA SER A 21 9.81 -5.24 10.45
C SER A 21 10.59 -4.25 9.58
N LYS A 22 10.97 -4.68 8.37
CA LYS A 22 11.79 -3.86 7.46
C LYS A 22 10.99 -2.70 6.84
N VAL A 23 9.73 -2.61 7.20
CA VAL A 23 8.85 -1.62 6.63
C VAL A 23 8.81 -0.35 7.49
N THR A 24 8.12 0.64 7.00
CA THR A 24 7.91 1.87 7.72
C THR A 24 6.44 2.24 7.57
N GLN A 25 5.83 2.83 8.59
CA GLN A 25 4.42 3.16 8.53
C GLN A 25 4.24 4.54 7.92
N SER A 26 3.31 4.66 7.01
CA SER A 26 3.05 5.92 6.39
C SER A 26 1.67 6.45 6.85
N PHE A 27 1.33 7.62 6.39
CA PHE A 27 0.11 8.28 6.74
C PHE A 27 -0.95 8.12 5.67
N LEU A 28 -1.36 6.88 5.48
CA LEU A 28 -2.36 6.51 4.47
C LEU A 28 -3.58 7.46 4.49
N PRO A 29 -3.88 8.09 3.34
CA PRO A 29 -4.97 9.05 3.22
C PRO A 29 -6.35 8.36 3.01
N PRO A 30 -7.46 9.12 3.17
CA PRO A 30 -8.83 8.63 2.97
C PRO A 30 -9.04 7.89 1.62
N GLY A 31 -9.51 6.66 1.68
CA GLY A 31 -9.75 5.87 0.48
C GLY A 31 -8.68 4.84 0.23
N TRP A 32 -7.55 5.06 0.85
CA TRP A 32 -6.41 4.21 0.69
C TRP A 32 -6.24 3.32 1.91
N GLU A 33 -5.37 2.38 1.80
CA GLU A 33 -5.05 1.48 2.86
C GLU A 33 -3.60 1.13 2.71
N MET A 34 -3.02 0.60 3.74
CA MET A 34 -1.61 0.29 3.75
C MET A 34 -1.41 -1.07 4.38
N ARG A 35 -0.91 -2.02 3.64
CA ARG A 35 -0.70 -3.34 4.19
C ARG A 35 0.78 -3.64 4.21
N ILE A 36 1.21 -4.36 5.20
CA ILE A 36 2.60 -4.65 5.38
C ILE A 36 2.98 -5.89 4.60
N ALA A 37 3.88 -5.74 3.67
CA ALA A 37 4.33 -6.85 2.87
C ALA A 37 5.67 -7.37 3.41
N PRO A 38 5.90 -8.71 3.39
CA PRO A 38 7.13 -9.33 3.92
C PRO A 38 8.37 -8.91 3.15
N ASN A 39 8.17 -8.45 1.92
CA ASN A 39 9.24 -8.01 1.03
C ASN A 39 9.87 -6.69 1.45
N GLY A 40 9.42 -6.14 2.58
CA GLY A 40 10.09 -5.04 3.18
C GLY A 40 9.43 -3.69 3.01
N ARG A 41 8.33 -3.64 2.35
CA ARG A 41 7.72 -2.35 2.18
C ARG A 41 6.19 -2.49 2.31
N PRO A 42 5.50 -1.50 2.88
CA PRO A 42 4.05 -1.50 2.94
C PRO A 42 3.45 -1.00 1.61
N PHE A 43 2.50 -1.71 1.08
CA PHE A 43 1.90 -1.31 -0.17
C PHE A 43 0.60 -0.59 0.08
N PHE A 44 0.31 0.36 -0.77
CA PHE A 44 -0.88 1.14 -0.64
C PHE A 44 -1.93 0.63 -1.54
N ILE A 45 -3.09 0.68 -1.06
CA ILE A 45 -4.22 0.18 -1.74
C ILE A 45 -5.23 1.28 -1.88
N ASP A 46 -5.77 1.41 -3.02
CA ASP A 46 -6.81 2.36 -3.27
C ASP A 46 -8.09 1.60 -3.39
N HIS A 47 -8.95 1.75 -2.43
CA HIS A 47 -10.20 0.99 -2.38
C HIS A 47 -11.24 1.59 -3.28
N ASN A 48 -10.94 2.78 -3.71
CA ASN A 48 -11.79 3.53 -4.62
C ASN A 48 -11.83 2.84 -5.97
N THR A 49 -10.66 2.55 -6.51
CA THR A 49 -10.54 1.92 -7.81
C THR A 49 -10.15 0.46 -7.68
N LYS A 50 -9.86 0.05 -6.45
CA LYS A 50 -9.44 -1.32 -6.10
C LYS A 50 -8.04 -1.60 -6.69
N THR A 51 -7.20 -0.57 -6.69
CA THR A 51 -5.86 -0.70 -7.22
C THR A 51 -4.83 -0.68 -6.10
N THR A 52 -3.60 -0.98 -6.43
CA THR A 52 -2.52 -0.97 -5.46
C THR A 52 -1.27 -0.31 -6.03
N THR A 53 -0.47 0.28 -5.17
CA THR A 53 0.72 0.99 -5.60
C THR A 53 1.72 1.09 -4.43
N TRP A 54 2.94 1.43 -4.75
CA TRP A 54 3.96 1.66 -3.74
C TRP A 54 4.08 3.13 -3.46
N GLU A 55 3.66 3.92 -4.41
CA GLU A 55 3.78 5.34 -4.31
C GLU A 55 2.66 5.95 -3.50
N ASP A 56 3.00 6.60 -2.43
CA ASP A 56 2.02 7.23 -1.57
C ASP A 56 1.67 8.58 -2.14
N PRO A 57 0.38 8.86 -2.32
CA PRO A 57 -0.06 10.14 -2.85
C PRO A 57 -0.22 11.18 -1.77
N ARG A 58 -0.18 10.74 -0.50
CA ARG A 58 -0.42 11.60 0.64
C ARG A 58 0.62 12.69 0.78
N LEU A 59 1.73 12.51 0.10
CA LEU A 59 2.77 13.49 0.09
C LEU A 59 2.39 14.71 -0.73
N LYS A 60 1.48 14.53 -1.68
CA LYS A 60 1.10 15.62 -2.54
C LYS A 60 -0.33 16.07 -2.23
N PHE A 61 -1.19 15.11 -1.88
CA PHE A 61 -2.61 15.36 -1.56
C PHE A 61 -3.16 14.25 -0.67
N PRO A 62 -4.14 14.54 0.20
CA PRO A 62 -4.76 13.53 1.05
C PRO A 62 -6.03 12.93 0.40
N VAL A 63 -6.03 12.85 -0.90
CA VAL A 63 -7.17 12.34 -1.65
C VAL A 63 -6.72 11.25 -2.60
N HIS A 64 -7.65 10.78 -3.40
CA HIS A 64 -7.34 9.82 -4.43
C HIS A 64 -6.56 10.49 -5.55
N MET A 65 -5.30 10.25 -5.60
CA MET A 65 -4.55 10.64 -6.74
C MET A 65 -4.61 9.47 -7.68
N ARG A 66 -4.78 9.75 -8.94
CA ARG A 66 -5.06 8.72 -9.91
C ARG A 66 -3.91 7.75 -10.12
N SER A 67 -4.18 6.51 -9.77
CA SER A 67 -3.23 5.43 -9.91
C SER A 67 -3.24 4.91 -11.35
N LYS A 68 -4.25 5.31 -12.08
CA LYS A 68 -4.35 5.01 -13.47
C LYS A 68 -4.16 6.33 -14.21
N MET A 1 18.26 -2.57 4.91
CA MET A 1 17.27 -3.62 5.26
C MET A 1 16.83 -4.33 4.01
N GLN A 2 16.53 -5.62 4.13
CA GLN A 2 16.05 -6.37 2.97
C GLN A 2 14.63 -5.97 2.65
N ASN A 3 14.46 -5.34 1.51
CA ASN A 3 13.17 -4.88 1.09
C ASN A 3 13.06 -5.02 -0.41
N ASN A 4 11.88 -5.32 -0.87
CA ASN A 4 11.63 -5.47 -2.30
C ASN A 4 10.57 -4.50 -2.75
N GLU A 5 10.53 -4.24 -4.02
CA GLU A 5 9.59 -3.33 -4.61
C GLU A 5 8.56 -4.11 -5.41
N GLU A 6 8.42 -5.38 -5.06
CA GLU A 6 7.46 -6.28 -5.69
C GLU A 6 6.07 -5.95 -5.18
N LEU A 7 5.26 -5.37 -6.03
CA LEU A 7 3.93 -4.96 -5.64
C LEU A 7 2.95 -6.12 -5.77
N PRO A 8 2.35 -6.56 -4.66
CA PRO A 8 1.37 -7.64 -4.69
C PRO A 8 -0.02 -7.15 -5.08
N THR A 9 -0.85 -8.06 -5.54
CA THR A 9 -2.21 -7.76 -5.97
C THR A 9 -3.12 -7.53 -4.74
N TYR A 10 -4.29 -6.93 -4.97
CA TYR A 10 -5.29 -6.63 -3.94
C TYR A 10 -5.69 -7.92 -3.19
N GLU A 11 -5.69 -9.03 -3.91
CA GLU A 11 -6.03 -10.33 -3.32
C GLU A 11 -4.98 -10.78 -2.28
N GLU A 12 -3.77 -10.25 -2.39
CA GLU A 12 -2.72 -10.51 -1.40
C GLU A 12 -2.92 -9.58 -0.21
N ALA A 13 -3.52 -8.44 -0.48
CA ALA A 13 -3.81 -7.47 0.55
C ALA A 13 -4.98 -7.96 1.40
N LYS A 14 -5.89 -8.67 0.74
CA LYS A 14 -7.05 -9.29 1.37
C LYS A 14 -6.61 -10.19 2.53
N VAL A 15 -5.65 -11.06 2.27
CA VAL A 15 -5.09 -11.91 3.31
C VAL A 15 -4.15 -11.10 4.23
N GLY A 16 -3.47 -10.13 3.68
CA GLY A 16 -2.64 -9.26 4.48
C GLY A 16 -1.20 -9.30 4.07
N GLY A 17 -0.74 -10.47 3.71
CA GLY A 17 0.62 -10.65 3.30
C GLY A 17 1.24 -11.85 3.96
N GLY A 18 1.29 -11.84 5.27
CA GLY A 18 1.87 -12.93 6.00
C GLY A 18 2.66 -12.47 7.20
N GLY A 19 3.29 -11.34 7.08
CA GLY A 19 4.08 -10.81 8.16
C GLY A 19 5.35 -10.14 7.68
N GLY A 20 5.52 -8.90 8.07
CA GLY A 20 6.69 -8.17 7.73
C GLY A 20 6.79 -6.92 8.55
N SER A 21 6.52 -7.06 9.84
CA SER A 21 6.45 -5.94 10.80
C SER A 21 7.82 -5.27 11.09
N LYS A 22 8.77 -5.45 10.20
CA LYS A 22 10.10 -4.88 10.31
C LYS A 22 10.16 -3.55 9.56
N VAL A 23 9.01 -2.99 9.27
CA VAL A 23 8.92 -1.78 8.50
C VAL A 23 8.37 -0.63 9.32
N THR A 24 8.40 0.54 8.75
CA THR A 24 7.80 1.68 9.36
C THR A 24 6.47 1.93 8.64
N GLN A 25 5.48 2.46 9.33
CA GLN A 25 4.20 2.75 8.72
C GLN A 25 4.33 3.91 7.75
N SER A 26 3.62 3.86 6.66
CA SER A 26 3.68 4.88 5.66
C SER A 26 2.44 5.79 5.81
N PHE A 27 2.55 7.01 5.34
CA PHE A 27 1.52 8.05 5.50
C PHE A 27 0.30 7.91 4.61
N LEU A 28 -0.45 6.86 4.83
CA LEU A 28 -1.67 6.59 4.06
C LEU A 28 -2.72 7.72 4.11
N PRO A 29 -3.35 8.04 2.98
CA PRO A 29 -4.47 8.95 2.95
C PRO A 29 -5.82 8.17 3.00
N PRO A 30 -6.95 8.88 3.24
CA PRO A 30 -8.28 8.26 3.20
C PRO A 30 -8.58 7.69 1.81
N GLY A 31 -9.41 6.67 1.76
CA GLY A 31 -9.72 6.02 0.49
C GLY A 31 -8.82 4.84 0.25
N TRP A 32 -7.64 4.94 0.79
CA TRP A 32 -6.64 3.93 0.68
C TRP A 32 -6.61 3.14 1.98
N GLU A 33 -5.65 2.30 2.09
CA GLU A 33 -5.42 1.45 3.22
C GLU A 33 -3.97 0.99 3.03
N MET A 34 -3.35 0.41 4.01
CA MET A 34 -1.96 0.03 3.88
C MET A 34 -1.69 -1.32 4.50
N ARG A 35 -1.29 -2.25 3.68
CA ARG A 35 -0.90 -3.54 4.16
C ARG A 35 0.60 -3.57 4.22
N ILE A 36 1.10 -4.39 5.06
CA ILE A 36 2.51 -4.53 5.20
C ILE A 36 2.94 -5.70 4.35
N ALA A 37 3.89 -5.49 3.47
CA ALA A 37 4.36 -6.56 2.64
C ALA A 37 5.49 -7.30 3.34
N PRO A 38 5.46 -8.65 3.33
CA PRO A 38 6.50 -9.48 3.96
C PRO A 38 7.86 -9.23 3.33
N ASN A 39 7.83 -8.64 2.15
CA ASN A 39 9.03 -8.34 1.41
C ASN A 39 9.71 -7.04 1.88
N GLY A 40 9.22 -6.45 2.97
CA GLY A 40 9.95 -5.39 3.61
C GLY A 40 9.51 -3.96 3.33
N ARG A 41 8.45 -3.74 2.60
CA ARG A 41 7.99 -2.37 2.41
C ARG A 41 6.45 -2.37 2.42
N PRO A 42 5.83 -1.43 3.15
CA PRO A 42 4.35 -1.31 3.20
C PRO A 42 3.79 -0.75 1.88
N PHE A 43 2.64 -1.24 1.46
CA PHE A 43 2.05 -0.81 0.22
C PHE A 43 0.65 -0.29 0.44
N PHE A 44 0.22 0.59 -0.42
CA PHE A 44 -1.09 1.18 -0.30
C PHE A 44 -2.08 0.44 -1.13
N ILE A 45 -3.22 0.30 -0.59
CA ILE A 45 -4.30 -0.35 -1.21
C ILE A 45 -5.37 0.68 -1.50
N ASP A 46 -5.83 0.71 -2.71
CA ASP A 46 -6.87 1.61 -3.11
C ASP A 46 -8.16 0.89 -3.17
N HIS A 47 -9.04 1.27 -2.33
CA HIS A 47 -10.34 0.63 -2.27
C HIS A 47 -11.29 1.13 -3.31
N ASN A 48 -10.98 2.25 -3.91
CA ASN A 48 -11.81 2.82 -4.97
C ASN A 48 -11.80 1.91 -6.20
N THR A 49 -10.62 1.53 -6.60
CA THR A 49 -10.44 0.72 -7.79
C THR A 49 -10.01 -0.70 -7.48
N LYS A 50 -9.83 -0.98 -6.18
CA LYS A 50 -9.41 -2.31 -5.68
C LYS A 50 -7.99 -2.61 -6.19
N THR A 51 -7.12 -1.65 -6.10
CA THR A 51 -5.78 -1.77 -6.60
C THR A 51 -4.76 -1.52 -5.51
N THR A 52 -3.50 -1.60 -5.85
CA THR A 52 -2.43 -1.36 -4.93
C THR A 52 -1.30 -0.55 -5.59
N THR A 53 -0.51 0.11 -4.77
CA THR A 53 0.61 0.91 -5.24
C THR A 53 1.61 1.08 -4.08
N TRP A 54 2.81 1.52 -4.37
CA TRP A 54 3.82 1.71 -3.36
C TRP A 54 3.88 3.12 -2.82
N GLU A 55 3.66 4.07 -3.68
CA GLU A 55 3.87 5.46 -3.31
C GLU A 55 2.57 6.13 -2.92
N ASP A 56 2.64 7.10 -2.04
CA ASP A 56 1.46 7.81 -1.57
C ASP A 56 1.29 9.12 -2.31
N PRO A 57 0.07 9.43 -2.77
CA PRO A 57 -0.21 10.71 -3.42
C PRO A 57 -0.35 11.83 -2.38
N ARG A 58 -0.40 11.39 -1.12
CA ARG A 58 -0.54 12.24 0.06
C ARG A 58 0.55 13.30 0.11
N LEU A 59 1.69 13.00 -0.50
CA LEU A 59 2.84 13.90 -0.54
C LEU A 59 2.48 15.30 -1.07
N LYS A 60 1.52 15.36 -1.97
CA LYS A 60 1.07 16.63 -2.51
C LYS A 60 -0.35 16.98 -2.06
N PHE A 61 -1.19 15.97 -1.88
CA PHE A 61 -2.59 16.14 -1.48
C PHE A 61 -3.09 14.84 -0.93
N PRO A 62 -3.98 14.85 0.07
CA PRO A 62 -4.58 13.65 0.56
C PRO A 62 -5.67 13.16 -0.43
N VAL A 63 -5.19 12.61 -1.53
CA VAL A 63 -6.03 12.13 -2.61
C VAL A 63 -6.80 10.90 -2.18
N HIS A 64 -8.11 11.02 -2.10
CA HIS A 64 -8.94 9.89 -1.68
C HIS A 64 -9.74 9.34 -2.86
N MET A 65 -9.70 10.07 -3.96
CA MET A 65 -10.38 9.66 -5.16
C MET A 65 -9.40 9.11 -6.16
N ARG A 66 -9.37 7.83 -6.27
CA ARG A 66 -8.53 7.19 -7.23
C ARG A 66 -9.41 6.62 -8.32
N SER A 67 -9.25 7.14 -9.51
CA SER A 67 -10.02 6.67 -10.64
C SER A 67 -9.14 6.70 -11.88
N LYS A 68 -8.86 7.90 -12.36
CA LYS A 68 -8.04 8.12 -13.52
C LYS A 68 -7.80 9.61 -13.65
N MET A 1 17.21 -8.63 4.49
CA MET A 1 17.54 -7.37 3.82
C MET A 1 16.49 -7.00 2.78
N GLN A 2 15.42 -7.78 2.68
CA GLN A 2 14.38 -7.50 1.73
C GLN A 2 13.51 -6.33 2.14
N ASN A 3 13.52 -5.31 1.33
CA ASN A 3 12.70 -4.13 1.51
C ASN A 3 12.30 -3.62 0.13
N ASN A 4 12.38 -4.53 -0.84
CA ASN A 4 12.12 -4.22 -2.24
C ASN A 4 10.69 -3.82 -2.42
N GLU A 5 10.43 -2.93 -3.33
CA GLU A 5 9.09 -2.56 -3.62
C GLU A 5 8.49 -3.49 -4.67
N GLU A 6 8.27 -4.72 -4.23
CA GLU A 6 7.67 -5.76 -5.01
C GLU A 6 6.19 -5.81 -4.68
N LEU A 7 5.35 -5.41 -5.62
CA LEU A 7 3.92 -5.26 -5.35
C LEU A 7 3.18 -6.59 -5.40
N PRO A 8 2.59 -7.04 -4.28
CA PRO A 8 1.79 -8.23 -4.24
C PRO A 8 0.39 -7.98 -4.82
N THR A 9 -0.37 -9.03 -4.96
CA THR A 9 -1.71 -8.94 -5.50
C THR A 9 -2.64 -8.36 -4.43
N TYR A 10 -3.77 -7.80 -4.84
CA TYR A 10 -4.71 -7.18 -3.92
C TYR A 10 -5.23 -8.23 -2.92
N GLU A 11 -5.34 -9.46 -3.39
CA GLU A 11 -5.86 -10.55 -2.57
C GLU A 11 -4.95 -10.84 -1.35
N GLU A 12 -3.69 -10.47 -1.45
CA GLU A 12 -2.74 -10.62 -0.34
C GLU A 12 -3.13 -9.65 0.77
N ALA A 13 -3.61 -8.51 0.36
CA ALA A 13 -4.04 -7.46 1.26
C ALA A 13 -5.42 -7.77 1.79
N LYS A 14 -6.24 -8.36 0.93
CA LYS A 14 -7.60 -8.79 1.27
C LYS A 14 -7.58 -9.64 2.53
N VAL A 15 -6.73 -10.64 2.53
CA VAL A 15 -6.62 -11.54 3.63
C VAL A 15 -5.75 -10.94 4.74
N GLY A 16 -4.76 -10.14 4.35
CA GLY A 16 -3.90 -9.49 5.30
C GLY A 16 -2.70 -10.32 5.65
N GLY A 17 -2.11 -10.94 4.65
CA GLY A 17 -0.97 -11.77 4.88
C GLY A 17 0.22 -11.26 4.13
N GLY A 18 1.29 -10.97 4.84
CA GLY A 18 2.48 -10.46 4.21
C GLY A 18 3.68 -10.62 5.09
N GLY A 19 3.82 -9.70 6.01
CA GLY A 19 4.92 -9.69 6.94
C GLY A 19 4.79 -8.52 7.84
N GLY A 20 5.86 -8.10 8.48
CA GLY A 20 5.79 -6.94 9.33
C GLY A 20 6.99 -6.83 10.21
N SER A 21 6.87 -6.02 11.27
CA SER A 21 7.89 -5.82 12.30
C SER A 21 9.07 -4.95 11.82
N LYS A 22 9.58 -5.21 10.63
CA LYS A 22 10.74 -4.50 10.11
C LYS A 22 10.33 -3.18 9.45
N VAL A 23 9.06 -3.03 9.23
CA VAL A 23 8.54 -1.90 8.51
C VAL A 23 7.98 -0.82 9.42
N THR A 24 7.67 0.31 8.84
CA THR A 24 7.15 1.44 9.58
C THR A 24 5.82 1.90 8.93
N GLN A 25 4.94 2.44 9.75
CA GLN A 25 3.61 2.86 9.31
C GLN A 25 3.72 4.08 8.40
N SER A 26 2.86 4.15 7.40
CA SER A 26 2.87 5.26 6.49
C SER A 26 1.62 6.13 6.71
N PHE A 27 1.75 7.41 6.48
CA PHE A 27 0.65 8.36 6.63
C PHE A 27 -0.27 8.32 5.41
N LEU A 28 -0.92 7.19 5.23
CA LEU A 28 -1.81 6.95 4.11
C LEU A 28 -2.95 7.99 4.03
N PRO A 29 -3.41 8.32 2.82
CA PRO A 29 -4.53 9.21 2.63
C PRO A 29 -5.88 8.45 2.82
N PRO A 30 -6.96 9.18 3.20
CA PRO A 30 -8.29 8.57 3.43
C PRO A 30 -8.83 7.87 2.19
N GLY A 31 -9.24 6.64 2.33
CA GLY A 31 -9.78 5.88 1.21
C GLY A 31 -8.81 4.81 0.78
N TRP A 32 -7.61 4.94 1.27
CA TRP A 32 -6.56 3.99 1.02
C TRP A 32 -6.37 3.13 2.24
N GLU A 33 -5.68 2.06 2.06
CA GLU A 33 -5.33 1.14 3.11
C GLU A 33 -3.85 0.85 2.95
N MET A 34 -3.27 0.24 3.93
CA MET A 34 -1.87 -0.09 3.90
C MET A 34 -1.64 -1.48 4.41
N ARG A 35 -0.92 -2.26 3.65
CA ARG A 35 -0.57 -3.62 4.04
C ARG A 35 0.86 -3.87 3.88
N ILE A 36 1.33 -4.90 4.52
CA ILE A 36 2.72 -5.18 4.49
C ILE A 36 3.00 -6.33 3.53
N ALA A 37 3.99 -6.17 2.72
CA ALA A 37 4.38 -7.17 1.80
C ALA A 37 5.51 -8.02 2.41
N PRO A 38 5.60 -9.32 2.04
CA PRO A 38 6.64 -10.25 2.57
C PRO A 38 8.02 -9.83 2.14
N ASN A 39 8.05 -8.97 1.16
CA ASN A 39 9.27 -8.39 0.64
C ASN A 39 9.72 -7.21 1.50
N GLY A 40 9.09 -7.05 2.67
CA GLY A 40 9.54 -6.15 3.68
C GLY A 40 9.21 -4.69 3.49
N ARG A 41 8.14 -4.39 2.80
CA ARG A 41 7.74 -3.00 2.60
C ARG A 41 6.19 -2.88 2.66
N PRO A 42 5.66 -1.81 3.28
CA PRO A 42 4.21 -1.51 3.30
C PRO A 42 3.72 -0.85 1.99
N PHE A 43 2.67 -1.40 1.41
CA PHE A 43 2.12 -0.88 0.18
C PHE A 43 0.78 -0.23 0.40
N PHE A 44 0.43 0.67 -0.47
CA PHE A 44 -0.80 1.41 -0.39
C PHE A 44 -1.85 0.72 -1.22
N ILE A 45 -3.03 0.78 -0.75
CA ILE A 45 -4.13 0.09 -1.33
C ILE A 45 -5.28 1.06 -1.55
N ASP A 46 -5.76 1.14 -2.74
CA ASP A 46 -6.89 1.97 -3.02
C ASP A 46 -8.11 1.11 -3.21
N HIS A 47 -9.05 1.26 -2.34
CA HIS A 47 -10.28 0.46 -2.38
C HIS A 47 -11.28 0.99 -3.38
N ASN A 48 -11.12 2.24 -3.73
CA ASN A 48 -12.05 2.93 -4.61
C ASN A 48 -11.94 2.37 -6.00
N THR A 49 -10.74 2.33 -6.49
CA THR A 49 -10.45 1.89 -7.82
C THR A 49 -9.83 0.51 -7.79
N LYS A 50 -9.63 0.01 -6.55
CA LYS A 50 -9.24 -1.38 -6.33
C LYS A 50 -7.88 -1.71 -6.90
N THR A 51 -6.94 -0.85 -6.63
CA THR A 51 -5.58 -1.02 -7.08
C THR A 51 -4.60 -0.74 -5.97
N THR A 52 -3.53 -1.45 -5.97
CA THR A 52 -2.51 -1.27 -4.99
C THR A 52 -1.27 -0.67 -5.63
N THR A 53 -0.43 -0.06 -4.83
CA THR A 53 0.76 0.57 -5.34
C THR A 53 1.72 0.91 -4.20
N TRP A 54 2.91 1.31 -4.55
CA TRP A 54 3.91 1.74 -3.59
C TRP A 54 3.97 3.24 -3.57
N GLU A 55 3.36 3.82 -4.54
CA GLU A 55 3.38 5.24 -4.72
C GLU A 55 2.38 5.92 -3.80
N ASP A 56 2.84 6.93 -3.11
CA ASP A 56 2.01 7.67 -2.18
C ASP A 56 1.54 8.95 -2.83
N PRO A 57 0.25 9.06 -3.12
CA PRO A 57 -0.30 10.27 -3.72
C PRO A 57 -0.55 11.34 -2.69
N ARG A 58 -0.61 10.92 -1.42
CA ARG A 58 -0.85 11.77 -0.25
C ARG A 58 0.06 12.97 -0.26
N LEU A 59 1.25 12.80 -0.79
CA LEU A 59 2.22 13.86 -0.83
C LEU A 59 1.74 15.08 -1.65
N LYS A 60 0.97 14.82 -2.69
CA LYS A 60 0.54 15.90 -3.54
C LYS A 60 -0.97 16.12 -3.42
N PHE A 61 -1.71 15.05 -3.16
CA PHE A 61 -3.17 15.09 -3.08
C PHE A 61 -3.69 14.03 -2.09
N PRO A 62 -4.72 14.37 -1.31
CA PRO A 62 -5.38 13.40 -0.41
C PRO A 62 -6.52 12.67 -1.15
N VAL A 63 -6.35 12.57 -2.44
CA VAL A 63 -7.33 11.98 -3.32
C VAL A 63 -7.28 10.45 -3.28
N HIS A 64 -8.43 9.86 -3.34
CA HIS A 64 -8.56 8.42 -3.32
C HIS A 64 -9.27 7.92 -4.57
N MET A 65 -8.47 7.67 -5.60
CA MET A 65 -8.92 7.23 -6.91
C MET A 65 -7.68 7.12 -7.79
N ARG A 66 -7.26 5.91 -8.11
CA ARG A 66 -6.03 5.73 -8.87
C ARG A 66 -6.25 5.13 -10.26
N SER A 67 -6.82 3.95 -10.34
CA SER A 67 -7.02 3.30 -11.62
C SER A 67 -8.06 4.08 -12.42
N LYS A 68 -7.66 4.60 -13.53
CA LYS A 68 -8.51 5.40 -14.35
C LYS A 68 -8.41 4.97 -15.81
N MET A 1 19.26 -7.14 0.25
CA MET A 1 17.92 -6.57 0.07
C MET A 1 17.31 -6.34 1.42
N GLN A 2 16.97 -5.11 1.70
CA GLN A 2 16.38 -4.78 2.97
C GLN A 2 14.87 -4.80 2.85
N ASN A 3 14.42 -4.64 1.64
CA ASN A 3 13.01 -4.71 1.29
C ASN A 3 12.97 -4.96 -0.19
N ASN A 4 11.81 -5.23 -0.72
CA ASN A 4 11.68 -5.42 -2.15
C ASN A 4 10.63 -4.49 -2.70
N GLU A 5 10.58 -4.35 -4.00
CA GLU A 5 9.64 -3.47 -4.65
C GLU A 5 8.59 -4.27 -5.40
N GLU A 6 8.52 -5.55 -5.11
CA GLU A 6 7.55 -6.41 -5.75
C GLU A 6 6.16 -6.08 -5.21
N LEU A 7 5.37 -5.42 -6.03
CA LEU A 7 4.04 -4.97 -5.67
C LEU A 7 3.03 -6.11 -5.70
N PRO A 8 2.45 -6.46 -4.55
CA PRO A 8 1.42 -7.48 -4.49
C PRO A 8 0.05 -6.94 -4.90
N THR A 9 -0.80 -7.83 -5.32
CA THR A 9 -2.13 -7.49 -5.79
C THR A 9 -3.08 -7.32 -4.57
N TYR A 10 -4.26 -6.72 -4.82
CA TYR A 10 -5.28 -6.46 -3.80
C TYR A 10 -5.56 -7.73 -2.96
N GLU A 11 -5.64 -8.88 -3.64
CA GLU A 11 -5.92 -10.18 -3.00
C GLU A 11 -4.93 -10.47 -1.89
N GLU A 12 -3.68 -10.14 -2.15
CA GLU A 12 -2.59 -10.40 -1.24
C GLU A 12 -2.69 -9.52 -0.01
N ALA A 13 -3.18 -8.31 -0.21
CA ALA A 13 -3.35 -7.36 0.89
C ALA A 13 -4.56 -7.72 1.71
N LYS A 14 -5.54 -8.27 1.03
CA LYS A 14 -6.77 -8.72 1.62
C LYS A 14 -6.49 -9.78 2.69
N VAL A 15 -5.57 -10.66 2.43
CA VAL A 15 -5.18 -11.65 3.41
C VAL A 15 -4.00 -11.14 4.27
N GLY A 16 -3.06 -10.48 3.61
CA GLY A 16 -1.92 -9.91 4.27
C GLY A 16 -0.68 -10.75 4.10
N GLY A 17 -0.84 -12.06 4.19
CA GLY A 17 0.27 -12.98 4.03
C GLY A 17 1.20 -12.97 5.23
N GLY A 18 2.01 -11.95 5.32
CA GLY A 18 2.97 -11.82 6.39
C GLY A 18 3.11 -10.38 6.78
N GLY A 19 4.32 -9.92 6.89
CA GLY A 19 4.54 -8.53 7.21
C GLY A 19 5.26 -8.33 8.52
N GLY A 20 6.12 -9.26 8.88
CA GLY A 20 6.89 -9.14 10.09
C GLY A 20 8.26 -8.58 9.79
N SER A 21 8.32 -7.30 9.53
CA SER A 21 9.55 -6.67 9.17
C SER A 21 9.51 -5.20 9.57
N LYS A 22 10.65 -4.57 9.50
CA LYS A 22 10.76 -3.16 9.74
C LYS A 22 10.26 -2.42 8.51
N VAL A 23 9.53 -1.36 8.71
CA VAL A 23 9.07 -0.53 7.60
C VAL A 23 9.08 0.92 7.99
N THR A 24 8.88 1.77 7.02
CA THR A 24 8.79 3.17 7.24
C THR A 24 7.72 3.73 6.29
N GLN A 25 7.23 4.93 6.58
CA GLN A 25 6.08 5.55 5.87
C GLN A 25 4.78 4.82 6.16
N SER A 26 4.15 5.21 7.23
CA SER A 26 2.90 4.62 7.65
C SER A 26 1.78 5.66 7.53
N PHE A 27 2.00 6.64 6.68
CA PHE A 27 1.07 7.74 6.49
C PHE A 27 0.14 7.56 5.30
N LEU A 28 -0.72 6.56 5.40
CA LEU A 28 -1.68 6.27 4.34
C LEU A 28 -2.70 7.42 4.13
N PRO A 29 -3.12 7.66 2.89
CA PRO A 29 -4.17 8.65 2.61
C PRO A 29 -5.58 8.05 2.88
N PRO A 30 -6.59 8.92 3.09
CA PRO A 30 -7.97 8.48 3.36
C PRO A 30 -8.57 7.69 2.18
N GLY A 31 -9.22 6.58 2.48
CA GLY A 31 -9.86 5.78 1.45
C GLY A 31 -8.97 4.65 0.98
N TRP A 32 -7.72 4.76 1.31
CA TRP A 32 -6.72 3.80 0.94
C TRP A 32 -6.46 2.86 2.09
N GLU A 33 -5.52 1.98 1.92
CA GLU A 33 -5.17 1.01 2.91
C GLU A 33 -3.68 0.89 2.87
N MET A 34 -3.09 0.40 3.91
CA MET A 34 -1.69 0.17 3.94
C MET A 34 -1.44 -1.19 4.52
N ARG A 35 -0.92 -2.07 3.72
CA ARG A 35 -0.65 -3.39 4.20
C ARG A 35 0.84 -3.61 4.11
N ILE A 36 1.39 -4.29 5.07
CA ILE A 36 2.81 -4.54 5.08
C ILE A 36 3.09 -5.78 4.23
N ALA A 37 3.91 -5.63 3.23
CA ALA A 37 4.26 -6.75 2.42
C ALA A 37 5.35 -7.54 3.12
N PRO A 38 5.35 -8.89 3.01
CA PRO A 38 6.35 -9.76 3.66
C PRO A 38 7.79 -9.44 3.23
N ASN A 39 7.91 -8.71 2.15
CA ASN A 39 9.20 -8.28 1.62
C ASN A 39 9.81 -7.13 2.44
N GLY A 40 9.01 -6.54 3.33
CA GLY A 40 9.50 -5.55 4.21
C GLY A 40 9.15 -4.12 3.84
N ARG A 41 8.13 -3.93 3.05
CA ARG A 41 7.71 -2.58 2.70
C ARG A 41 6.16 -2.49 2.68
N PRO A 42 5.59 -1.37 3.13
CA PRO A 42 4.15 -1.15 3.09
C PRO A 42 3.68 -0.65 1.72
N PHE A 43 2.62 -1.25 1.24
CA PHE A 43 2.05 -0.84 -0.01
C PHE A 43 0.66 -0.33 0.22
N PHE A 44 0.24 0.57 -0.62
CA PHE A 44 -1.03 1.20 -0.48
C PHE A 44 -2.03 0.56 -1.38
N ILE A 45 -3.18 0.37 -0.85
CA ILE A 45 -4.27 -0.23 -1.55
C ILE A 45 -5.32 0.83 -1.78
N ASP A 46 -5.88 0.86 -2.93
CA ASP A 46 -6.91 1.78 -3.26
C ASP A 46 -8.20 1.05 -3.34
N HIS A 47 -9.06 1.34 -2.44
CA HIS A 47 -10.35 0.69 -2.34
C HIS A 47 -11.36 1.25 -3.30
N ASN A 48 -11.01 2.34 -3.90
CA ASN A 48 -11.88 3.00 -4.85
C ASN A 48 -11.89 2.25 -6.17
N THR A 49 -10.72 1.94 -6.67
CA THR A 49 -10.56 1.30 -7.98
C THR A 49 -10.16 -0.14 -7.80
N LYS A 50 -9.83 -0.47 -6.57
CA LYS A 50 -9.39 -1.77 -6.16
C LYS A 50 -8.08 -2.12 -6.83
N THR A 51 -7.06 -1.37 -6.45
CA THR A 51 -5.72 -1.50 -6.98
C THR A 51 -4.71 -1.30 -5.87
N THR A 52 -3.44 -1.49 -6.18
CA THR A 52 -2.38 -1.30 -5.21
C THR A 52 -1.21 -0.54 -5.82
N THR A 53 -0.41 0.07 -4.98
CA THR A 53 0.73 0.83 -5.41
C THR A 53 1.68 1.06 -4.23
N TRP A 54 2.91 1.39 -4.52
CA TRP A 54 3.86 1.75 -3.49
C TRP A 54 3.86 3.25 -3.32
N GLU A 55 3.34 3.92 -4.33
CA GLU A 55 3.38 5.34 -4.39
C GLU A 55 2.12 5.94 -3.82
N ASP A 56 2.30 6.76 -2.83
CA ASP A 56 1.19 7.38 -2.17
C ASP A 56 0.94 8.76 -2.76
N PRO A 57 -0.31 9.08 -3.09
CA PRO A 57 -0.68 10.41 -3.59
C PRO A 57 -0.76 11.40 -2.44
N ARG A 58 -0.66 10.85 -1.24
CA ARG A 58 -0.71 11.57 0.03
C ARG A 58 0.35 12.64 0.06
N LEU A 59 1.45 12.40 -0.63
CA LEU A 59 2.54 13.33 -0.72
C LEU A 59 2.16 14.60 -1.49
N LYS A 60 1.14 14.51 -2.33
CA LYS A 60 0.78 15.64 -3.16
C LYS A 60 -0.50 16.29 -2.61
N PHE A 61 -1.37 15.47 -2.07
CA PHE A 61 -2.67 15.89 -1.50
C PHE A 61 -3.17 14.74 -0.62
N PRO A 62 -4.04 15.00 0.35
CA PRO A 62 -4.65 13.94 1.18
C PRO A 62 -5.77 13.23 0.41
N VAL A 63 -5.46 12.83 -0.83
CA VAL A 63 -6.38 12.17 -1.77
C VAL A 63 -7.22 11.11 -1.07
N HIS A 64 -8.52 11.38 -0.99
CA HIS A 64 -9.43 10.51 -0.25
C HIS A 64 -10.24 9.61 -1.16
N MET A 65 -10.10 9.79 -2.44
CA MET A 65 -10.78 8.97 -3.41
C MET A 65 -10.10 9.00 -4.74
N ARG A 66 -10.22 7.93 -5.46
CA ARG A 66 -9.68 7.82 -6.77
C ARG A 66 -10.81 7.50 -7.70
N SER A 67 -11.17 8.46 -8.53
CA SER A 67 -12.29 8.37 -9.45
C SER A 67 -13.62 8.07 -8.73
N LYS A 68 -14.20 9.10 -8.19
CA LYS A 68 -15.43 8.98 -7.48
C LYS A 68 -16.56 9.36 -8.43
N MET A 1 16.65 -11.22 -1.03
CA MET A 1 16.96 -9.85 -0.63
C MET A 1 16.09 -9.44 0.56
N GLN A 2 16.56 -8.47 1.34
CA GLN A 2 15.83 -8.00 2.51
C GLN A 2 14.58 -7.24 2.09
N ASN A 3 14.75 -6.07 1.51
CA ASN A 3 13.61 -5.27 1.11
C ASN A 3 13.69 -4.90 -0.34
N ASN A 4 12.92 -5.58 -1.14
CA ASN A 4 12.80 -5.28 -2.55
C ASN A 4 11.54 -4.39 -2.68
N GLU A 5 10.99 -4.23 -3.85
CA GLU A 5 9.76 -3.51 -3.98
C GLU A 5 8.73 -4.36 -4.70
N GLU A 6 8.63 -5.59 -4.24
CA GLU A 6 7.69 -6.57 -4.72
C GLU A 6 6.26 -6.11 -4.36
N LEU A 7 5.52 -5.67 -5.35
CA LEU A 7 4.18 -5.17 -5.15
C LEU A 7 3.15 -6.26 -5.41
N PRO A 8 2.44 -6.71 -4.37
CA PRO A 8 1.41 -7.71 -4.51
C PRO A 8 0.08 -7.10 -4.99
N THR A 9 -0.80 -7.96 -5.46
CA THR A 9 -2.10 -7.59 -5.96
C THR A 9 -3.05 -7.35 -4.76
N TYR A 10 -4.17 -6.68 -5.00
CA TYR A 10 -5.17 -6.39 -3.99
C TYR A 10 -5.67 -7.68 -3.34
N GLU A 11 -5.88 -8.70 -4.17
CA GLU A 11 -6.32 -9.99 -3.68
C GLU A 11 -5.28 -10.64 -2.74
N GLU A 12 -4.02 -10.35 -2.98
CA GLU A 12 -2.94 -10.85 -2.15
C GLU A 12 -2.85 -10.03 -0.86
N ALA A 13 -3.38 -8.84 -0.93
CA ALA A 13 -3.33 -7.90 0.15
C ALA A 13 -4.40 -8.16 1.20
N LYS A 14 -5.50 -8.84 0.81
CA LYS A 14 -6.56 -9.12 1.79
C LYS A 14 -6.10 -10.03 2.91
N VAL A 15 -5.25 -10.94 2.56
CA VAL A 15 -4.66 -11.84 3.50
C VAL A 15 -3.43 -11.19 4.16
N GLY A 16 -2.62 -10.52 3.33
CA GLY A 16 -1.52 -9.69 3.84
C GLY A 16 -0.56 -10.40 4.77
N GLY A 17 0.10 -11.42 4.28
CA GLY A 17 1.06 -12.13 5.11
C GLY A 17 2.41 -11.43 5.13
N GLY A 18 2.44 -10.28 5.78
CA GLY A 18 3.63 -9.47 5.82
C GLY A 18 4.59 -9.82 6.92
N GLY A 19 5.76 -9.21 6.88
CA GLY A 19 6.77 -9.44 7.87
C GLY A 19 7.83 -8.37 7.80
N GLY A 20 8.98 -8.64 8.36
CA GLY A 20 10.07 -7.69 8.32
C GLY A 20 9.99 -6.69 9.46
N SER A 21 8.88 -5.96 9.50
CA SER A 21 8.56 -4.95 10.54
C SER A 21 9.41 -3.66 10.47
N LYS A 22 10.65 -3.76 10.02
CA LYS A 22 11.49 -2.59 9.88
C LYS A 22 11.14 -1.79 8.61
N VAL A 23 10.25 -0.84 8.78
CA VAL A 23 9.70 -0.08 7.67
C VAL A 23 9.58 1.39 8.03
N THR A 24 9.22 2.17 7.05
CA THR A 24 8.96 3.56 7.24
C THR A 24 7.44 3.74 7.26
N GLN A 25 6.93 4.45 8.26
CA GLN A 25 5.51 4.69 8.37
C GLN A 25 5.05 5.59 7.24
N SER A 26 4.14 5.08 6.47
CA SER A 26 3.63 5.76 5.32
C SER A 26 2.37 6.56 5.66
N PHE A 27 2.19 7.65 4.96
CA PHE A 27 1.11 8.57 5.22
C PHE A 27 -0.06 8.38 4.31
N LEU A 28 -0.67 7.23 4.45
CA LEU A 28 -1.84 6.86 3.66
C LEU A 28 -2.99 7.86 3.86
N PRO A 29 -3.64 8.27 2.76
CA PRO A 29 -4.82 9.13 2.82
C PRO A 29 -6.13 8.29 2.97
N PRO A 30 -7.27 8.96 3.29
CA PRO A 30 -8.58 8.28 3.42
C PRO A 30 -9.00 7.54 2.13
N GLY A 31 -9.35 6.27 2.28
CA GLY A 31 -9.77 5.46 1.16
C GLY A 31 -8.71 4.45 0.79
N TRP A 32 -7.53 4.69 1.29
CA TRP A 32 -6.39 3.87 1.03
C TRP A 32 -6.03 3.15 2.29
N GLU A 33 -5.50 2.00 2.12
CA GLU A 33 -5.08 1.15 3.19
C GLU A 33 -3.60 0.89 3.06
N MET A 34 -2.95 0.67 4.15
CA MET A 34 -1.55 0.40 4.15
C MET A 34 -1.30 -0.94 4.78
N ARG A 35 -0.67 -1.80 4.05
CA ARG A 35 -0.42 -3.13 4.52
C ARG A 35 1.06 -3.45 4.39
N ILE A 36 1.58 -4.18 5.36
CA ILE A 36 2.96 -4.62 5.29
C ILE A 36 3.01 -5.89 4.44
N ALA A 37 3.84 -5.89 3.46
CA ALA A 37 3.99 -7.03 2.58
C ALA A 37 5.05 -7.99 3.12
N PRO A 38 5.06 -9.28 2.65
CA PRO A 38 6.11 -10.27 3.02
C PRO A 38 7.49 -9.80 2.55
N ASN A 39 7.44 -8.84 1.66
CA ASN A 39 8.61 -8.17 1.12
C ASN A 39 9.26 -7.29 2.22
N GLY A 40 8.50 -7.04 3.28
CA GLY A 40 8.98 -6.30 4.39
C GLY A 40 8.81 -4.82 4.21
N ARG A 41 7.89 -4.42 3.38
CA ARG A 41 7.64 -3.04 3.11
C ARG A 41 6.15 -2.75 3.05
N PRO A 42 5.74 -1.53 3.42
CA PRO A 42 4.36 -1.11 3.38
C PRO A 42 3.96 -0.57 2.00
N PHE A 43 2.89 -1.10 1.47
CA PHE A 43 2.39 -0.67 0.19
C PHE A 43 1.00 -0.09 0.38
N PHE A 44 0.55 0.67 -0.58
CA PHE A 44 -0.73 1.28 -0.49
C PHE A 44 -1.73 0.50 -1.26
N ILE A 45 -2.90 0.49 -0.75
CA ILE A 45 -3.99 -0.20 -1.31
C ILE A 45 -5.13 0.77 -1.50
N ASP A 46 -5.61 0.88 -2.68
CA ASP A 46 -6.69 1.78 -2.97
C ASP A 46 -7.98 1.04 -3.05
N HIS A 47 -8.79 1.24 -2.08
CA HIS A 47 -10.09 0.56 -2.00
C HIS A 47 -11.12 1.20 -2.87
N ASN A 48 -10.78 2.35 -3.37
CA ASN A 48 -11.65 3.07 -4.25
C ASN A 48 -11.69 2.40 -5.62
N THR A 49 -10.51 2.15 -6.19
CA THR A 49 -10.40 1.55 -7.53
C THR A 49 -10.03 0.07 -7.45
N LYS A 50 -9.85 -0.42 -6.22
CA LYS A 50 -9.54 -1.83 -5.92
C LYS A 50 -8.11 -2.17 -6.40
N THR A 51 -7.18 -1.25 -6.24
CA THR A 51 -5.82 -1.43 -6.75
C THR A 51 -4.78 -1.29 -5.64
N THR A 52 -3.52 -1.50 -6.00
CA THR A 52 -2.41 -1.33 -5.07
C THR A 52 -1.26 -0.57 -5.74
N THR A 53 -0.37 0.02 -4.94
CA THR A 53 0.75 0.80 -5.46
C THR A 53 1.75 1.09 -4.33
N TRP A 54 2.90 1.63 -4.68
CA TRP A 54 3.90 2.00 -3.70
C TRP A 54 3.84 3.47 -3.37
N GLU A 55 3.29 4.26 -4.27
CA GLU A 55 3.27 5.69 -4.10
C GLU A 55 1.91 6.20 -3.68
N ASP A 56 1.92 7.11 -2.75
CA ASP A 56 0.71 7.71 -2.26
C ASP A 56 0.50 9.02 -2.97
N PRO A 57 -0.75 9.38 -3.26
CA PRO A 57 -1.06 10.66 -3.87
C PRO A 57 -1.19 11.75 -2.83
N ARG A 58 -1.17 11.32 -1.56
CA ARG A 58 -1.35 12.18 -0.39
C ARG A 58 -0.35 13.29 -0.42
N LEU A 59 0.82 13.00 -0.95
CA LEU A 59 1.90 13.98 -1.08
C LEU A 59 1.46 15.24 -1.83
N LYS A 60 0.50 15.09 -2.73
CA LYS A 60 0.07 16.20 -3.53
C LYS A 60 -1.34 16.62 -3.15
N PHE A 61 -2.15 15.65 -2.76
CA PHE A 61 -3.55 15.85 -2.33
C PHE A 61 -3.99 14.61 -1.59
N PRO A 62 -4.78 14.72 -0.53
CA PRO A 62 -5.33 13.55 0.14
C PRO A 62 -6.49 12.98 -0.68
N VAL A 63 -6.13 12.39 -1.82
CA VAL A 63 -7.05 11.89 -2.81
C VAL A 63 -7.96 10.80 -2.27
N HIS A 64 -9.19 11.19 -2.08
CA HIS A 64 -10.22 10.30 -1.66
C HIS A 64 -11.29 10.28 -2.72
N MET A 65 -11.37 9.19 -3.41
CA MET A 65 -12.37 8.99 -4.42
C MET A 65 -13.64 8.47 -3.73
N ARG A 66 -14.71 8.34 -4.48
CA ARG A 66 -15.93 7.77 -3.94
C ARG A 66 -15.69 6.27 -3.86
N SER A 67 -15.47 5.76 -2.67
CA SER A 67 -15.20 4.36 -2.51
C SER A 67 -16.45 3.54 -2.79
N LYS A 68 -16.36 2.75 -3.81
CA LYS A 68 -17.46 1.93 -4.23
C LYS A 68 -16.95 0.54 -4.61
N MET A 1 18.19 -2.68 -1.47
CA MET A 1 19.10 -3.72 -0.98
C MET A 1 18.36 -4.69 -0.06
N GLN A 2 17.86 -4.17 1.07
CA GLN A 2 17.18 -4.97 2.07
C GLN A 2 15.82 -5.45 1.61
N ASN A 3 15.02 -4.55 1.12
CA ASN A 3 13.66 -4.87 0.75
C ASN A 3 13.51 -4.99 -0.76
N ASN A 4 12.34 -5.41 -1.18
CA ASN A 4 12.03 -5.51 -2.60
C ASN A 4 10.73 -4.79 -2.90
N GLU A 5 10.61 -4.29 -4.11
CA GLU A 5 9.45 -3.53 -4.54
C GLU A 5 8.50 -4.39 -5.38
N GLU A 6 8.45 -5.65 -5.04
CA GLU A 6 7.57 -6.61 -5.68
C GLU A 6 6.13 -6.37 -5.18
N LEU A 7 5.31 -5.75 -6.01
CA LEU A 7 3.96 -5.33 -5.62
C LEU A 7 2.97 -6.51 -5.65
N PRO A 8 2.42 -6.87 -4.48
CA PRO A 8 1.43 -7.95 -4.38
C PRO A 8 0.04 -7.51 -4.88
N THR A 9 -0.82 -8.49 -5.05
CA THR A 9 -2.18 -8.28 -5.52
C THR A 9 -3.08 -7.84 -4.34
N TYR A 10 -4.25 -7.29 -4.65
CA TYR A 10 -5.23 -6.82 -3.67
C TYR A 10 -5.59 -7.97 -2.71
N GLU A 11 -5.71 -9.16 -3.28
CA GLU A 11 -6.07 -10.38 -2.54
C GLU A 11 -5.08 -10.67 -1.42
N GLU A 12 -3.81 -10.33 -1.63
CA GLU A 12 -2.78 -10.55 -0.64
C GLU A 12 -2.99 -9.55 0.50
N ALA A 13 -3.35 -8.34 0.13
CA ALA A 13 -3.58 -7.23 1.06
C ALA A 13 -4.85 -7.43 1.88
N LYS A 14 -5.71 -8.31 1.39
CA LYS A 14 -6.92 -8.64 2.06
C LYS A 14 -6.59 -9.26 3.41
N VAL A 15 -5.61 -10.14 3.41
CA VAL A 15 -5.22 -10.80 4.63
C VAL A 15 -3.94 -10.16 5.21
N GLY A 16 -3.11 -9.61 4.34
CA GLY A 16 -1.93 -8.93 4.77
C GLY A 16 -0.68 -9.59 4.22
N GLY A 17 -0.76 -10.87 4.00
CA GLY A 17 0.37 -11.59 3.51
C GLY A 17 0.92 -12.48 4.58
N GLY A 18 1.65 -11.89 5.50
CA GLY A 18 2.23 -12.62 6.60
C GLY A 18 3.65 -13.01 6.30
N GLY A 19 4.54 -12.73 7.21
CA GLY A 19 5.92 -13.07 7.02
C GLY A 19 6.82 -12.15 7.81
N GLY A 20 8.09 -12.13 7.45
CA GLY A 20 9.06 -11.29 8.14
C GLY A 20 8.95 -9.82 7.73
N SER A 21 7.83 -9.24 8.01
CA SER A 21 7.57 -7.87 7.68
C SER A 21 8.24 -6.91 8.67
N LYS A 22 9.17 -6.13 8.17
CA LYS A 22 9.86 -5.12 8.94
C LYS A 22 9.99 -3.81 8.13
N VAL A 23 9.18 -2.83 8.46
CA VAL A 23 9.11 -1.59 7.68
C VAL A 23 8.84 -0.38 8.55
N THR A 24 8.71 0.75 7.91
CA THR A 24 8.32 1.97 8.54
C THR A 24 6.90 2.30 8.07
N GLN A 25 6.09 2.88 8.93
CA GLN A 25 4.71 3.18 8.59
C GLN A 25 4.64 4.50 7.81
N SER A 26 3.53 4.71 7.14
CA SER A 26 3.33 5.93 6.41
C SER A 26 1.92 6.47 6.73
N PHE A 27 1.66 7.68 6.32
CA PHE A 27 0.43 8.37 6.60
C PHE A 27 -0.56 8.29 5.48
N LEU A 28 -1.01 7.07 5.22
CA LEU A 28 -1.97 6.75 4.13
C LEU A 28 -3.18 7.72 4.09
N PRO A 29 -3.64 8.06 2.86
CA PRO A 29 -4.82 8.90 2.67
C PRO A 29 -6.09 8.05 2.79
N PRO A 30 -7.24 8.67 3.13
CA PRO A 30 -8.53 7.95 3.21
C PRO A 30 -8.88 7.25 1.90
N GLY A 31 -9.60 6.16 1.97
CA GLY A 31 -9.98 5.42 0.78
C GLY A 31 -8.94 4.38 0.43
N TRP A 32 -7.75 4.58 0.93
CA TRP A 32 -6.66 3.70 0.71
C TRP A 32 -6.49 2.78 1.90
N GLU A 33 -5.50 1.96 1.83
CA GLU A 33 -5.20 1.01 2.85
C GLU A 33 -3.70 0.90 2.87
N MET A 34 -3.14 0.49 3.96
CA MET A 34 -1.73 0.29 4.03
C MET A 34 -1.48 -1.07 4.59
N ARG A 35 -0.91 -1.93 3.79
CA ARG A 35 -0.61 -3.26 4.24
C ARG A 35 0.86 -3.49 4.15
N ILE A 36 1.38 -4.20 5.09
CA ILE A 36 2.77 -4.44 5.15
C ILE A 36 3.08 -5.73 4.42
N ALA A 37 3.93 -5.68 3.44
CA ALA A 37 4.27 -6.88 2.71
C ALA A 37 5.49 -7.56 3.32
N PRO A 38 5.62 -8.90 3.15
CA PRO A 38 6.76 -9.68 3.68
C PRO A 38 8.08 -9.31 3.01
N ASN A 39 8.00 -8.59 1.90
CA ASN A 39 9.17 -8.16 1.13
C ASN A 39 9.90 -6.98 1.78
N GLY A 40 9.34 -6.46 2.86
CA GLY A 40 9.95 -5.37 3.54
C GLY A 40 9.48 -4.01 3.06
N ARG A 41 8.33 -3.99 2.43
CA ARG A 41 7.73 -2.76 1.96
C ARG A 41 6.22 -2.73 2.24
N PRO A 42 5.72 -1.62 2.79
CA PRO A 42 4.29 -1.40 2.94
C PRO A 42 3.68 -0.85 1.63
N PHE A 43 2.59 -1.43 1.19
CA PHE A 43 1.96 -0.99 -0.04
C PHE A 43 0.60 -0.42 0.23
N PHE A 44 0.17 0.45 -0.64
CA PHE A 44 -1.09 1.12 -0.50
C PHE A 44 -2.09 0.54 -1.44
N ILE A 45 -3.23 0.31 -0.92
CA ILE A 45 -4.33 -0.26 -1.64
C ILE A 45 -5.37 0.82 -1.81
N ASP A 46 -5.84 0.99 -2.98
CA ASP A 46 -6.86 1.96 -3.23
C ASP A 46 -8.15 1.28 -3.42
N HIS A 47 -9.05 1.52 -2.53
CA HIS A 47 -10.35 0.88 -2.57
C HIS A 47 -11.29 1.58 -3.55
N ASN A 48 -10.91 2.75 -3.99
CA ASN A 48 -11.71 3.53 -4.93
C ASN A 48 -11.65 2.91 -6.32
N THR A 49 -10.46 2.56 -6.75
CA THR A 49 -10.25 2.02 -8.08
C THR A 49 -9.96 0.55 -7.99
N LYS A 50 -9.66 0.13 -6.79
CA LYS A 50 -9.28 -1.23 -6.47
C LYS A 50 -7.97 -1.57 -7.14
N THR A 51 -6.93 -0.88 -6.71
CA THR A 51 -5.60 -1.05 -7.26
C THR A 51 -4.61 -0.96 -6.10
N THR A 52 -3.36 -1.27 -6.34
CA THR A 52 -2.34 -1.17 -5.32
C THR A 52 -1.12 -0.46 -5.87
N THR A 53 -0.35 0.17 -5.01
CA THR A 53 0.84 0.88 -5.41
C THR A 53 1.80 1.00 -4.21
N TRP A 54 3.01 1.45 -4.46
CA TRP A 54 3.98 1.65 -3.39
C TRP A 54 4.00 3.08 -2.92
N GLU A 55 3.67 3.97 -3.80
CA GLU A 55 3.73 5.37 -3.51
C GLU A 55 2.49 5.81 -2.78
N ASP A 56 2.65 6.62 -1.77
CA ASP A 56 1.50 7.20 -1.13
C ASP A 56 1.18 8.48 -1.86
N PRO A 57 -0.02 8.59 -2.41
CA PRO A 57 -0.40 9.76 -3.16
C PRO A 57 -0.75 10.91 -2.26
N ARG A 58 -0.88 10.59 -0.97
CA ARG A 58 -1.29 11.52 0.09
C ARG A 58 -0.46 12.79 0.02
N LEU A 59 0.79 12.64 -0.36
CA LEU A 59 1.70 13.75 -0.48
C LEU A 59 1.20 14.82 -1.49
N LYS A 60 0.59 14.38 -2.57
CA LYS A 60 0.17 15.26 -3.63
C LYS A 60 -1.38 15.33 -3.79
N PHE A 61 -2.08 14.23 -3.50
CA PHE A 61 -3.54 14.14 -3.63
C PHE A 61 -4.12 13.15 -2.63
N PRO A 62 -5.27 13.45 -2.04
CA PRO A 62 -5.99 12.50 -1.21
C PRO A 62 -6.91 11.63 -2.11
N VAL A 63 -8.09 11.29 -1.60
CA VAL A 63 -9.09 10.52 -2.35
C VAL A 63 -9.30 11.09 -3.77
N HIS A 64 -9.20 10.24 -4.75
CA HIS A 64 -9.44 10.64 -6.11
C HIS A 64 -10.92 10.64 -6.37
N MET A 65 -11.51 11.84 -6.47
CA MET A 65 -12.94 11.99 -6.69
C MET A 65 -13.32 11.44 -8.03
N ARG A 66 -12.52 11.71 -9.02
CA ARG A 66 -12.80 11.24 -10.32
C ARG A 66 -12.20 9.87 -10.53
N SER A 67 -13.03 8.90 -10.42
CA SER A 67 -12.67 7.56 -10.67
C SER A 67 -13.25 7.18 -12.03
N LYS A 68 -12.93 6.04 -12.53
CA LYS A 68 -13.45 5.63 -13.80
C LYS A 68 -14.52 4.57 -13.61
N MET A 1 19.12 -3.77 -0.61
CA MET A 1 17.95 -3.48 0.21
C MET A 1 17.03 -4.67 0.24
N GLN A 2 16.65 -5.10 1.42
CA GLN A 2 15.76 -6.24 1.54
C GLN A 2 14.31 -5.83 1.33
N ASN A 3 14.03 -4.55 1.49
CA ASN A 3 12.72 -4.04 1.11
C ASN A 3 12.66 -4.04 -0.40
N ASN A 4 11.60 -4.52 -0.97
CA ASN A 4 11.55 -4.66 -2.42
C ASN A 4 10.43 -3.84 -3.02
N GLU A 5 10.34 -3.88 -4.33
CA GLU A 5 9.29 -3.20 -5.04
C GLU A 5 8.32 -4.22 -5.57
N GLU A 6 8.46 -5.45 -5.09
CA GLU A 6 7.60 -6.55 -5.44
C GLU A 6 6.21 -6.25 -4.89
N LEU A 7 5.35 -5.80 -5.76
CA LEU A 7 4.04 -5.35 -5.39
C LEU A 7 3.07 -6.51 -5.45
N PRO A 8 2.42 -6.84 -4.33
CA PRO A 8 1.46 -7.91 -4.30
C PRO A 8 0.09 -7.46 -4.80
N THR A 9 -0.70 -8.43 -5.20
CA THR A 9 -2.02 -8.18 -5.70
C THR A 9 -2.97 -7.89 -4.52
N TYR A 10 -4.11 -7.28 -4.84
CA TYR A 10 -5.13 -6.89 -3.87
C TYR A 10 -5.57 -8.09 -2.98
N GLU A 11 -5.51 -9.31 -3.50
CA GLU A 11 -5.86 -10.50 -2.73
C GLU A 11 -4.83 -10.86 -1.67
N GLU A 12 -3.61 -10.41 -1.85
CA GLU A 12 -2.60 -10.62 -0.85
C GLU A 12 -2.75 -9.54 0.22
N ALA A 13 -3.33 -8.43 -0.20
CA ALA A 13 -3.54 -7.28 0.66
C ALA A 13 -4.79 -7.47 1.52
N LYS A 14 -5.77 -8.24 1.02
CA LYS A 14 -7.01 -8.47 1.76
C LYS A 14 -6.78 -9.23 3.05
N VAL A 15 -5.71 -9.96 3.06
CA VAL A 15 -5.32 -10.73 4.21
C VAL A 15 -4.12 -10.07 4.92
N GLY A 16 -3.20 -9.52 4.14
CA GLY A 16 -2.07 -8.84 4.73
C GLY A 16 -0.92 -9.78 4.97
N GLY A 17 -0.40 -10.37 3.90
CA GLY A 17 0.69 -11.33 4.03
C GLY A 17 2.05 -10.67 4.23
N GLY A 18 2.16 -9.86 5.24
CA GLY A 18 3.40 -9.20 5.54
C GLY A 18 3.35 -8.56 6.91
N GLY A 19 4.50 -8.38 7.52
CA GLY A 19 4.56 -7.80 8.83
C GLY A 19 5.54 -6.65 8.89
N GLY A 20 5.08 -5.52 9.39
CA GLY A 20 5.93 -4.35 9.49
C GLY A 20 6.74 -4.38 10.75
N SER A 21 7.84 -5.08 10.71
CA SER A 21 8.67 -5.27 11.85
C SER A 21 9.76 -4.18 11.97
N LYS A 22 10.36 -3.78 10.83
CA LYS A 22 11.43 -2.78 10.89
C LYS A 22 11.18 -1.65 9.88
N VAL A 23 9.99 -1.58 9.38
CA VAL A 23 9.68 -0.59 8.35
C VAL A 23 8.92 0.60 8.91
N THR A 24 8.79 1.61 8.10
CA THR A 24 8.20 2.84 8.51
C THR A 24 6.76 2.92 8.02
N GLN A 25 5.82 3.00 8.95
CA GLN A 25 4.42 3.18 8.62
C GLN A 25 4.21 4.54 7.95
N SER A 26 3.54 4.54 6.84
CA SER A 26 3.37 5.73 6.05
C SER A 26 1.99 6.38 6.30
N PHE A 27 1.85 7.62 5.89
CA PHE A 27 0.66 8.42 6.13
C PHE A 27 -0.44 8.20 5.12
N LEU A 28 -0.95 6.98 5.13
CA LEU A 28 -2.03 6.54 4.24
C LEU A 28 -3.23 7.51 4.26
N PRO A 29 -3.71 7.93 3.08
CA PRO A 29 -4.86 8.83 2.98
C PRO A 29 -6.21 8.08 3.09
N PRO A 30 -7.34 8.82 3.18
CA PRO A 30 -8.68 8.20 3.24
C PRO A 30 -9.04 7.53 1.91
N GLY A 31 -9.57 6.34 1.98
CA GLY A 31 -9.93 5.61 0.77
C GLY A 31 -8.89 4.57 0.47
N TRP A 32 -7.77 4.72 1.12
CA TRP A 32 -6.65 3.84 0.97
C TRP A 32 -6.51 3.05 2.23
N GLU A 33 -5.55 2.20 2.24
CA GLU A 33 -5.25 1.38 3.35
C GLU A 33 -3.79 1.00 3.14
N MET A 34 -3.13 0.53 4.14
CA MET A 34 -1.73 0.22 4.01
C MET A 34 -1.42 -1.09 4.69
N ARG A 35 -1.03 -2.05 3.89
CA ARG A 35 -0.61 -3.34 4.38
C ARG A 35 0.88 -3.44 4.21
N ILE A 36 1.43 -4.51 4.69
CA ILE A 36 2.82 -4.76 4.55
C ILE A 36 2.98 -5.86 3.53
N ALA A 37 3.93 -5.72 2.65
CA ALA A 37 4.17 -6.71 1.65
C ALA A 37 5.05 -7.83 2.23
N PRO A 38 5.01 -9.04 1.63
CA PRO A 38 5.83 -10.19 2.08
C PRO A 38 7.35 -9.87 2.12
N ASN A 39 7.74 -8.86 1.35
CA ASN A 39 9.14 -8.43 1.33
C ASN A 39 9.45 -7.50 2.50
N GLY A 40 8.44 -7.20 3.30
CA GLY A 40 8.63 -6.44 4.49
C GLY A 40 8.26 -4.99 4.38
N ARG A 41 8.15 -4.48 3.19
CA ARG A 41 7.90 -3.05 2.95
C ARG A 41 6.38 -2.77 2.85
N PRO A 42 5.93 -1.64 3.41
CA PRO A 42 4.51 -1.23 3.36
C PRO A 42 4.09 -0.69 1.98
N PHE A 43 2.90 -1.02 1.56
CA PHE A 43 2.37 -0.57 0.30
C PHE A 43 0.96 -0.04 0.48
N PHE A 44 0.52 0.77 -0.43
CA PHE A 44 -0.77 1.39 -0.33
C PHE A 44 -1.78 0.67 -1.17
N ILE A 45 -2.91 0.46 -0.59
CA ILE A 45 -4.00 -0.18 -1.22
C ILE A 45 -5.08 0.85 -1.47
N ASP A 46 -5.50 0.97 -2.70
CA ASP A 46 -6.52 1.92 -3.08
C ASP A 46 -7.81 1.19 -3.19
N HIS A 47 -8.71 1.44 -2.29
CA HIS A 47 -10.01 0.78 -2.30
C HIS A 47 -10.98 1.42 -3.25
N ASN A 48 -10.59 2.57 -3.76
CA ASN A 48 -11.40 3.29 -4.73
C ASN A 48 -11.45 2.52 -6.05
N THR A 49 -10.31 2.03 -6.47
CA THR A 49 -10.17 1.33 -7.75
C THR A 49 -9.82 -0.11 -7.52
N LYS A 50 -9.50 -0.41 -6.27
CA LYS A 50 -9.06 -1.71 -5.82
C LYS A 50 -7.76 -2.08 -6.49
N THR A 51 -6.74 -1.33 -6.17
CA THR A 51 -5.44 -1.48 -6.74
C THR A 51 -4.43 -1.28 -5.64
N THR A 52 -3.19 -1.56 -5.91
CA THR A 52 -2.14 -1.41 -4.94
C THR A 52 -0.94 -0.73 -5.58
N THR A 53 -0.18 -0.01 -4.80
CA THR A 53 0.97 0.73 -5.31
C THR A 53 1.94 1.06 -4.16
N TRP A 54 3.13 1.49 -4.51
CA TRP A 54 4.11 1.90 -3.53
C TRP A 54 4.12 3.41 -3.39
N GLU A 55 3.55 4.06 -4.37
CA GLU A 55 3.57 5.50 -4.43
C GLU A 55 2.50 6.11 -3.54
N ASP A 56 2.89 7.03 -2.71
CA ASP A 56 1.95 7.72 -1.85
C ASP A 56 1.31 8.86 -2.61
N PRO A 57 0.00 8.83 -2.77
CA PRO A 57 -0.71 9.84 -3.54
C PRO A 57 -0.92 11.11 -2.76
N ARG A 58 -0.90 10.99 -1.43
CA ARG A 58 -1.21 12.11 -0.52
C ARG A 58 -0.31 13.32 -0.67
N LEU A 59 0.73 13.19 -1.46
CA LEU A 59 1.56 14.31 -1.73
C LEU A 59 0.87 15.27 -2.71
N LYS A 60 0.06 14.71 -3.62
CA LYS A 60 -0.69 15.52 -4.57
C LYS A 60 -2.21 15.47 -4.37
N PHE A 61 -2.75 14.32 -3.92
CA PHE A 61 -4.21 14.11 -3.76
C PHE A 61 -4.48 13.01 -2.74
N PRO A 62 -5.58 13.11 -1.98
CA PRO A 62 -5.94 12.08 -1.01
C PRO A 62 -6.73 10.93 -1.65
N VAL A 63 -6.55 10.76 -2.93
CA VAL A 63 -7.24 9.77 -3.70
C VAL A 63 -6.44 9.50 -4.97
N HIS A 64 -6.57 8.32 -5.54
CA HIS A 64 -5.89 8.04 -6.78
C HIS A 64 -6.78 8.50 -7.89
N MET A 65 -6.34 9.47 -8.67
CA MET A 65 -7.11 9.95 -9.81
C MET A 65 -7.34 8.79 -10.75
N ARG A 66 -8.52 8.72 -11.35
CA ARG A 66 -8.83 7.60 -12.20
C ARG A 66 -8.10 7.73 -13.52
N SER A 67 -6.94 7.16 -13.57
CA SER A 67 -6.12 7.16 -14.74
C SER A 67 -5.73 5.74 -15.05
N LYS A 68 -6.28 5.20 -16.10
CA LYS A 68 -5.95 3.87 -16.52
C LYS A 68 -6.14 3.77 -18.00
N MET A 1 18.12 -8.29 -1.61
CA MET A 1 17.15 -7.20 -1.42
C MET A 1 16.18 -7.56 -0.32
N GLN A 2 16.19 -6.80 0.74
CA GLN A 2 15.27 -7.05 1.84
C GLN A 2 14.11 -6.06 1.82
N ASN A 3 14.10 -5.21 0.83
CA ASN A 3 12.99 -4.31 0.53
C ASN A 3 12.71 -4.37 -0.95
N ASN A 4 11.67 -5.06 -1.32
CA ASN A 4 11.35 -5.27 -2.72
C ASN A 4 10.24 -4.38 -3.18
N GLU A 5 10.27 -4.07 -4.45
CA GLU A 5 9.20 -3.30 -5.07
C GLU A 5 8.21 -4.26 -5.70
N GLU A 6 8.31 -5.53 -5.33
CA GLU A 6 7.42 -6.56 -5.78
C GLU A 6 6.05 -6.24 -5.22
N LEU A 7 5.20 -5.70 -6.05
CA LEU A 7 3.90 -5.25 -5.66
C LEU A 7 2.95 -6.43 -5.61
N PRO A 8 2.51 -6.82 -4.41
CA PRO A 8 1.66 -7.97 -4.25
C PRO A 8 0.26 -7.72 -4.78
N THR A 9 -0.45 -8.79 -4.99
CA THR A 9 -1.80 -8.73 -5.48
C THR A 9 -2.70 -8.23 -4.34
N TYR A 10 -3.89 -7.77 -4.67
CA TYR A 10 -4.81 -7.27 -3.67
C TYR A 10 -5.19 -8.43 -2.74
N GLU A 11 -5.17 -9.66 -3.28
CA GLU A 11 -5.46 -10.87 -2.49
C GLU A 11 -4.45 -11.01 -1.33
N GLU A 12 -3.26 -10.50 -1.53
CA GLU A 12 -2.23 -10.54 -0.50
C GLU A 12 -2.57 -9.53 0.60
N ALA A 13 -3.16 -8.41 0.20
CA ALA A 13 -3.58 -7.40 1.18
C ALA A 13 -4.83 -7.88 1.90
N LYS A 14 -5.66 -8.54 1.15
CA LYS A 14 -6.88 -9.19 1.62
C LYS A 14 -6.57 -10.17 2.74
N VAL A 15 -5.60 -11.02 2.50
CA VAL A 15 -5.19 -12.01 3.46
C VAL A 15 -4.26 -11.38 4.53
N GLY A 16 -3.66 -10.26 4.18
CA GLY A 16 -2.85 -9.49 5.11
C GLY A 16 -1.40 -9.36 4.69
N GLY A 17 -0.85 -10.42 4.15
CA GLY A 17 0.52 -10.41 3.72
C GLY A 17 1.48 -10.55 4.88
N GLY A 18 2.03 -9.45 5.30
CA GLY A 18 2.91 -9.45 6.45
C GLY A 18 2.21 -8.90 7.66
N GLY A 19 2.93 -8.70 8.73
CA GLY A 19 2.32 -8.19 9.93
C GLY A 19 3.19 -7.19 10.64
N GLY A 20 4.11 -7.69 11.43
CA GLY A 20 5.01 -6.84 12.16
C GLY A 20 6.38 -6.79 11.50
N SER A 21 6.64 -5.74 10.77
CA SER A 21 7.88 -5.61 10.07
C SER A 21 8.64 -4.32 10.46
N LYS A 22 9.86 -4.23 9.94
CA LYS A 22 10.82 -3.11 10.13
C LYS A 22 10.42 -1.86 9.33
N VAL A 23 9.16 -1.72 9.06
CA VAL A 23 8.70 -0.72 8.14
C VAL A 23 8.24 0.55 8.82
N THR A 24 8.01 1.54 8.01
CA THR A 24 7.54 2.82 8.48
C THR A 24 6.02 2.87 8.27
N GLN A 25 5.36 3.77 8.95
CA GLN A 25 3.95 3.93 8.77
C GLN A 25 3.64 5.32 8.25
N SER A 26 3.07 5.38 7.07
CA SER A 26 2.73 6.63 6.44
C SER A 26 1.32 7.06 6.87
N PHE A 27 1.08 8.35 6.83
CA PHE A 27 -0.20 8.93 7.17
C PHE A 27 -1.17 8.84 6.00
N LEU A 28 -1.50 7.60 5.66
CA LEU A 28 -2.30 7.22 4.50
C LEU A 28 -3.58 8.08 4.31
N PRO A 29 -3.92 8.37 3.05
CA PRO A 29 -5.11 9.15 2.71
C PRO A 29 -6.42 8.32 2.79
N PRO A 30 -7.51 8.97 3.26
CA PRO A 30 -8.87 8.35 3.29
C PRO A 30 -9.24 7.70 1.95
N GLY A 31 -9.53 6.41 1.98
CA GLY A 31 -9.85 5.68 0.77
C GLY A 31 -8.74 4.70 0.45
N TRP A 32 -7.58 5.04 0.92
CA TRP A 32 -6.42 4.23 0.74
C TRP A 32 -6.14 3.47 2.01
N GLU A 33 -5.30 2.53 1.91
CA GLU A 33 -4.92 1.71 3.00
C GLU A 33 -3.47 1.34 2.80
N MET A 34 -2.86 0.80 3.78
CA MET A 34 -1.44 0.47 3.72
C MET A 34 -1.21 -0.81 4.44
N ARG A 35 -0.77 -1.81 3.74
CA ARG A 35 -0.49 -3.08 4.35
C ARG A 35 0.89 -3.56 4.13
N ILE A 36 1.27 -4.51 4.91
CA ILE A 36 2.61 -5.03 4.90
C ILE A 36 2.73 -6.12 3.87
N ALA A 37 3.66 -5.97 2.97
CA ALA A 37 3.94 -6.98 1.99
C ALA A 37 4.94 -7.94 2.59
N PRO A 38 4.82 -9.25 2.30
CA PRO A 38 5.71 -10.29 2.84
C PRO A 38 7.22 -10.05 2.56
N ASN A 39 7.55 -9.15 1.64
CA ASN A 39 8.95 -8.84 1.37
C ASN A 39 9.54 -7.92 2.45
N GLY A 40 8.68 -7.31 3.26
CA GLY A 40 9.17 -6.44 4.28
C GLY A 40 8.97 -4.96 3.97
N ARG A 41 7.97 -4.65 3.18
CA ARG A 41 7.72 -3.26 2.80
C ARG A 41 6.19 -3.02 2.81
N PRO A 42 5.72 -1.86 3.29
CA PRO A 42 4.31 -1.52 3.27
C PRO A 42 3.88 -0.90 1.93
N PHE A 43 2.82 -1.41 1.37
CA PHE A 43 2.32 -0.92 0.11
C PHE A 43 0.99 -0.23 0.28
N PHE A 44 0.71 0.70 -0.59
CA PHE A 44 -0.51 1.45 -0.54
C PHE A 44 -1.57 0.78 -1.37
N ILE A 45 -2.74 0.84 -0.88
CA ILE A 45 -3.86 0.18 -1.45
C ILE A 45 -4.95 1.21 -1.69
N ASP A 46 -5.50 1.20 -2.87
CA ASP A 46 -6.57 2.08 -3.23
C ASP A 46 -7.86 1.29 -3.30
N HIS A 47 -8.73 1.53 -2.36
CA HIS A 47 -10.00 0.79 -2.26
C HIS A 47 -11.02 1.33 -3.22
N ASN A 48 -10.71 2.48 -3.75
CA ASN A 48 -11.52 3.16 -4.72
C ASN A 48 -11.56 2.37 -6.02
N THR A 49 -10.38 2.06 -6.52
CA THR A 49 -10.25 1.39 -7.81
C THR A 49 -9.67 -0.02 -7.69
N LYS A 50 -9.51 -0.48 -6.45
CA LYS A 50 -9.02 -1.85 -6.15
C LYS A 50 -7.59 -2.04 -6.64
N THR A 51 -6.82 -1.00 -6.56
CA THR A 51 -5.45 -1.03 -7.03
C THR A 51 -4.46 -0.91 -5.87
N THR A 52 -3.24 -1.24 -6.14
CA THR A 52 -2.18 -1.13 -5.15
C THR A 52 -0.96 -0.46 -5.77
N THR A 53 -0.12 0.14 -4.95
CA THR A 53 1.05 0.86 -5.44
C THR A 53 2.05 1.12 -4.29
N TRP A 54 3.22 1.60 -4.63
CA TRP A 54 4.23 1.96 -3.65
C TRP A 54 4.30 3.46 -3.50
N GLU A 55 3.73 4.18 -4.47
CA GLU A 55 3.73 5.60 -4.41
C GLU A 55 2.49 6.17 -3.73
N ASP A 56 2.72 7.11 -2.87
CA ASP A 56 1.69 7.72 -2.05
C ASP A 56 1.10 8.95 -2.71
N PRO A 57 -0.23 9.13 -2.67
CA PRO A 57 -0.85 10.31 -3.19
C PRO A 57 -1.16 11.39 -2.15
N ARG A 58 -1.03 11.11 -0.82
CA ARG A 58 -1.39 12.13 0.19
C ARG A 58 -0.45 13.31 0.17
N LEU A 59 0.64 13.16 -0.51
CA LEU A 59 1.56 14.23 -0.73
C LEU A 59 1.00 15.28 -1.73
N LYS A 60 0.10 14.84 -2.63
CA LYS A 60 -0.53 15.76 -3.60
C LYS A 60 -2.03 16.00 -3.32
N PHE A 61 -2.71 15.00 -2.75
CA PHE A 61 -4.15 15.08 -2.46
C PHE A 61 -4.43 14.30 -1.19
N PRO A 62 -5.39 14.73 -0.35
CA PRO A 62 -5.75 13.97 0.86
C PRO A 62 -6.51 12.72 0.53
N VAL A 63 -6.96 12.69 -0.66
CA VAL A 63 -7.69 11.57 -1.24
C VAL A 63 -7.47 11.61 -2.73
N HIS A 64 -6.78 10.66 -3.25
CA HIS A 64 -6.63 10.60 -4.68
C HIS A 64 -7.79 9.83 -5.25
N MET A 65 -8.34 10.32 -6.31
CA MET A 65 -9.44 9.67 -6.96
C MET A 65 -9.15 9.50 -8.43
N ARG A 66 -9.59 8.41 -8.99
CA ARG A 66 -9.40 8.13 -10.41
C ARG A 66 -10.67 8.54 -11.13
N SER A 67 -11.74 8.33 -10.44
CA SER A 67 -13.12 8.55 -10.85
C SER A 67 -13.88 8.06 -9.65
N LYS A 68 -13.34 7.01 -9.10
CA LYS A 68 -13.71 6.48 -7.84
C LYS A 68 -12.83 7.17 -6.83
N MET A 1 15.36 -10.65 4.43
CA MET A 1 14.88 -9.40 5.03
C MET A 1 15.51 -8.20 4.37
N GLN A 2 14.76 -7.58 3.51
CA GLN A 2 15.11 -6.36 2.81
C GLN A 2 13.87 -5.87 2.12
N ASN A 3 13.92 -4.72 1.49
CA ASN A 3 12.73 -4.22 0.82
C ASN A 3 12.83 -4.43 -0.67
N ASN A 4 11.73 -4.83 -1.26
CA ASN A 4 11.66 -4.98 -2.69
C ASN A 4 10.48 -4.18 -3.15
N GLU A 5 10.44 -3.81 -4.41
CA GLU A 5 9.33 -3.06 -4.93
C GLU A 5 8.33 -3.99 -5.61
N GLU A 6 8.47 -5.26 -5.32
CA GLU A 6 7.58 -6.27 -5.80
C GLU A 6 6.19 -6.01 -5.22
N LEU A 7 5.33 -5.44 -6.01
CA LEU A 7 4.03 -5.03 -5.56
C LEU A 7 3.07 -6.21 -5.53
N PRO A 8 2.48 -6.52 -4.37
CA PRO A 8 1.48 -7.54 -4.25
C PRO A 8 0.12 -7.04 -4.76
N THR A 9 -0.71 -7.96 -5.13
CA THR A 9 -2.03 -7.67 -5.68
C THR A 9 -3.02 -7.39 -4.51
N TYR A 10 -4.19 -6.84 -4.84
CA TYR A 10 -5.21 -6.50 -3.86
C TYR A 10 -5.62 -7.74 -3.02
N GLU A 11 -5.70 -8.91 -3.67
CA GLU A 11 -6.05 -10.14 -2.98
C GLU A 11 -5.03 -10.49 -1.87
N GLU A 12 -3.78 -10.06 -2.06
CA GLU A 12 -2.74 -10.29 -1.05
C GLU A 12 -3.03 -9.43 0.17
N ALA A 13 -3.66 -8.30 -0.08
CA ALA A 13 -4.02 -7.38 0.97
C ALA A 13 -5.28 -7.87 1.68
N LYS A 14 -6.02 -8.72 1.00
CA LYS A 14 -7.22 -9.33 1.54
C LYS A 14 -6.83 -10.30 2.63
N VAL A 15 -5.79 -11.04 2.40
CA VAL A 15 -5.27 -11.94 3.40
C VAL A 15 -4.39 -11.16 4.39
N GLY A 16 -3.64 -10.17 3.89
CA GLY A 16 -2.94 -9.29 4.78
C GLY A 16 -1.47 -9.10 4.45
N GLY A 17 -0.83 -10.16 4.02
CA GLY A 17 0.58 -10.07 3.74
C GLY A 17 1.38 -10.50 4.95
N GLY A 18 1.98 -9.55 5.62
CA GLY A 18 2.70 -9.83 6.83
C GLY A 18 4.19 -10.00 6.58
N GLY A 19 4.98 -9.33 7.39
CA GLY A 19 6.41 -9.41 7.27
C GLY A 19 7.08 -8.34 8.08
N GLY A 20 8.07 -7.70 7.51
CA GLY A 20 8.72 -6.62 8.19
C GLY A 20 10.21 -6.63 8.01
N SER A 21 10.75 -5.49 7.67
CA SER A 21 12.16 -5.29 7.51
C SER A 21 12.42 -3.80 7.52
N LYS A 22 12.02 -3.13 6.45
CA LYS A 22 12.12 -1.71 6.35
C LYS A 22 10.71 -1.15 6.32
N VAL A 23 9.99 -1.43 7.37
CA VAL A 23 8.61 -1.02 7.46
C VAL A 23 8.47 0.17 8.39
N THR A 24 7.58 1.06 8.06
CA THR A 24 7.33 2.21 8.86
C THR A 24 5.86 2.57 8.74
N GLN A 25 5.27 3.02 9.85
CA GLN A 25 3.90 3.46 9.88
C GLN A 25 3.73 4.68 8.98
N SER A 26 3.13 4.48 7.84
CA SER A 26 2.97 5.54 6.88
C SER A 26 1.61 6.23 7.05
N PHE A 27 1.58 7.50 6.75
CA PHE A 27 0.40 8.34 6.87
C PHE A 27 -0.46 8.23 5.61
N LEU A 28 -0.99 7.05 5.41
CA LEU A 28 -1.83 6.73 4.24
C LEU A 28 -2.98 7.74 4.03
N PRO A 29 -3.25 8.11 2.78
CA PRO A 29 -4.34 9.03 2.42
C PRO A 29 -5.74 8.34 2.46
N PRO A 30 -6.82 9.14 2.53
CA PRO A 30 -8.21 8.63 2.57
C PRO A 30 -8.61 7.82 1.32
N GLY A 31 -9.21 6.66 1.54
CA GLY A 31 -9.63 5.79 0.46
C GLY A 31 -8.66 4.65 0.28
N TRP A 32 -7.50 4.81 0.86
CA TRP A 32 -6.46 3.83 0.80
C TRP A 32 -6.41 3.07 2.10
N GLU A 33 -5.67 2.02 2.11
CA GLU A 33 -5.45 1.21 3.25
C GLU A 33 -3.99 0.77 3.11
N MET A 34 -3.40 0.24 4.14
CA MET A 34 -2.00 -0.09 4.08
C MET A 34 -1.71 -1.42 4.74
N ARG A 35 -1.14 -2.32 3.98
CA ARG A 35 -0.75 -3.61 4.49
C ARG A 35 0.76 -3.72 4.50
N ILE A 36 1.28 -4.65 5.27
CA ILE A 36 2.69 -4.89 5.30
C ILE A 36 3.00 -6.02 4.34
N ALA A 37 3.90 -5.78 3.42
CA ALA A 37 4.24 -6.79 2.46
C ALA A 37 5.35 -7.67 2.97
N PRO A 38 5.30 -8.99 2.68
CA PRO A 38 6.34 -9.95 3.08
C PRO A 38 7.68 -9.64 2.42
N ASN A 39 7.65 -8.77 1.44
CA ASN A 39 8.83 -8.36 0.73
C ASN A 39 9.47 -7.10 1.35
N GLY A 40 9.14 -6.84 2.61
CA GLY A 40 9.88 -5.89 3.38
C GLY A 40 9.31 -4.51 3.66
N ARG A 41 8.31 -4.05 2.93
CA ARG A 41 7.81 -2.68 3.17
C ARG A 41 6.28 -2.65 3.09
N PRO A 42 5.59 -1.72 3.82
CA PRO A 42 4.15 -1.48 3.63
C PRO A 42 3.83 -0.94 2.23
N PHE A 43 2.71 -1.35 1.72
CA PHE A 43 2.23 -0.89 0.43
C PHE A 43 0.83 -0.33 0.59
N PHE A 44 0.43 0.50 -0.33
CA PHE A 44 -0.85 1.15 -0.24
C PHE A 44 -1.84 0.47 -1.12
N ILE A 45 -3.00 0.33 -0.60
CA ILE A 45 -4.07 -0.32 -1.27
C ILE A 45 -5.19 0.69 -1.49
N ASP A 46 -5.61 0.83 -2.71
CA ASP A 46 -6.71 1.71 -3.04
C ASP A 46 -7.97 0.93 -3.13
N HIS A 47 -8.89 1.24 -2.28
CA HIS A 47 -10.16 0.54 -2.24
C HIS A 47 -11.15 1.03 -3.25
N ASN A 48 -10.89 2.18 -3.79
CA ASN A 48 -11.77 2.79 -4.77
C ASN A 48 -11.74 2.03 -6.09
N THR A 49 -10.54 1.67 -6.52
CA THR A 49 -10.33 0.97 -7.79
C THR A 49 -9.90 -0.46 -7.54
N LYS A 50 -9.57 -0.72 -6.29
CA LYS A 50 -9.05 -1.97 -5.84
C LYS A 50 -7.75 -2.30 -6.52
N THR A 51 -6.77 -1.49 -6.21
CA THR A 51 -5.45 -1.62 -6.75
C THR A 51 -4.46 -1.34 -5.67
N THR A 52 -3.23 -1.56 -5.95
CA THR A 52 -2.19 -1.35 -4.99
C THR A 52 -1.04 -0.57 -5.60
N THR A 53 -0.15 -0.06 -4.76
CA THR A 53 0.99 0.71 -5.20
C THR A 53 1.91 0.96 -3.99
N TRP A 54 3.09 1.45 -4.26
CA TRP A 54 4.02 1.82 -3.21
C TRP A 54 4.02 3.32 -3.07
N GLU A 55 3.48 3.99 -4.04
CA GLU A 55 3.51 5.42 -4.07
C GLU A 55 2.23 6.03 -3.61
N ASP A 56 2.33 6.85 -2.63
CA ASP A 56 1.20 7.57 -2.12
C ASP A 56 1.17 8.94 -2.76
N PRO A 57 0.02 9.39 -3.22
CA PRO A 57 -0.12 10.73 -3.77
C PRO A 57 -0.24 11.74 -2.64
N ARG A 58 -0.42 11.20 -1.44
CA ARG A 58 -0.59 11.92 -0.17
C ARG A 58 0.49 12.98 0.01
N LEU A 59 1.69 12.69 -0.48
CA LEU A 59 2.82 13.58 -0.33
C LEU A 59 2.54 14.96 -0.94
N LYS A 60 1.75 14.99 -2.01
CA LYS A 60 1.38 16.24 -2.64
C LYS A 60 -0.11 16.57 -2.49
N PHE A 61 -0.96 15.56 -2.42
CA PHE A 61 -2.42 15.75 -2.29
C PHE A 61 -3.05 14.57 -1.56
N PRO A 62 -4.06 14.80 -0.72
CA PRO A 62 -4.74 13.72 0.05
C PRO A 62 -5.78 12.98 -0.82
N VAL A 63 -5.47 12.85 -2.07
CA VAL A 63 -6.38 12.30 -3.01
C VAL A 63 -6.23 10.80 -3.18
N HIS A 64 -7.31 10.18 -3.52
CA HIS A 64 -7.31 8.78 -3.89
C HIS A 64 -7.44 8.68 -5.40
N MET A 65 -7.63 9.82 -6.02
CA MET A 65 -7.68 9.92 -7.46
C MET A 65 -6.28 10.17 -7.98
N ARG A 66 -5.58 9.12 -8.30
CA ARG A 66 -4.23 9.26 -8.81
C ARG A 66 -4.24 9.24 -10.32
N SER A 67 -3.27 9.89 -10.90
CA SER A 67 -3.16 9.91 -12.32
C SER A 67 -2.39 8.66 -12.73
N LYS A 68 -3.10 7.67 -13.20
CA LYS A 68 -2.52 6.42 -13.54
C LYS A 68 -3.39 5.81 -14.64
N MET A 1 18.95 -3.58 1.69
CA MET A 1 19.22 -5.01 1.85
C MET A 1 17.97 -5.83 1.53
N GLN A 2 16.94 -5.70 2.36
CA GLN A 2 15.71 -6.42 2.14
C GLN A 2 14.49 -5.57 2.45
N ASN A 3 13.92 -5.04 1.39
CA ASN A 3 12.68 -4.26 1.34
C ASN A 3 12.53 -3.84 -0.11
N ASN A 4 11.76 -4.59 -0.83
CA ASN A 4 11.78 -4.51 -2.28
C ASN A 4 10.46 -3.99 -2.84
N GLU A 5 10.44 -3.74 -4.14
CA GLU A 5 9.26 -3.27 -4.85
C GLU A 5 8.40 -4.47 -5.31
N GLU A 6 8.56 -5.59 -4.62
CA GLU A 6 7.78 -6.78 -4.85
C GLU A 6 6.33 -6.48 -4.46
N LEU A 7 5.54 -6.15 -5.45
CA LEU A 7 4.19 -5.67 -5.24
C LEU A 7 3.17 -6.76 -5.37
N PRO A 8 2.49 -7.10 -4.28
CA PRO A 8 1.39 -8.02 -4.34
C PRO A 8 0.11 -7.29 -4.76
N THR A 9 -0.81 -8.02 -5.28
CA THR A 9 -2.05 -7.45 -5.75
C THR A 9 -3.02 -7.23 -4.56
N TYR A 10 -4.05 -6.43 -4.80
CA TYR A 10 -5.08 -6.06 -3.82
C TYR A 10 -5.66 -7.31 -3.13
N GLU A 11 -5.73 -8.39 -3.87
CA GLU A 11 -6.20 -9.68 -3.40
C GLU A 11 -5.41 -10.13 -2.17
N GLU A 12 -4.10 -9.97 -2.24
CA GLU A 12 -3.19 -10.41 -1.18
C GLU A 12 -3.30 -9.50 0.04
N ALA A 13 -3.74 -8.30 -0.20
CA ALA A 13 -3.94 -7.34 0.86
C ALA A 13 -5.26 -7.62 1.56
N LYS A 14 -6.25 -7.97 0.75
CA LYS A 14 -7.57 -8.32 1.21
C LYS A 14 -7.51 -9.51 2.17
N VAL A 15 -6.74 -10.51 1.81
CA VAL A 15 -6.58 -11.68 2.64
C VAL A 15 -5.56 -11.41 3.77
N GLY A 16 -4.74 -10.39 3.58
CA GLY A 16 -3.79 -10.00 4.58
C GLY A 16 -2.57 -10.90 4.61
N GLY A 17 -1.89 -10.99 3.51
CA GLY A 17 -0.69 -11.77 3.45
C GLY A 17 0.54 -10.90 3.45
N GLY A 18 1.08 -10.64 4.62
CA GLY A 18 2.27 -9.83 4.72
C GLY A 18 2.40 -9.16 6.08
N GLY A 19 3.61 -8.84 6.45
CA GLY A 19 3.89 -8.18 7.71
C GLY A 19 5.35 -7.77 7.78
N GLY A 20 5.72 -6.99 8.78
CA GLY A 20 7.09 -6.56 8.92
C GLY A 20 7.23 -5.48 9.97
N SER A 21 8.41 -5.38 10.58
CA SER A 21 8.63 -4.40 11.64
C SER A 21 9.78 -3.45 11.32
N LYS A 22 10.47 -3.66 10.22
CA LYS A 22 11.60 -2.79 9.85
C LYS A 22 11.15 -1.72 8.86
N VAL A 23 9.87 -1.58 8.73
CA VAL A 23 9.28 -0.64 7.81
C VAL A 23 8.82 0.60 8.52
N THR A 24 8.32 1.54 7.78
CA THR A 24 7.79 2.74 8.33
C THR A 24 6.35 2.93 7.84
N GLN A 25 5.50 3.40 8.71
CA GLN A 25 4.11 3.61 8.38
C GLN A 25 3.97 4.92 7.66
N SER A 26 3.04 4.98 6.77
CA SER A 26 2.76 6.18 6.06
C SER A 26 1.38 6.68 6.45
N PHE A 27 1.20 7.97 6.44
CA PHE A 27 -0.06 8.60 6.83
C PHE A 27 -1.04 8.64 5.68
N LEU A 28 -1.44 7.46 5.28
CA LEU A 28 -2.34 7.20 4.15
C LEU A 28 -3.61 8.11 4.14
N PRO A 29 -4.13 8.43 2.93
CA PRO A 29 -5.36 9.20 2.79
C PRO A 29 -6.61 8.30 2.94
N PRO A 30 -7.74 8.87 3.38
CA PRO A 30 -9.01 8.14 3.52
C PRO A 30 -9.44 7.45 2.22
N GLY A 31 -9.50 6.14 2.25
CA GLY A 31 -9.83 5.37 1.06
C GLY A 31 -8.70 4.45 0.69
N TRP A 32 -7.56 4.72 1.27
CA TRP A 32 -6.39 3.92 1.10
C TRP A 32 -6.11 3.14 2.36
N GLU A 33 -5.43 2.07 2.20
CA GLU A 33 -5.06 1.25 3.29
C GLU A 33 -3.59 0.92 3.03
N MET A 34 -2.89 0.37 3.96
CA MET A 34 -1.47 0.14 3.82
C MET A 34 -1.11 -1.19 4.40
N ARG A 35 -0.63 -2.07 3.58
CA ARG A 35 -0.28 -3.38 4.04
C ARG A 35 1.20 -3.57 3.87
N ILE A 36 1.82 -4.28 4.77
CA ILE A 36 3.21 -4.56 4.63
C ILE A 36 3.36 -5.80 3.78
N ALA A 37 4.23 -5.76 2.81
CA ALA A 37 4.48 -6.90 1.97
C ALA A 37 5.43 -7.84 2.69
N PRO A 38 5.33 -9.17 2.41
CA PRO A 38 6.17 -10.20 3.05
C PRO A 38 7.67 -9.97 2.86
N ASN A 39 8.02 -9.19 1.86
CA ASN A 39 9.41 -8.89 1.60
C ASN A 39 9.95 -7.83 2.56
N GLY A 40 9.07 -7.21 3.34
CA GLY A 40 9.53 -6.25 4.28
C GLY A 40 9.35 -4.81 3.85
N ARG A 41 8.36 -4.53 3.03
CA ARG A 41 8.13 -3.15 2.55
C ARG A 41 6.60 -2.86 2.53
N PRO A 42 6.18 -1.66 2.98
CA PRO A 42 4.75 -1.26 3.00
C PRO A 42 4.23 -0.76 1.64
N PHE A 43 3.12 -1.32 1.19
CA PHE A 43 2.51 -0.90 -0.04
C PHE A 43 1.15 -0.28 0.23
N PHE A 44 0.72 0.53 -0.69
CA PHE A 44 -0.51 1.26 -0.54
C PHE A 44 -1.61 0.56 -1.27
N ILE A 45 -2.75 0.60 -0.69
CA ILE A 45 -3.89 -0.08 -1.17
C ILE A 45 -5.01 0.91 -1.44
N ASP A 46 -5.46 0.97 -2.63
CA ASP A 46 -6.52 1.87 -3.02
C ASP A 46 -7.80 1.11 -3.12
N HIS A 47 -8.69 1.37 -2.22
CA HIS A 47 -9.98 0.70 -2.21
C HIS A 47 -10.95 1.29 -3.20
N ASN A 48 -10.64 2.46 -3.68
CA ASN A 48 -11.52 3.17 -4.61
C ASN A 48 -11.58 2.46 -5.96
N THR A 49 -10.46 1.94 -6.38
CA THR A 49 -10.32 1.23 -7.65
C THR A 49 -10.02 -0.22 -7.39
N LYS A 50 -9.61 -0.48 -6.16
CA LYS A 50 -9.18 -1.78 -5.70
C LYS A 50 -7.88 -2.16 -6.38
N THR A 51 -6.85 -1.40 -6.07
CA THR A 51 -5.55 -1.60 -6.66
C THR A 51 -4.49 -1.38 -5.56
N THR A 52 -3.27 -1.70 -5.83
CA THR A 52 -2.18 -1.55 -4.88
C THR A 52 -0.95 -0.96 -5.58
N THR A 53 -0.14 -0.22 -4.86
CA THR A 53 1.01 0.46 -5.45
C THR A 53 2.01 0.86 -4.36
N TRP A 54 3.18 1.31 -4.77
CA TRP A 54 4.20 1.79 -3.85
C TRP A 54 4.18 3.30 -3.77
N GLU A 55 3.46 3.90 -4.70
CA GLU A 55 3.38 5.33 -4.80
C GLU A 55 2.17 5.84 -4.03
N ASP A 56 2.38 6.78 -3.16
CA ASP A 56 1.28 7.34 -2.41
C ASP A 56 0.97 8.71 -2.95
N PRO A 57 -0.31 8.99 -3.23
CA PRO A 57 -0.71 10.30 -3.71
C PRO A 57 -0.83 11.29 -2.57
N ARG A 58 -0.78 10.74 -1.37
CA ARG A 58 -0.91 11.44 -0.08
C ARG A 58 0.00 12.67 -0.01
N LEU A 59 1.10 12.58 -0.69
CA LEU A 59 2.05 13.65 -0.71
C LEU A 59 1.52 14.92 -1.43
N LYS A 60 0.72 14.75 -2.47
CA LYS A 60 0.17 15.90 -3.19
C LYS A 60 -1.35 16.05 -3.04
N PHE A 61 -2.05 14.95 -2.90
CA PHE A 61 -3.50 14.94 -2.88
C PHE A 61 -4.05 13.81 -2.01
N PRO A 62 -5.35 13.82 -1.72
CA PRO A 62 -6.02 12.66 -1.14
C PRO A 62 -6.37 11.70 -2.30
N VAL A 63 -7.48 11.00 -2.18
CA VAL A 63 -7.91 10.12 -3.25
C VAL A 63 -8.22 10.88 -4.55
N HIS A 64 -8.10 10.18 -5.64
CA HIS A 64 -8.39 10.75 -6.94
C HIS A 64 -9.68 10.17 -7.45
N MET A 65 -10.25 10.79 -8.44
CA MET A 65 -11.49 10.29 -8.98
C MET A 65 -11.30 9.82 -10.40
N ARG A 66 -11.69 8.63 -10.63
CA ARG A 66 -11.68 8.05 -11.93
C ARG A 66 -13.02 7.40 -12.11
N SER A 67 -13.96 8.16 -12.60
CA SER A 67 -15.29 7.68 -12.72
C SER A 67 -15.47 6.92 -14.02
N LYS A 68 -15.55 5.62 -13.91
CA LYS A 68 -15.78 4.77 -15.02
C LYS A 68 -17.25 4.41 -15.05
#